data_2JMC
#
_entry.id   2JMC
#
_cell.length_a   1.000
_cell.length_b   1.000
_cell.length_c   1.000
_cell.angle_alpha   90.00
_cell.angle_beta   90.00
_cell.angle_gamma   90.00
#
_symmetry.space_group_name_H-M   'P 1'
#
_entity_poly.entity_id   1
_entity_poly.type   'polypeptide(L)'
_entity_poly.pdbx_seq_one_letter_code
;GAMGPREVTMKKGDILTLLNSTNKDWWKVEVNDRQGFVPAAYVKKLDSGTGKELVLALYDYQESGDNAPSYSPPPPP
;
_entity_poly.pdbx_strand_id   A
#
# COMPACT_ATOMS: atom_id res chain seq x y z
N GLY A 1 -4.90 -2.54 -19.63
CA GLY A 1 -6.02 -2.58 -18.71
C GLY A 1 -5.57 -2.78 -17.27
N ALA A 2 -6.53 -3.01 -16.38
CA ALA A 2 -6.24 -3.21 -14.97
C ALA A 2 -6.95 -4.45 -14.44
N MET A 3 -6.18 -5.36 -13.86
CA MET A 3 -6.73 -6.59 -13.32
C MET A 3 -7.58 -6.31 -12.08
N GLY A 4 -8.54 -7.18 -11.81
CA GLY A 4 -9.42 -7.00 -10.68
C GLY A 4 -10.18 -5.69 -10.73
N PRO A 5 -11.43 -5.70 -10.21
CA PRO A 5 -12.28 -4.51 -10.19
C PRO A 5 -11.78 -3.45 -9.22
N ARG A 6 -11.06 -3.89 -8.19
CA ARG A 6 -10.52 -2.97 -7.19
C ARG A 6 -9.01 -2.87 -7.31
N GLU A 7 -8.52 -1.72 -7.75
CA GLU A 7 -7.10 -1.50 -7.91
C GLU A 7 -6.61 -0.40 -6.95
N VAL A 8 -5.60 -0.73 -6.15
CA VAL A 8 -5.04 0.23 -5.20
C VAL A 8 -3.73 0.80 -5.72
N THR A 9 -3.68 2.13 -5.83
CA THR A 9 -2.50 2.82 -6.31
C THR A 9 -2.06 3.90 -5.34
N MET A 10 -0.83 3.77 -4.82
CA MET A 10 -0.29 4.73 -3.88
C MET A 10 0.29 5.94 -4.61
N LYS A 11 -0.10 7.13 -4.17
CA LYS A 11 0.38 8.36 -4.77
C LYS A 11 1.37 9.08 -3.86
N LYS A 12 2.51 9.47 -4.42
CA LYS A 12 3.54 10.16 -3.64
C LYS A 12 2.94 11.31 -2.84
N GLY A 13 2.94 11.16 -1.52
CA GLY A 13 2.39 12.20 -0.67
C GLY A 13 0.94 11.95 -0.31
N ASP A 14 0.50 10.70 -0.45
CA ASP A 14 -0.88 10.34 -0.15
C ASP A 14 -0.93 9.39 1.05
N ILE A 15 -1.94 9.57 1.89
CA ILE A 15 -2.11 8.73 3.07
C ILE A 15 -3.03 7.56 2.79
N LEU A 16 -2.57 6.35 3.11
CA LEU A 16 -3.35 5.15 2.89
C LEU A 16 -3.44 4.31 4.17
N THR A 17 -4.66 3.99 4.58
CA THR A 17 -4.88 3.19 5.78
C THR A 17 -3.87 2.05 5.88
N LEU A 18 -3.15 2.00 6.98
CA LEU A 18 -2.15 0.95 7.19
C LEU A 18 -2.82 -0.41 7.35
N LEU A 19 -3.34 -0.94 6.25
CA LEU A 19 -4.01 -2.23 6.27
C LEU A 19 -3.07 -3.32 6.79
N ASN A 20 -3.55 -4.56 6.78
CA ASN A 20 -2.74 -5.69 7.26
C ASN A 20 -1.32 -5.59 6.74
N SER A 21 -0.40 -5.18 7.61
CA SER A 21 1.00 -5.04 7.24
C SER A 21 1.77 -6.31 7.58
N THR A 22 1.05 -7.37 7.90
CA THR A 22 1.67 -8.65 8.25
C THR A 22 2.94 -8.88 7.45
N ASN A 23 2.83 -8.82 6.13
CA ASN A 23 3.97 -9.03 5.25
C ASN A 23 5.08 -8.03 5.57
N LYS A 24 6.32 -8.48 5.43
CA LYS A 24 7.48 -7.63 5.70
C LYS A 24 7.94 -6.92 4.43
N ASP A 25 7.88 -7.63 3.30
CA ASP A 25 8.29 -7.06 2.03
C ASP A 25 7.10 -6.41 1.31
N TRP A 26 5.94 -6.48 1.94
CA TRP A 26 4.73 -5.90 1.37
C TRP A 26 3.74 -5.50 2.46
N TRP A 27 3.38 -4.23 2.49
CA TRP A 27 2.43 -3.72 3.48
C TRP A 27 1.09 -3.40 2.84
N LYS A 28 0.06 -4.14 3.23
CA LYS A 28 -1.28 -3.92 2.69
C LYS A 28 -1.79 -2.53 3.05
N VAL A 29 -2.37 -1.86 2.07
CA VAL A 29 -2.91 -0.51 2.27
C VAL A 29 -4.16 -0.28 1.45
N GLU A 30 -5.14 0.38 2.04
CA GLU A 30 -6.40 0.66 1.35
C GLU A 30 -6.35 2.03 0.68
N VAL A 31 -7.25 2.24 -0.29
CA VAL A 31 -7.30 3.50 -1.01
C VAL A 31 -8.74 3.92 -1.28
N ASN A 32 -9.33 4.62 -0.31
CA ASN A 32 -10.72 5.07 -0.43
C ASN A 32 -11.68 3.89 -0.47
N ASP A 33 -11.68 3.19 -1.60
CA ASP A 33 -12.56 2.03 -1.78
C ASP A 33 -11.80 0.87 -2.42
N ARG A 34 -10.52 1.09 -2.70
CA ARG A 34 -9.69 0.06 -3.31
C ARG A 34 -8.48 -0.25 -2.44
N GLN A 35 -8.32 -1.54 -2.12
CA GLN A 35 -7.21 -1.97 -1.29
C GLN A 35 -6.39 -3.06 -1.99
N GLY A 36 -5.17 -3.29 -1.51
CA GLY A 36 -4.31 -4.29 -2.11
C GLY A 36 -2.94 -4.34 -1.46
N PHE A 37 -2.15 -5.35 -1.83
CA PHE A 37 -0.81 -5.51 -1.28
C PHE A 37 0.18 -4.62 -2.02
N VAL A 38 0.97 -3.86 -1.26
CA VAL A 38 1.97 -2.97 -1.83
C VAL A 38 3.29 -3.07 -1.10
N PRO A 39 4.39 -2.73 -1.80
CA PRO A 39 5.74 -2.78 -1.22
C PRO A 39 5.96 -1.71 -0.17
N ALA A 40 6.27 -2.14 1.05
CA ALA A 40 6.51 -1.21 2.16
C ALA A 40 7.58 -0.20 1.79
N ALA A 41 8.37 -0.50 0.77
CA ALA A 41 9.43 0.38 0.32
C ALA A 41 8.86 1.67 -0.27
N TYR A 42 7.61 1.60 -0.71
CA TYR A 42 6.94 2.76 -1.31
C TYR A 42 6.15 3.53 -0.25
N VAL A 43 6.02 2.94 0.93
CA VAL A 43 5.29 3.57 2.02
C VAL A 43 6.13 3.63 3.29
N LYS A 44 5.61 4.30 4.31
CA LYS A 44 6.31 4.43 5.58
C LYS A 44 5.38 4.97 6.66
N LYS A 45 5.35 4.27 7.79
CA LYS A 45 4.50 4.68 8.91
C LYS A 45 4.79 6.12 9.32
N LEU A 46 3.72 6.87 9.59
CA LEU A 46 3.86 8.27 10.00
C LEU A 46 3.67 8.42 11.50
N ASP A 47 3.77 9.65 11.98
CA ASP A 47 3.60 9.93 13.41
C ASP A 47 2.50 10.96 13.62
N SER A 48 1.43 10.55 14.31
CA SER A 48 0.32 11.44 14.59
C SER A 48 0.18 11.69 16.08
N GLY A 49 -0.12 10.64 16.83
CA GLY A 49 -0.26 10.76 18.27
C GLY A 49 -1.46 10.00 18.81
N THR A 50 -2.60 10.14 18.14
CA THR A 50 -3.82 9.46 18.54
C THR A 50 -3.58 7.96 18.70
N GLY A 51 -2.88 7.38 17.74
CA GLY A 51 -2.60 5.95 17.78
C GLY A 51 -3.21 5.21 16.62
N LYS A 52 -3.53 5.94 15.55
CA LYS A 52 -4.14 5.34 14.36
C LYS A 52 -3.09 4.56 13.57
N GLU A 53 -3.54 3.90 12.51
CA GLU A 53 -2.65 3.12 11.66
C GLU A 53 -2.63 3.67 10.24
N LEU A 54 -1.74 4.63 9.99
CA LEU A 54 -1.62 5.24 8.67
C LEU A 54 -0.20 5.10 8.14
N VAL A 55 -0.06 5.21 6.82
CA VAL A 55 1.25 5.11 6.18
C VAL A 55 1.31 5.97 4.92
N LEU A 56 2.21 6.95 4.94
CA LEU A 56 2.38 7.85 3.79
C LEU A 56 3.04 7.12 2.62
N ALA A 57 2.68 7.52 1.41
CA ALA A 57 3.24 6.92 0.21
C ALA A 57 4.45 7.69 -0.28
N LEU A 58 5.64 7.16 -0.01
CA LEU A 58 6.88 7.81 -0.43
C LEU A 58 7.02 7.78 -1.95
N TYR A 59 6.62 6.67 -2.56
CA TYR A 59 6.70 6.52 -4.00
C TYR A 59 5.34 6.19 -4.60
N ASP A 60 5.26 6.18 -5.92
CA ASP A 60 4.01 5.87 -6.61
C ASP A 60 3.93 4.38 -6.95
N TYR A 61 2.76 3.80 -6.71
CA TYR A 61 2.55 2.38 -6.99
C TYR A 61 1.19 2.15 -7.66
N GLN A 62 1.02 0.96 -8.21
CA GLN A 62 -0.23 0.61 -8.88
C GLN A 62 -0.55 -0.87 -8.70
N GLU A 63 -1.70 -1.15 -8.10
CA GLU A 63 -2.12 -2.53 -7.87
C GLU A 63 -3.45 -2.82 -8.57
N SER A 64 -3.48 -3.94 -9.30
CA SER A 64 -4.69 -4.33 -10.03
C SER A 64 -5.31 -5.58 -9.42
N GLY A 65 -6.30 -5.37 -8.57
CA GLY A 65 -6.97 -6.50 -7.92
C GLY A 65 -6.17 -7.05 -6.76
N ASP A 66 -6.72 -6.93 -5.56
CA ASP A 66 -6.05 -7.42 -4.36
C ASP A 66 -5.31 -8.73 -4.64
N ASN A 67 -3.99 -8.64 -4.75
CA ASN A 67 -3.17 -9.82 -5.03
C ASN A 67 -2.11 -10.01 -3.94
N ALA A 68 -1.85 -11.27 -3.61
CA ALA A 68 -0.87 -11.59 -2.58
C ALA A 68 0.55 -11.42 -3.11
N PRO A 69 1.45 -10.92 -2.24
CA PRO A 69 2.85 -10.69 -2.60
C PRO A 69 3.62 -11.99 -2.79
N SER A 70 3.45 -12.61 -3.96
CA SER A 70 4.14 -13.85 -4.27
C SER A 70 5.52 -13.59 -4.84
N TYR A 71 5.83 -12.32 -5.06
CA TYR A 71 7.13 -11.94 -5.61
C TYR A 71 7.75 -10.79 -4.81
N SER A 72 8.99 -10.47 -5.12
CA SER A 72 9.70 -9.40 -4.43
C SER A 72 9.13 -8.03 -4.82
N PRO A 73 9.33 -7.04 -3.95
CA PRO A 73 8.84 -5.67 -4.19
C PRO A 73 9.60 -4.98 -5.31
N PRO A 74 8.89 -4.10 -6.06
CA PRO A 74 9.49 -3.36 -7.16
C PRO A 74 10.48 -2.29 -6.69
N PRO A 75 11.48 -2.00 -7.53
CA PRO A 75 12.51 -1.01 -7.22
C PRO A 75 11.96 0.42 -7.23
N PRO A 76 12.20 1.14 -6.12
CA PRO A 76 11.73 2.52 -5.98
C PRO A 76 12.48 3.49 -6.89
N PRO A 77 11.98 4.73 -6.98
CA PRO A 77 12.60 5.76 -7.81
C PRO A 77 13.93 6.23 -7.27
N GLY A 1 -11.98 -17.68 -11.89
CA GLY A 1 -12.39 -16.82 -10.78
C GLY A 1 -11.31 -15.82 -10.41
N ALA A 2 -11.56 -14.55 -10.72
CA ALA A 2 -10.60 -13.50 -10.40
C ALA A 2 -11.25 -12.41 -9.53
N MET A 3 -10.56 -12.03 -8.47
CA MET A 3 -11.07 -11.01 -7.56
C MET A 3 -11.41 -9.73 -8.31
N GLY A 4 -12.35 -8.95 -7.77
CA GLY A 4 -12.75 -7.72 -8.41
C GLY A 4 -11.58 -6.94 -8.96
N PRO A 5 -11.88 -5.93 -9.80
CA PRO A 5 -10.85 -5.09 -10.40
C PRO A 5 -10.17 -4.17 -9.39
N ARG A 6 -10.57 -4.29 -8.13
CA ARG A 6 -10.00 -3.47 -7.07
C ARG A 6 -8.51 -3.23 -7.30
N GLU A 7 -8.19 -2.03 -7.77
CA GLU A 7 -6.80 -1.67 -8.05
C GLU A 7 -6.33 -0.57 -7.09
N VAL A 8 -5.50 -0.96 -6.12
CA VAL A 8 -4.97 -0.01 -5.15
C VAL A 8 -3.70 0.66 -5.66
N THR A 9 -3.69 1.99 -5.64
CA THR A 9 -2.54 2.74 -6.10
C THR A 9 -2.07 3.74 -5.04
N MET A 10 -0.77 3.98 -5.00
CA MET A 10 -0.19 4.91 -4.03
C MET A 10 0.26 6.19 -4.71
N LYS A 11 0.01 7.33 -4.06
CA LYS A 11 0.38 8.62 -4.60
C LYS A 11 1.41 9.31 -3.70
N LYS A 12 2.55 9.67 -4.27
CA LYS A 12 3.61 10.33 -3.52
C LYS A 12 3.04 11.49 -2.70
N GLY A 13 3.07 11.33 -1.38
CA GLY A 13 2.55 12.36 -0.49
C GLY A 13 1.11 12.11 -0.08
N ASP A 14 0.68 10.86 -0.17
CA ASP A 14 -0.68 10.49 0.18
C ASP A 14 -0.70 9.63 1.45
N ILE A 15 -1.82 9.61 2.14
CA ILE A 15 -1.97 8.83 3.35
C ILE A 15 -2.92 7.65 3.15
N LEU A 16 -2.35 6.44 3.08
CA LEU A 16 -3.15 5.24 2.88
C LEU A 16 -3.27 4.46 4.18
N THR A 17 -4.51 4.14 4.56
CA THR A 17 -4.77 3.39 5.79
C THR A 17 -3.80 2.21 5.92
N LEU A 18 -2.97 2.24 6.96
CA LEU A 18 -2.02 1.17 7.20
C LEU A 18 -2.72 -0.16 7.40
N LEU A 19 -3.19 -0.74 6.31
CA LEU A 19 -3.88 -2.03 6.36
C LEU A 19 -2.96 -3.13 6.85
N ASN A 20 -3.47 -4.35 6.90
CA ASN A 20 -2.68 -5.50 7.35
C ASN A 20 -1.27 -5.45 6.78
N SER A 21 -0.30 -5.20 7.64
CA SER A 21 1.10 -5.13 7.22
C SER A 21 1.82 -6.45 7.49
N THR A 22 1.04 -7.51 7.70
CA THR A 22 1.61 -8.82 7.97
C THR A 22 2.89 -9.03 7.20
N ASN A 23 2.86 -8.77 5.90
CA ASN A 23 4.04 -8.93 5.06
C ASN A 23 5.12 -7.91 5.42
N LYS A 24 6.38 -8.29 5.23
CA LYS A 24 7.50 -7.41 5.54
C LYS A 24 7.84 -6.53 4.34
N ASP A 25 8.02 -7.15 3.18
CA ASP A 25 8.34 -6.43 1.96
C ASP A 25 7.08 -5.88 1.30
N TRP A 26 5.92 -6.24 1.85
CA TRP A 26 4.65 -5.79 1.31
C TRP A 26 3.70 -5.39 2.43
N TRP A 27 3.35 -4.11 2.47
CA TRP A 27 2.45 -3.60 3.50
C TRP A 27 1.09 -3.25 2.91
N LYS A 28 0.07 -4.02 3.26
CA LYS A 28 -1.27 -3.80 2.77
C LYS A 28 -1.77 -2.40 3.12
N VAL A 29 -2.33 -1.72 2.14
CA VAL A 29 -2.85 -0.37 2.35
C VAL A 29 -4.10 -0.12 1.51
N GLU A 30 -5.07 0.57 2.10
CA GLU A 30 -6.32 0.87 1.42
C GLU A 30 -6.22 2.19 0.65
N VAL A 31 -7.14 2.40 -0.28
CA VAL A 31 -7.15 3.62 -1.08
C VAL A 31 -8.57 4.10 -1.34
N ASN A 32 -9.15 4.79 -0.35
CA ASN A 32 -10.50 5.30 -0.47
C ASN A 32 -11.52 4.16 -0.46
N ASP A 33 -11.56 3.42 -1.57
CA ASP A 33 -12.48 2.30 -1.69
C ASP A 33 -11.78 1.08 -2.28
N ARG A 34 -10.50 1.23 -2.57
CA ARG A 34 -9.71 0.14 -3.15
C ARG A 34 -8.50 -0.18 -2.27
N GLN A 35 -8.37 -1.45 -1.90
CA GLN A 35 -7.26 -1.88 -1.06
C GLN A 35 -6.50 -3.03 -1.72
N GLY A 36 -5.23 -3.19 -1.35
CA GLY A 36 -4.42 -4.25 -1.91
C GLY A 36 -3.03 -4.30 -1.30
N PHE A 37 -2.25 -5.31 -1.68
CA PHE A 37 -0.90 -5.46 -1.18
C PHE A 37 0.09 -4.59 -1.95
N VAL A 38 0.90 -3.83 -1.21
CA VAL A 38 1.88 -2.95 -1.84
C VAL A 38 3.22 -3.04 -1.12
N PRO A 39 4.31 -2.74 -1.85
CA PRO A 39 5.66 -2.77 -1.30
C PRO A 39 5.91 -1.66 -0.28
N ALA A 40 6.17 -2.04 0.96
CA ALA A 40 6.43 -1.08 2.02
C ALA A 40 7.53 -0.10 1.62
N ALA A 41 8.31 -0.48 0.63
CA ALA A 41 9.40 0.37 0.14
C ALA A 41 8.86 1.65 -0.46
N TYR A 42 7.63 1.61 -0.96
CA TYR A 42 7.00 2.78 -1.57
C TYR A 42 6.22 3.58 -0.53
N VAL A 43 6.08 3.01 0.66
CA VAL A 43 5.35 3.68 1.73
C VAL A 43 6.19 3.71 3.01
N LYS A 44 5.63 4.32 4.06
CA LYS A 44 6.32 4.43 5.34
C LYS A 44 5.38 4.89 6.43
N LYS A 45 5.50 4.29 7.61
CA LYS A 45 4.65 4.64 8.74
C LYS A 45 4.88 6.09 9.17
N LEU A 46 3.85 6.70 9.75
CA LEU A 46 3.92 8.08 10.20
C LEU A 46 3.56 8.20 11.68
N ASP A 47 3.54 9.43 12.18
CA ASP A 47 3.19 9.67 13.58
C ASP A 47 1.84 10.37 13.68
N SER A 48 0.81 9.60 14.00
CA SER A 48 -0.54 10.14 14.14
C SER A 48 -0.71 10.85 15.48
N GLY A 49 -0.61 10.08 16.56
CA GLY A 49 -0.76 10.64 17.89
C GLY A 49 -1.76 9.87 18.74
N THR A 50 -3.01 9.89 18.32
CA THR A 50 -4.07 9.19 19.05
C THR A 50 -3.84 7.69 19.05
N GLY A 51 -3.24 7.19 17.96
CA GLY A 51 -2.97 5.76 17.85
C GLY A 51 -3.60 5.16 16.61
N LYS A 52 -3.44 5.83 15.48
CA LYS A 52 -4.00 5.35 14.22
C LYS A 52 -2.93 4.64 13.39
N GLU A 53 -3.38 3.80 12.45
CA GLU A 53 -2.46 3.06 11.60
C GLU A 53 -2.47 3.63 10.18
N LEU A 54 -1.55 4.56 9.92
CA LEU A 54 -1.45 5.17 8.60
C LEU A 54 -0.05 4.99 8.03
N VAL A 55 0.08 5.26 6.73
CA VAL A 55 1.38 5.13 6.06
C VAL A 55 1.46 6.05 4.85
N LEU A 56 2.40 7.00 4.89
CA LEU A 56 2.59 7.94 3.80
C LEU A 56 3.15 7.24 2.57
N ALA A 57 2.79 7.75 1.39
CA ALA A 57 3.26 7.18 0.14
C ALA A 57 4.52 7.90 -0.35
N LEU A 58 5.65 7.20 -0.28
CA LEU A 58 6.92 7.77 -0.71
C LEU A 58 7.05 7.73 -2.23
N TYR A 59 6.62 6.64 -2.83
CA TYR A 59 6.67 6.48 -4.28
C TYR A 59 5.32 6.07 -4.85
N ASP A 60 5.10 6.39 -6.11
CA ASP A 60 3.84 6.05 -6.77
C ASP A 60 3.79 4.57 -7.13
N TYR A 61 2.69 3.92 -6.78
CA TYR A 61 2.52 2.49 -7.05
C TYR A 61 1.11 2.20 -7.57
N GLN A 62 0.97 1.08 -8.26
CA GLN A 62 -0.33 0.68 -8.81
C GLN A 62 -0.52 -0.83 -8.72
N GLU A 63 -1.64 -1.24 -8.13
CA GLU A 63 -1.93 -2.67 -7.97
C GLU A 63 -3.22 -3.03 -8.71
N SER A 64 -3.24 -4.21 -9.31
CA SER A 64 -4.40 -4.68 -10.05
C SER A 64 -5.04 -5.88 -9.36
N GLY A 65 -6.10 -5.61 -8.61
CA GLY A 65 -6.80 -6.68 -7.91
C GLY A 65 -6.02 -7.17 -6.69
N ASP A 66 -6.49 -6.81 -5.51
CA ASP A 66 -5.83 -7.21 -4.27
C ASP A 66 -5.28 -8.62 -4.38
N ASN A 67 -3.96 -8.72 -4.54
CA ASN A 67 -3.30 -10.02 -4.66
C ASN A 67 -2.23 -10.19 -3.60
N ALA A 68 -1.95 -11.44 -3.24
CA ALA A 68 -0.94 -11.74 -2.23
C ALA A 68 0.46 -11.58 -2.80
N PRO A 69 1.37 -11.02 -1.98
CA PRO A 69 2.76 -10.80 -2.37
C PRO A 69 3.55 -12.10 -2.50
N SER A 70 3.42 -12.75 -3.66
CA SER A 70 4.11 -14.00 -3.92
C SER A 70 5.48 -13.76 -4.53
N TYR A 71 5.77 -12.50 -4.81
CA TYR A 71 7.06 -12.12 -5.40
C TYR A 71 7.68 -10.94 -4.66
N SER A 72 8.92 -10.62 -5.02
CA SER A 72 9.64 -9.52 -4.38
C SER A 72 9.05 -8.17 -4.82
N PRO A 73 9.24 -7.15 -3.98
CA PRO A 73 8.74 -5.80 -4.25
C PRO A 73 9.50 -5.12 -5.39
N PRO A 74 8.80 -4.27 -6.15
CA PRO A 74 9.38 -3.54 -7.27
C PRO A 74 10.39 -2.48 -6.82
N PRO A 75 11.35 -2.16 -7.71
CA PRO A 75 12.38 -1.16 -7.42
C PRO A 75 11.82 0.26 -7.37
N PRO A 76 12.09 0.97 -6.26
CA PRO A 76 11.62 2.34 -6.08
C PRO A 76 12.32 3.33 -7.00
N PRO A 77 11.81 4.56 -7.05
CA PRO A 77 12.38 5.63 -7.88
C PRO A 77 13.74 6.10 -7.38
N GLY A 1 -2.84 -6.71 -19.48
CA GLY A 1 -3.62 -7.74 -18.81
C GLY A 1 -3.63 -7.56 -17.30
N ALA A 2 -4.03 -6.38 -16.84
CA ALA A 2 -4.08 -6.10 -15.41
C ALA A 2 -5.25 -5.17 -15.07
N MET A 3 -6.40 -5.76 -14.74
CA MET A 3 -7.58 -4.99 -14.40
C MET A 3 -7.96 -5.19 -12.94
N GLY A 4 -8.46 -6.39 -12.63
CA GLY A 4 -8.86 -6.69 -11.27
C GLY A 4 -9.94 -5.76 -10.75
N PRO A 5 -10.84 -6.29 -9.92
CA PRO A 5 -11.94 -5.51 -9.34
C PRO A 5 -11.44 -4.48 -8.32
N ARG A 6 -10.31 -4.77 -7.69
CA ARG A 6 -9.74 -3.88 -6.70
C ARG A 6 -8.31 -3.51 -7.06
N GLU A 7 -8.12 -2.29 -7.57
CA GLU A 7 -6.80 -1.83 -7.96
C GLU A 7 -6.33 -0.70 -7.05
N VAL A 8 -5.48 -1.02 -6.09
CA VAL A 8 -4.95 -0.03 -5.16
C VAL A 8 -3.70 0.64 -5.71
N THR A 9 -3.73 1.97 -5.75
CA THR A 9 -2.60 2.74 -6.26
C THR A 9 -2.15 3.79 -5.26
N MET A 10 -0.85 3.82 -4.97
CA MET A 10 -0.29 4.77 -4.03
C MET A 10 0.21 6.02 -4.75
N LYS A 11 -0.15 7.19 -4.24
CA LYS A 11 0.27 8.46 -4.83
C LYS A 11 1.25 9.19 -3.92
N LYS A 12 2.43 9.46 -4.44
CA LYS A 12 3.46 10.17 -3.68
C LYS A 12 2.87 11.35 -2.92
N GLY A 13 2.85 11.24 -1.59
CA GLY A 13 2.30 12.30 -0.77
C GLY A 13 0.86 12.04 -0.37
N ASP A 14 0.50 10.78 -0.25
CA ASP A 14 -0.86 10.40 0.13
C ASP A 14 -0.86 9.50 1.36
N ILE A 15 -1.92 9.59 2.16
CA ILE A 15 -2.04 8.78 3.37
C ILE A 15 -3.00 7.62 3.15
N LEU A 16 -2.44 6.42 3.03
CA LEU A 16 -3.26 5.22 2.82
C LEU A 16 -3.34 4.40 4.10
N THR A 17 -4.57 4.09 4.52
CA THR A 17 -4.80 3.31 5.73
C THR A 17 -3.80 2.17 5.83
N LEU A 18 -3.09 2.10 6.95
CA LEU A 18 -2.10 1.05 7.17
C LEU A 18 -2.78 -0.30 7.34
N LEU A 19 -3.32 -0.83 6.25
CA LEU A 19 -4.00 -2.12 6.27
C LEU A 19 -3.07 -3.21 6.79
N ASN A 20 -3.56 -4.44 6.80
CA ASN A 20 -2.78 -5.58 7.28
C ASN A 20 -1.35 -5.51 6.75
N SER A 21 -0.42 -5.17 7.63
CA SER A 21 0.99 -5.07 7.27
C SER A 21 1.74 -6.36 7.57
N THR A 22 0.98 -7.44 7.81
CA THR A 22 1.56 -8.73 8.12
C THR A 22 2.87 -8.94 7.37
N ASN A 23 2.81 -8.84 6.05
CA ASN A 23 3.99 -9.02 5.21
C ASN A 23 5.05 -7.96 5.54
N LYS A 24 6.31 -8.31 5.30
CA LYS A 24 7.41 -7.41 5.57
C LYS A 24 7.78 -6.60 4.31
N ASP A 25 8.05 -7.32 3.23
CA ASP A 25 8.41 -6.67 1.96
C ASP A 25 7.17 -6.11 1.28
N TRP A 26 6.02 -6.29 1.90
CA TRP A 26 4.76 -5.80 1.34
C TRP A 26 3.77 -5.42 2.45
N TRP A 27 3.36 -4.16 2.46
CA TRP A 27 2.43 -3.68 3.48
C TRP A 27 1.08 -3.35 2.84
N LYS A 28 0.05 -4.08 3.23
CA LYS A 28 -1.30 -3.85 2.71
C LYS A 28 -1.79 -2.46 3.06
N VAL A 29 -2.36 -1.77 2.08
CA VAL A 29 -2.87 -0.42 2.29
C VAL A 29 -4.13 -0.18 1.45
N GLU A 30 -5.10 0.50 2.03
CA GLU A 30 -6.35 0.80 1.33
C GLU A 30 -6.28 2.18 0.67
N VAL A 31 -7.09 2.36 -0.38
CA VAL A 31 -7.11 3.62 -1.10
C VAL A 31 -8.55 4.09 -1.33
N ASN A 32 -9.18 4.61 -0.26
CA ASN A 32 -10.55 5.08 -0.36
C ASN A 32 -11.53 3.93 -0.52
N ASP A 33 -11.51 3.32 -1.70
CA ASP A 33 -12.40 2.19 -1.99
C ASP A 33 -11.60 1.01 -2.53
N ARG A 34 -10.39 1.27 -3.02
CA ARG A 34 -9.54 0.24 -3.57
C ARG A 34 -8.43 -0.12 -2.60
N GLN A 35 -8.37 -1.38 -2.19
CA GLN A 35 -7.36 -1.85 -1.25
C GLN A 35 -6.60 -3.04 -1.82
N GLY A 36 -5.32 -3.15 -1.48
CA GLY A 36 -4.52 -4.25 -1.96
C GLY A 36 -3.12 -4.26 -1.34
N PHE A 37 -2.31 -5.24 -1.75
CA PHE A 37 -0.96 -5.36 -1.23
C PHE A 37 0.00 -4.44 -1.98
N VAL A 38 0.87 -3.76 -1.23
CA VAL A 38 1.83 -2.85 -1.83
C VAL A 38 3.18 -2.94 -1.13
N PRO A 39 4.25 -2.59 -1.85
CA PRO A 39 5.63 -2.63 -1.31
C PRO A 39 5.85 -1.54 -0.26
N ALA A 40 6.12 -1.97 0.96
CA ALA A 40 6.37 -1.04 2.06
C ALA A 40 7.46 -0.03 1.69
N ALA A 41 8.30 -0.40 0.73
CA ALA A 41 9.38 0.45 0.28
C ALA A 41 8.83 1.74 -0.33
N TYR A 42 7.62 1.67 -0.87
CA TYR A 42 6.99 2.83 -1.49
C TYR A 42 6.20 3.63 -0.46
N VAL A 43 6.12 3.12 0.76
CA VAL A 43 5.40 3.78 1.83
C VAL A 43 6.23 3.84 3.11
N LYS A 44 5.67 4.41 4.17
CA LYS A 44 6.35 4.52 5.44
C LYS A 44 5.39 4.98 6.53
N LYS A 45 5.48 4.33 7.69
CA LYS A 45 4.62 4.66 8.83
C LYS A 45 4.85 6.09 9.29
N LEU A 46 3.78 6.79 9.60
CA LEU A 46 3.88 8.18 10.06
C LEU A 46 3.65 8.27 11.56
N ASP A 47 3.78 9.47 12.10
CA ASP A 47 3.59 9.70 13.53
C ASP A 47 2.39 10.61 13.79
N SER A 48 1.27 10.00 14.17
CA SER A 48 0.04 10.76 14.43
C SER A 48 -0.03 11.17 15.90
N GLY A 49 0.24 10.21 16.79
CA GLY A 49 0.19 10.48 18.22
C GLY A 49 -1.22 10.42 18.78
N THR A 50 -2.00 9.46 18.30
CA THR A 50 -3.38 9.30 18.75
C THR A 50 -3.73 7.83 18.93
N GLY A 51 -3.23 6.99 18.01
CA GLY A 51 -3.50 5.57 18.09
C GLY A 51 -4.07 5.03 16.79
N LYS A 52 -3.71 5.65 15.68
CA LYS A 52 -4.19 5.23 14.37
C LYS A 52 -3.11 4.48 13.61
N GLU A 53 -3.49 3.83 12.51
CA GLU A 53 -2.55 3.09 11.69
C GLU A 53 -2.55 3.60 10.25
N LEU A 54 -1.69 4.57 9.98
CA LEU A 54 -1.58 5.15 8.65
C LEU A 54 -0.16 5.04 8.12
N VAL A 55 -0.01 5.17 6.80
CA VAL A 55 1.30 5.08 6.16
C VAL A 55 1.36 5.96 4.91
N LEU A 56 2.25 6.95 4.94
CA LEU A 56 2.41 7.86 3.81
C LEU A 56 3.01 7.13 2.61
N ALA A 57 2.65 7.57 1.41
CA ALA A 57 3.15 6.97 0.19
C ALA A 57 4.39 7.71 -0.32
N LEU A 58 5.56 7.14 -0.06
CA LEU A 58 6.81 7.74 -0.49
C LEU A 58 6.92 7.76 -2.02
N TYR A 59 6.61 6.63 -2.65
CA TYR A 59 6.67 6.52 -4.10
C TYR A 59 5.30 6.13 -4.67
N ASP A 60 5.16 6.26 -5.98
CA ASP A 60 3.91 5.92 -6.65
C ASP A 60 3.86 4.44 -6.99
N TYR A 61 2.68 3.84 -6.82
CA TYR A 61 2.50 2.42 -7.09
C TYR A 61 1.12 2.16 -7.67
N GLN A 62 0.98 1.03 -8.38
CA GLN A 62 -0.29 0.67 -9.00
C GLN A 62 -0.52 -0.84 -8.90
N GLU A 63 -1.58 -1.23 -8.19
CA GLU A 63 -1.90 -2.64 -8.03
C GLU A 63 -3.21 -2.98 -8.73
N SER A 64 -3.27 -4.16 -9.33
CA SER A 64 -4.46 -4.61 -10.05
C SER A 64 -5.09 -5.82 -9.35
N GLY A 65 -6.21 -5.58 -8.67
CA GLY A 65 -6.89 -6.66 -7.98
C GLY A 65 -6.12 -7.15 -6.76
N ASP A 66 -6.65 -6.88 -5.58
CA ASP A 66 -6.01 -7.29 -4.34
C ASP A 66 -5.33 -8.65 -4.50
N ASN A 67 -4.01 -8.64 -4.61
CA ASN A 67 -3.25 -9.88 -4.78
C ASN A 67 -2.21 -10.03 -3.66
N ALA A 68 -1.90 -11.27 -3.32
CA ALA A 68 -0.92 -11.54 -2.27
C ALA A 68 0.49 -11.39 -2.80
N PRO A 69 1.39 -10.85 -1.95
CA PRO A 69 2.80 -10.63 -2.31
C PRO A 69 3.57 -11.94 -2.45
N SER A 70 3.42 -12.60 -3.59
CA SER A 70 4.09 -13.86 -3.84
C SER A 70 5.46 -13.62 -4.48
N TYR A 71 5.78 -12.37 -4.75
CA TYR A 71 7.04 -12.01 -5.36
C TYR A 71 7.70 -10.84 -4.62
N SER A 72 8.93 -10.53 -4.99
CA SER A 72 9.67 -9.44 -4.37
C SER A 72 9.10 -8.09 -4.80
N PRO A 73 9.28 -7.07 -3.94
CA PRO A 73 8.81 -5.71 -4.21
C PRO A 73 9.59 -5.04 -5.33
N PRO A 74 8.89 -4.17 -6.09
CA PRO A 74 9.50 -3.44 -7.21
C PRO A 74 10.49 -2.38 -6.74
N PRO A 75 11.49 -2.09 -7.59
CA PRO A 75 12.52 -1.09 -7.27
C PRO A 75 11.97 0.32 -7.28
N PRO A 76 12.21 1.06 -6.19
CA PRO A 76 11.74 2.44 -6.04
C PRO A 76 12.50 3.41 -6.96
N PRO A 77 12.00 4.65 -7.05
CA PRO A 77 12.60 5.68 -7.89
C PRO A 77 13.96 6.15 -7.35
N GLY A 1 -7.91 -6.17 -21.09
CA GLY A 1 -6.98 -6.11 -19.98
C GLY A 1 -7.66 -5.71 -18.68
N ALA A 2 -8.16 -6.71 -17.95
CA ALA A 2 -8.83 -6.46 -16.68
C ALA A 2 -8.65 -7.63 -15.73
N MET A 3 -7.81 -7.43 -14.71
CA MET A 3 -7.55 -8.48 -13.72
C MET A 3 -8.55 -8.40 -12.58
N GLY A 4 -8.42 -7.38 -11.75
CA GLY A 4 -9.32 -7.21 -10.62
C GLY A 4 -10.02 -5.87 -10.62
N PRO A 5 -11.27 -5.83 -10.14
CA PRO A 5 -12.06 -4.61 -10.08
C PRO A 5 -11.53 -3.63 -9.04
N ARG A 6 -10.86 -4.14 -8.02
CA ARG A 6 -10.31 -3.32 -6.96
C ARG A 6 -8.80 -3.12 -7.17
N GLU A 7 -8.44 -1.95 -7.71
CA GLU A 7 -7.03 -1.64 -7.96
C GLU A 7 -6.54 -0.58 -6.98
N VAL A 8 -5.57 -0.94 -6.15
CA VAL A 8 -5.01 -0.02 -5.17
C VAL A 8 -3.72 0.61 -5.68
N THR A 9 -3.69 1.94 -5.71
CA THR A 9 -2.52 2.67 -6.18
C THR A 9 -2.06 3.69 -5.15
N MET A 10 -0.75 3.94 -5.13
CA MET A 10 -0.18 4.90 -4.19
C MET A 10 0.26 6.17 -4.90
N LYS A 11 -0.02 7.31 -4.31
CA LYS A 11 0.34 8.60 -4.89
C LYS A 11 1.34 9.34 -3.99
N LYS A 12 2.54 9.57 -4.51
CA LYS A 12 3.58 10.27 -3.76
C LYS A 12 2.98 11.42 -2.96
N GLY A 13 2.99 11.29 -1.64
CA GLY A 13 2.46 12.33 -0.78
C GLY A 13 1.02 12.08 -0.39
N ASP A 14 0.65 10.80 -0.32
CA ASP A 14 -0.71 10.42 0.06
C ASP A 14 -0.72 9.62 1.35
N ILE A 15 -1.87 9.57 2.01
CA ILE A 15 -2.02 8.83 3.26
C ILE A 15 -2.95 7.64 3.09
N LEU A 16 -2.36 6.46 2.90
CA LEU A 16 -3.14 5.24 2.73
C LEU A 16 -3.23 4.46 4.05
N THR A 17 -4.45 4.19 4.49
CA THR A 17 -4.66 3.45 5.73
C THR A 17 -3.70 2.28 5.84
N LEU A 18 -2.98 2.22 6.96
CA LEU A 18 -2.01 1.15 7.20
C LEU A 18 -2.73 -0.19 7.37
N LEU A 19 -3.26 -0.72 6.28
CA LEU A 19 -3.97 -1.99 6.32
C LEU A 19 -3.06 -3.10 6.84
N ASN A 20 -3.58 -4.32 6.86
CA ASN A 20 -2.82 -5.47 7.34
C ASN A 20 -1.38 -5.43 6.81
N SER A 21 -0.45 -5.06 7.68
CA SER A 21 0.96 -4.97 7.29
C SER A 21 1.68 -6.28 7.61
N THR A 22 0.91 -7.33 7.85
CA THR A 22 1.48 -8.65 8.17
C THR A 22 2.78 -8.87 7.42
N ASN A 23 2.74 -8.71 6.09
CA ASN A 23 3.92 -8.90 5.26
C ASN A 23 4.99 -7.86 5.61
N LYS A 24 6.25 -8.23 5.37
CA LYS A 24 7.37 -7.34 5.64
C LYS A 24 7.72 -6.51 4.41
N ASP A 25 8.08 -7.19 3.32
CA ASP A 25 8.44 -6.51 2.09
C ASP A 25 7.21 -5.93 1.41
N TRP A 26 6.03 -6.26 1.95
CA TRP A 26 4.77 -5.77 1.40
C TRP A 26 3.81 -5.36 2.51
N TRP A 27 3.38 -4.11 2.49
CA TRP A 27 2.46 -3.60 3.49
C TRP A 27 1.10 -3.27 2.88
N LYS A 28 0.07 -4.00 3.29
CA LYS A 28 -1.28 -3.78 2.78
C LYS A 28 -1.77 -2.38 3.11
N VAL A 29 -2.33 -1.70 2.12
CA VAL A 29 -2.84 -0.35 2.31
C VAL A 29 -4.10 -0.12 1.46
N GLU A 30 -5.06 0.59 2.04
CA GLU A 30 -6.32 0.88 1.35
C GLU A 30 -6.22 2.21 0.60
N VAL A 31 -7.12 2.40 -0.35
CA VAL A 31 -7.15 3.63 -1.14
C VAL A 31 -8.58 4.09 -1.40
N ASN A 32 -9.13 4.86 -0.45
CA ASN A 32 -10.48 5.37 -0.57
C ASN A 32 -11.50 4.23 -0.55
N ASP A 33 -11.55 3.47 -1.64
CA ASP A 33 -12.48 2.34 -1.75
C ASP A 33 -11.78 1.13 -2.35
N ARG A 34 -10.50 1.28 -2.67
CA ARG A 34 -9.73 0.19 -3.25
C ARG A 34 -8.52 -0.13 -2.38
N GLN A 35 -8.38 -1.41 -2.01
CA GLN A 35 -7.27 -1.84 -1.18
C GLN A 35 -6.48 -2.96 -1.86
N GLY A 36 -5.27 -3.21 -1.38
CA GLY A 36 -4.45 -4.25 -1.95
C GLY A 36 -3.05 -4.30 -1.35
N PHE A 37 -2.29 -5.32 -1.71
CA PHE A 37 -0.93 -5.47 -1.19
C PHE A 37 0.05 -4.60 -1.96
N VAL A 38 0.85 -3.81 -1.23
CA VAL A 38 1.83 -2.94 -1.85
C VAL A 38 3.17 -3.02 -1.13
N PRO A 39 4.25 -2.71 -1.86
CA PRO A 39 5.61 -2.75 -1.32
C PRO A 39 5.86 -1.64 -0.29
N ALA A 40 6.15 -2.04 0.93
CA ALA A 40 6.41 -1.08 2.01
C ALA A 40 7.51 -0.11 1.62
N ALA A 41 8.29 -0.47 0.60
CA ALA A 41 9.37 0.39 0.12
C ALA A 41 8.83 1.67 -0.50
N TYR A 42 7.57 1.63 -0.93
CA TYR A 42 6.93 2.79 -1.54
C TYR A 42 6.14 3.59 -0.52
N VAL A 43 5.98 3.01 0.67
CA VAL A 43 5.25 3.68 1.75
C VAL A 43 6.09 3.75 3.02
N LYS A 44 5.55 4.41 4.04
CA LYS A 44 6.24 4.56 5.31
C LYS A 44 5.27 4.94 6.42
N LYS A 45 5.55 4.47 7.63
CA LYS A 45 4.70 4.77 8.78
C LYS A 45 4.83 6.23 9.19
N LEU A 46 3.76 6.78 9.74
CA LEU A 46 3.75 8.18 10.17
C LEU A 46 3.38 8.28 11.66
N ASP A 47 3.50 9.49 12.20
CA ASP A 47 3.18 9.72 13.61
C ASP A 47 1.77 10.28 13.74
N SER A 48 0.88 9.49 14.32
CA SER A 48 -0.51 9.90 14.51
C SER A 48 -0.69 10.62 15.85
N GLY A 49 -0.32 9.93 16.93
CA GLY A 49 -0.44 10.50 18.26
C GLY A 49 -1.44 9.75 19.12
N THR A 50 -2.65 9.60 18.63
CA THR A 50 -3.70 8.90 19.36
C THR A 50 -3.45 7.39 19.38
N GLY A 51 -3.25 6.82 18.20
CA GLY A 51 -3.01 5.39 18.11
C GLY A 51 -3.58 4.78 16.85
N LYS A 52 -3.56 5.55 15.76
CA LYS A 52 -4.09 5.07 14.48
C LYS A 52 -3.02 4.31 13.70
N GLU A 53 -3.34 3.95 12.46
CA GLU A 53 -2.41 3.23 11.61
C GLU A 53 -2.43 3.79 10.19
N LEU A 54 -1.51 4.69 9.90
CA LEU A 54 -1.42 5.30 8.58
C LEU A 54 -0.04 5.10 7.98
N VAL A 55 0.08 5.35 6.67
CA VAL A 55 1.35 5.19 5.98
C VAL A 55 1.43 6.12 4.76
N LEU A 56 2.39 7.04 4.78
CA LEU A 56 2.57 7.98 3.68
C LEU A 56 3.15 7.27 2.46
N ALA A 57 2.77 7.75 1.28
CA ALA A 57 3.25 7.18 0.03
C ALA A 57 4.50 7.91 -0.47
N LEU A 58 5.65 7.27 -0.33
CA LEU A 58 6.91 7.86 -0.77
C LEU A 58 7.04 7.82 -2.28
N TYR A 59 6.68 6.68 -2.87
CA TYR A 59 6.75 6.51 -4.32
C TYR A 59 5.39 6.15 -4.90
N ASP A 60 5.26 6.28 -6.21
CA ASP A 60 3.99 5.96 -6.88
C ASP A 60 3.91 4.47 -7.21
N TYR A 61 2.80 3.85 -6.86
CA TYR A 61 2.60 2.42 -7.11
C TYR A 61 1.21 2.17 -7.69
N GLN A 62 1.04 1.00 -8.30
CA GLN A 62 -0.24 0.63 -8.90
C GLN A 62 -0.47 -0.88 -8.82
N GLU A 63 -1.55 -1.27 -8.17
CA GLU A 63 -1.88 -2.69 -8.02
C GLU A 63 -3.17 -3.02 -8.75
N SER A 64 -3.27 -4.26 -9.22
CA SER A 64 -4.45 -4.71 -9.94
C SER A 64 -5.11 -5.89 -9.23
N GLY A 65 -6.17 -5.60 -8.48
CA GLY A 65 -6.87 -6.64 -7.75
C GLY A 65 -6.07 -7.17 -6.58
N ASP A 66 -6.60 -7.00 -5.38
CA ASP A 66 -5.92 -7.46 -4.18
C ASP A 66 -5.20 -8.79 -4.43
N ASN A 67 -3.89 -8.74 -4.56
CA ASN A 67 -3.09 -9.92 -4.82
C ASN A 67 -2.02 -10.10 -3.74
N ALA A 68 -1.87 -11.34 -3.26
CA ALA A 68 -0.88 -11.64 -2.23
C ALA A 68 0.54 -11.48 -2.77
N PRO A 69 1.43 -10.93 -1.93
CA PRO A 69 2.83 -10.72 -2.30
C PRO A 69 3.61 -12.03 -2.43
N SER A 70 3.45 -12.69 -3.57
CA SER A 70 4.12 -13.96 -3.82
C SER A 70 5.48 -13.72 -4.47
N TYR A 71 5.78 -12.46 -4.75
CA TYR A 71 7.06 -12.10 -5.37
C TYR A 71 7.70 -10.93 -4.65
N SER A 72 8.95 -10.62 -5.03
CA SER A 72 9.67 -9.52 -4.42
C SER A 72 9.09 -8.17 -4.83
N PRO A 73 9.28 -7.16 -3.98
CA PRO A 73 8.78 -5.80 -4.24
C PRO A 73 9.54 -5.12 -5.38
N PRO A 74 8.83 -4.26 -6.13
CA PRO A 74 9.42 -3.51 -7.25
C PRO A 74 10.41 -2.45 -6.78
N PRO A 75 11.40 -2.15 -7.64
CA PRO A 75 12.43 -1.15 -7.35
C PRO A 75 11.87 0.27 -7.33
N PRO A 76 12.11 0.99 -6.23
CA PRO A 76 11.64 2.37 -6.06
C PRO A 76 12.38 3.35 -6.98
N PRO A 77 11.88 4.59 -7.05
CA PRO A 77 12.47 5.63 -7.89
C PRO A 77 13.81 6.10 -7.35
N GLY A 1 -9.07 -13.24 2.25
CA GLY A 1 -10.21 -13.93 1.68
C GLY A 1 -10.70 -13.28 0.40
N ALA A 2 -11.35 -12.14 0.53
CA ALA A 2 -11.88 -11.42 -0.63
C ALA A 2 -10.74 -10.83 -1.45
N MET A 3 -10.88 -10.91 -2.78
CA MET A 3 -9.87 -10.37 -3.68
C MET A 3 -10.40 -9.15 -4.44
N GLY A 4 -11.26 -9.41 -5.42
CA GLY A 4 -11.82 -8.32 -6.20
C GLY A 4 -10.77 -7.58 -7.00
N PRO A 5 -11.19 -7.01 -8.14
CA PRO A 5 -10.29 -6.26 -9.02
C PRO A 5 -9.86 -4.93 -8.42
N ARG A 6 -10.30 -4.68 -7.19
CA ARG A 6 -9.95 -3.44 -6.50
C ARG A 6 -8.47 -3.10 -6.68
N GLU A 7 -8.19 -2.20 -7.60
CA GLU A 7 -6.81 -1.79 -7.87
C GLU A 7 -6.38 -0.67 -6.93
N VAL A 8 -5.45 -0.98 -6.04
CA VAL A 8 -4.94 0.00 -5.08
C VAL A 8 -3.70 0.71 -5.62
N THR A 9 -3.72 2.03 -5.60
CA THR A 9 -2.61 2.83 -6.09
C THR A 9 -2.14 3.82 -5.03
N MET A 10 -0.83 4.02 -4.94
CA MET A 10 -0.26 4.96 -3.97
C MET A 10 0.45 6.10 -4.67
N LYS A 11 -0.14 7.29 -4.61
CA LYS A 11 0.45 8.46 -5.25
C LYS A 11 1.37 9.20 -4.27
N LYS A 12 2.60 9.45 -4.71
CA LYS A 12 3.57 10.15 -3.88
C LYS A 12 2.90 11.26 -3.08
N GLY A 13 2.89 11.10 -1.77
CA GLY A 13 2.28 12.10 -0.90
C GLY A 13 0.82 11.82 -0.63
N ASP A 14 0.53 10.64 -0.08
CA ASP A 14 -0.84 10.25 0.22
C ASP A 14 -0.89 9.34 1.45
N ILE A 15 -1.90 9.54 2.28
CA ILE A 15 -2.06 8.75 3.50
C ILE A 15 -3.02 7.59 3.28
N LEU A 16 -2.48 6.38 3.18
CA LEU A 16 -3.29 5.19 2.96
C LEU A 16 -3.38 4.34 4.24
N THR A 17 -4.60 4.02 4.65
CA THR A 17 -4.81 3.22 5.85
C THR A 17 -3.80 2.08 5.94
N LEU A 18 -3.08 2.03 7.04
CA LEU A 18 -2.07 0.99 7.26
C LEU A 18 -2.73 -0.38 7.42
N LEU A 19 -3.27 -0.90 6.32
CA LEU A 19 -3.93 -2.21 6.34
C LEU A 19 -2.98 -3.29 6.84
N ASN A 20 -3.45 -4.52 6.84
CA ASN A 20 -2.65 -5.66 7.30
C ASN A 20 -1.24 -5.57 6.74
N SER A 21 -0.29 -5.22 7.59
CA SER A 21 1.10 -5.10 7.19
C SER A 21 1.90 -6.35 7.55
N THR A 22 1.18 -7.46 7.67
CA THR A 22 1.82 -8.74 8.01
C THR A 22 3.01 -9.02 7.12
N ASN A 23 2.85 -8.77 5.82
CA ASN A 23 3.91 -9.00 4.84
C ASN A 23 5.05 -8.03 5.06
N LYS A 24 6.22 -8.56 5.41
CA LYS A 24 7.41 -7.73 5.64
C LYS A 24 7.88 -7.10 4.34
N ASP A 25 7.70 -7.81 3.24
CA ASP A 25 8.11 -7.30 1.93
C ASP A 25 6.96 -6.59 1.24
N TRP A 26 5.81 -6.54 1.90
CA TRP A 26 4.64 -5.88 1.35
C TRP A 26 3.68 -5.46 2.46
N TRP A 27 3.36 -4.17 2.50
CA TRP A 27 2.45 -3.64 3.52
C TRP A 27 1.10 -3.31 2.90
N LYS A 28 0.08 -4.08 3.26
CA LYS A 28 -1.27 -3.87 2.75
C LYS A 28 -1.77 -2.48 3.12
N VAL A 29 -2.35 -1.79 2.14
CA VAL A 29 -2.88 -0.45 2.37
C VAL A 29 -4.14 -0.21 1.54
N GLU A 30 -5.12 0.45 2.15
CA GLU A 30 -6.38 0.74 1.46
C GLU A 30 -6.35 2.14 0.85
N VAL A 31 -7.21 2.36 -0.14
CA VAL A 31 -7.30 3.65 -0.81
C VAL A 31 -8.74 4.08 -1.02
N ASN A 32 -9.40 4.45 0.08
CA ASN A 32 -10.79 4.89 0.02
C ASN A 32 -11.71 3.71 -0.27
N ASP A 33 -11.65 3.20 -1.49
CA ASP A 33 -12.47 2.07 -1.90
C ASP A 33 -11.62 0.95 -2.48
N ARG A 34 -10.41 1.30 -2.91
CA ARG A 34 -9.50 0.31 -3.49
C ARG A 34 -8.40 -0.06 -2.50
N GLN A 35 -8.28 -1.35 -2.22
CA GLN A 35 -7.27 -1.83 -1.28
C GLN A 35 -6.50 -3.00 -1.88
N GLY A 36 -5.26 -3.19 -1.41
CA GLY A 36 -4.44 -4.28 -1.90
C GLY A 36 -3.06 -4.28 -1.29
N PHE A 37 -2.23 -5.24 -1.70
CA PHE A 37 -0.87 -5.36 -1.17
C PHE A 37 0.09 -4.44 -1.93
N VAL A 38 0.95 -3.75 -1.18
CA VAL A 38 1.92 -2.85 -1.78
C VAL A 38 3.27 -2.94 -1.07
N PRO A 39 4.34 -2.59 -1.81
CA PRO A 39 5.70 -2.63 -1.27
C PRO A 39 5.94 -1.55 -0.22
N ALA A 40 6.26 -1.97 1.00
CA ALA A 40 6.52 -1.05 2.10
C ALA A 40 7.58 -0.02 1.71
N ALA A 41 8.34 -0.33 0.66
CA ALA A 41 9.39 0.57 0.19
C ALA A 41 8.79 1.83 -0.42
N TYR A 42 7.57 1.72 -0.92
CA TYR A 42 6.89 2.86 -1.54
C TYR A 42 6.04 3.60 -0.52
N VAL A 43 6.09 3.14 0.72
CA VAL A 43 5.33 3.77 1.80
C VAL A 43 6.13 3.80 3.10
N LYS A 44 5.59 4.49 4.10
CA LYS A 44 6.25 4.59 5.39
C LYS A 44 5.29 5.10 6.47
N LYS A 45 5.40 4.54 7.67
CA LYS A 45 4.54 4.93 8.78
C LYS A 45 4.67 6.42 9.06
N LEU A 46 3.58 7.04 9.49
CA LEU A 46 3.57 8.46 9.80
C LEU A 46 3.45 8.68 11.31
N ASP A 47 3.56 9.94 11.74
CA ASP A 47 3.45 10.29 13.15
C ASP A 47 2.02 10.68 13.49
N SER A 48 1.37 9.86 14.32
CA SER A 48 0.00 10.13 14.74
C SER A 48 -0.16 9.93 16.24
N GLY A 49 -0.14 11.03 16.99
CA GLY A 49 -0.28 10.95 18.42
C GLY A 49 -1.72 10.74 18.86
N THR A 50 -2.37 9.75 18.25
CA THR A 50 -3.77 9.44 18.58
C THR A 50 -3.97 7.95 18.77
N GLY A 51 -3.24 7.15 17.99
CA GLY A 51 -3.36 5.70 18.10
C GLY A 51 -3.99 5.08 16.87
N LYS A 52 -3.52 5.49 15.70
CA LYS A 52 -4.03 4.97 14.44
C LYS A 52 -2.92 4.36 13.59
N GLU A 53 -3.31 3.57 12.59
CA GLU A 53 -2.34 2.92 11.72
C GLU A 53 -2.41 3.50 10.30
N LEU A 54 -1.53 4.45 10.01
CA LEU A 54 -1.49 5.09 8.70
C LEU A 54 -0.11 4.94 8.06
N VAL A 55 -0.03 5.21 6.76
CA VAL A 55 1.22 5.11 6.04
C VAL A 55 1.23 6.02 4.82
N LEU A 56 2.22 6.91 4.74
CA LEU A 56 2.34 7.83 3.62
C LEU A 56 3.00 7.16 2.43
N ALA A 57 2.69 7.64 1.23
CA ALA A 57 3.28 7.10 0.01
C ALA A 57 4.52 7.88 -0.40
N LEU A 58 5.68 7.23 -0.30
CA LEU A 58 6.94 7.85 -0.65
C LEU A 58 7.15 7.83 -2.17
N TYR A 59 6.68 6.78 -2.81
CA TYR A 59 6.81 6.64 -4.26
C TYR A 59 5.46 6.35 -4.90
N ASP A 60 5.46 6.25 -6.22
CA ASP A 60 4.23 5.98 -6.97
C ASP A 60 4.10 4.49 -7.29
N TYR A 61 2.99 3.90 -6.89
CA TYR A 61 2.75 2.48 -7.13
C TYR A 61 1.37 2.26 -7.74
N GLN A 62 1.17 1.08 -8.32
CA GLN A 62 -0.10 0.75 -8.95
C GLN A 62 -0.37 -0.76 -8.85
N GLU A 63 -1.46 -1.11 -8.18
CA GLU A 63 -1.83 -2.52 -8.02
C GLU A 63 -3.15 -2.82 -8.73
N SER A 64 -3.25 -4.02 -9.29
CA SER A 64 -4.45 -4.42 -10.00
C SER A 64 -5.10 -5.64 -9.33
N GLY A 65 -6.16 -5.38 -8.57
CA GLY A 65 -6.86 -6.46 -7.89
C GLY A 65 -6.09 -6.96 -6.68
N ASP A 66 -6.57 -6.61 -5.49
CA ASP A 66 -5.92 -7.03 -4.26
C ASP A 66 -5.36 -8.45 -4.39
N ASN A 67 -4.04 -8.55 -4.54
CA ASN A 67 -3.39 -9.85 -4.69
C ASN A 67 -2.33 -10.04 -3.61
N ALA A 68 -2.04 -11.30 -3.28
CA ALA A 68 -1.04 -11.61 -2.27
C ALA A 68 0.37 -11.47 -2.83
N PRO A 69 1.28 -10.94 -2.01
CA PRO A 69 2.68 -10.74 -2.40
C PRO A 69 3.44 -12.05 -2.54
N SER A 70 3.37 -12.64 -3.73
CA SER A 70 4.04 -13.90 -4.00
C SER A 70 5.43 -13.67 -4.61
N TYR A 71 5.74 -12.40 -4.86
CA TYR A 71 7.02 -12.04 -5.45
C TYR A 71 7.66 -10.88 -4.69
N SER A 72 8.90 -10.57 -5.04
CA SER A 72 9.64 -9.49 -4.39
C SER A 72 9.08 -8.13 -4.81
N PRO A 73 9.26 -7.12 -3.93
CA PRO A 73 8.78 -5.76 -4.20
C PRO A 73 9.57 -5.08 -5.31
N PRO A 74 8.89 -4.20 -6.06
CA PRO A 74 9.50 -3.46 -7.17
C PRO A 74 10.49 -2.41 -6.68
N PRO A 75 11.49 -2.11 -7.51
CA PRO A 75 12.53 -1.12 -7.19
C PRO A 75 11.98 0.30 -7.18
N PRO A 76 12.20 1.01 -6.06
CA PRO A 76 11.74 2.39 -5.90
C PRO A 76 12.50 3.38 -6.78
N PRO A 77 12.01 4.61 -6.85
CA PRO A 77 12.64 5.67 -7.65
C PRO A 77 13.97 6.12 -7.08
N GLY A 1 -16.16 -0.25 -4.02
CA GLY A 1 -17.35 -1.06 -3.88
C GLY A 1 -17.14 -2.25 -2.98
N ALA A 2 -16.54 -3.31 -3.52
CA ALA A 2 -16.27 -4.52 -2.76
C ALA A 2 -15.20 -5.37 -3.43
N MET A 3 -14.84 -6.48 -2.79
CA MET A 3 -13.83 -7.38 -3.33
C MET A 3 -13.90 -7.42 -4.86
N GLY A 4 -12.74 -7.58 -5.49
CA GLY A 4 -12.70 -7.63 -6.94
C GLY A 4 -11.37 -7.15 -7.50
N PRO A 5 -11.38 -6.73 -8.78
CA PRO A 5 -10.18 -6.22 -9.45
C PRO A 5 -9.73 -4.88 -8.91
N ARG A 6 -10.43 -4.39 -7.90
CA ARG A 6 -10.10 -3.10 -7.28
C ARG A 6 -8.60 -2.87 -7.29
N GLU A 7 -8.14 -1.98 -8.18
CA GLU A 7 -6.72 -1.66 -8.29
C GLU A 7 -6.33 -0.57 -7.31
N VAL A 8 -5.50 -0.92 -6.34
CA VAL A 8 -5.04 0.04 -5.34
C VAL A 8 -3.75 0.72 -5.77
N THR A 9 -3.74 2.05 -5.72
CA THR A 9 -2.56 2.82 -6.10
C THR A 9 -2.15 3.78 -5.00
N MET A 10 -0.84 4.00 -4.88
CA MET A 10 -0.32 4.91 -3.86
C MET A 10 0.36 6.12 -4.50
N LYS A 11 -0.26 7.29 -4.36
CA LYS A 11 0.29 8.51 -4.93
C LYS A 11 1.19 9.21 -3.92
N LYS A 12 2.38 9.62 -4.39
CA LYS A 12 3.35 10.30 -3.53
C LYS A 12 2.67 11.42 -2.75
N GLY A 13 2.82 11.37 -1.43
CA GLY A 13 2.22 12.39 -0.58
C GLY A 13 0.75 12.13 -0.32
N ASP A 14 0.40 10.87 -0.08
CA ASP A 14 -0.99 10.49 0.18
C ASP A 14 -1.07 9.55 1.37
N ILE A 15 -2.18 9.63 2.10
CA ILE A 15 -2.38 8.77 3.26
C ILE A 15 -3.26 7.57 2.91
N LEU A 16 -2.88 6.40 3.42
CA LEU A 16 -3.64 5.18 3.17
C LEU A 16 -3.71 4.31 4.42
N THR A 17 -4.93 3.99 4.84
CA THR A 17 -5.15 3.17 6.02
C THR A 17 -4.15 2.02 6.08
N LEU A 18 -3.32 2.01 7.11
CA LEU A 18 -2.32 0.97 7.28
C LEU A 18 -2.98 -0.40 7.43
N LEU A 19 -3.46 -0.94 6.32
CA LEU A 19 -4.11 -2.24 6.32
C LEU A 19 -3.16 -3.33 6.80
N ASN A 20 -3.63 -4.57 6.79
CA ASN A 20 -2.82 -5.71 7.23
C ASN A 20 -1.40 -5.60 6.68
N SER A 21 -0.45 -5.27 7.56
CA SER A 21 0.94 -5.13 7.16
C SER A 21 1.73 -6.40 7.47
N THR A 22 1.00 -7.48 7.77
CA THR A 22 1.62 -8.75 8.09
C THR A 22 2.84 -9.01 7.21
N ASN A 23 2.71 -8.71 5.93
CA ASN A 23 3.80 -8.91 4.98
C ASN A 23 4.93 -7.92 5.23
N LYS A 24 6.12 -8.44 5.51
CA LYS A 24 7.28 -7.62 5.77
C LYS A 24 7.76 -6.92 4.49
N ASP A 25 7.67 -7.64 3.37
CA ASP A 25 8.08 -7.10 2.09
C ASP A 25 6.93 -6.39 1.39
N TRP A 26 5.77 -6.40 2.03
CA TRP A 26 4.58 -5.77 1.47
C TRP A 26 3.62 -5.35 2.57
N TRP A 27 3.25 -4.07 2.57
CA TRP A 27 2.33 -3.54 3.57
C TRP A 27 0.98 -3.22 2.95
N LYS A 28 -0.03 -4.03 3.27
CA LYS A 28 -1.37 -3.83 2.74
C LYS A 28 -1.91 -2.45 3.13
N VAL A 29 -2.47 -1.74 2.15
CA VAL A 29 -3.01 -0.42 2.39
C VAL A 29 -4.24 -0.16 1.53
N GLU A 30 -5.26 0.46 2.11
CA GLU A 30 -6.49 0.76 1.39
C GLU A 30 -6.46 2.18 0.83
N VAL A 31 -7.11 2.37 -0.31
CA VAL A 31 -7.16 3.68 -0.95
C VAL A 31 -8.60 4.11 -1.22
N ASN A 32 -9.33 4.42 -0.16
CA ASN A 32 -10.73 4.84 -0.28
C ASN A 32 -11.61 3.66 -0.66
N ASP A 33 -11.44 3.15 -1.88
CA ASP A 33 -12.22 2.03 -2.36
C ASP A 33 -11.32 0.93 -2.92
N ARG A 34 -10.12 1.32 -3.35
CA ARG A 34 -9.16 0.38 -3.89
C ARG A 34 -8.10 0.00 -2.86
N GLN A 35 -8.01 -1.29 -2.54
CA GLN A 35 -7.04 -1.78 -1.57
C GLN A 35 -6.25 -2.95 -2.13
N GLY A 36 -5.31 -3.45 -1.33
CA GLY A 36 -4.50 -4.57 -1.77
C GLY A 36 -3.13 -4.58 -1.12
N PHE A 37 -2.21 -5.34 -1.69
CA PHE A 37 -0.85 -5.44 -1.16
C PHE A 37 0.10 -4.53 -1.92
N VAL A 38 0.95 -3.82 -1.18
CA VAL A 38 1.91 -2.90 -1.78
C VAL A 38 3.26 -2.97 -1.07
N PRO A 39 4.33 -2.58 -1.78
CA PRO A 39 5.68 -2.58 -1.23
C PRO A 39 5.88 -1.50 -0.17
N ALA A 40 6.20 -1.92 1.05
CA ALA A 40 6.42 -0.99 2.15
C ALA A 40 7.46 0.06 1.78
N ALA A 41 8.30 -0.27 0.81
CA ALA A 41 9.35 0.64 0.37
C ALA A 41 8.75 1.89 -0.28
N TYR A 42 7.51 1.77 -0.75
CA TYR A 42 6.83 2.88 -1.40
C TYR A 42 5.97 3.64 -0.40
N VAL A 43 5.85 3.10 0.81
CA VAL A 43 5.05 3.72 1.86
C VAL A 43 5.85 3.83 3.15
N LYS A 44 5.24 4.44 4.18
CA LYS A 44 5.89 4.59 5.47
C LYS A 44 4.91 5.15 6.50
N LYS A 45 5.01 4.67 7.73
CA LYS A 45 4.14 5.11 8.81
C LYS A 45 4.37 6.59 9.11
N LEU A 46 3.28 7.31 9.37
CA LEU A 46 3.36 8.74 9.67
C LEU A 46 3.32 8.97 11.18
N ASP A 47 4.26 9.77 11.67
CA ASP A 47 4.33 10.09 13.10
C ASP A 47 3.17 10.98 13.52
N SER A 48 2.15 10.38 14.12
CA SER A 48 0.98 11.12 14.58
C SER A 48 0.74 10.91 16.07
N GLY A 49 1.39 9.89 16.63
CA GLY A 49 1.24 9.61 18.04
C GLY A 49 -0.21 9.70 18.50
N THR A 50 -1.10 9.00 17.79
CA THR A 50 -2.52 9.01 18.13
C THR A 50 -3.04 7.59 18.34
N GLY A 51 -2.48 6.65 17.60
CA GLY A 51 -2.90 5.27 17.72
C GLY A 51 -3.36 4.68 16.39
N LYS A 52 -4.02 5.51 15.58
CA LYS A 52 -4.50 5.07 14.28
C LYS A 52 -3.36 4.56 13.42
N GLU A 53 -3.62 3.52 12.63
CA GLU A 53 -2.61 2.94 11.75
C GLU A 53 -2.68 3.57 10.36
N LEU A 54 -1.83 4.56 10.13
CA LEU A 54 -1.79 5.25 8.84
C LEU A 54 -0.41 5.18 8.23
N VAL A 55 -0.34 5.32 6.91
CA VAL A 55 0.94 5.27 6.19
C VAL A 55 0.91 6.16 4.95
N LEU A 56 1.93 6.99 4.80
CA LEU A 56 2.03 7.88 3.65
C LEU A 56 2.73 7.21 2.48
N ALA A 57 2.43 7.67 1.28
CA ALA A 57 3.04 7.11 0.07
C ALA A 57 4.28 7.90 -0.33
N LEU A 58 5.43 7.25 -0.24
CA LEU A 58 6.70 7.90 -0.59
C LEU A 58 6.92 7.85 -2.10
N TYR A 59 6.50 6.76 -2.73
CA TYR A 59 6.66 6.61 -4.18
C TYR A 59 5.31 6.31 -4.83
N ASP A 60 5.33 6.16 -6.15
CA ASP A 60 4.12 5.87 -6.91
C ASP A 60 4.02 4.39 -7.24
N TYR A 61 2.92 3.76 -6.84
CA TYR A 61 2.72 2.34 -7.09
C TYR A 61 1.39 2.10 -7.82
N GLN A 62 1.19 0.88 -8.29
CA GLN A 62 -0.03 0.52 -8.99
C GLN A 62 -0.35 -0.96 -8.83
N GLU A 63 -1.48 -1.25 -8.20
CA GLU A 63 -1.89 -2.64 -7.98
C GLU A 63 -3.18 -2.95 -8.72
N SER A 64 -3.22 -4.11 -9.36
CA SER A 64 -4.40 -4.53 -10.13
C SER A 64 -5.06 -5.74 -9.48
N GLY A 65 -5.99 -5.48 -8.57
CA GLY A 65 -6.69 -6.56 -7.89
C GLY A 65 -5.93 -7.07 -6.68
N ASP A 66 -6.43 -6.73 -5.49
CA ASP A 66 -5.79 -7.15 -4.25
C ASP A 66 -5.22 -8.56 -4.40
N ASN A 67 -3.90 -8.65 -4.54
CA ASN A 67 -3.22 -9.94 -4.67
C ASN A 67 -2.16 -10.13 -3.59
N ALA A 68 -1.88 -11.38 -3.26
CA ALA A 68 -0.89 -11.70 -2.24
C ALA A 68 0.53 -11.52 -2.78
N PRO A 69 1.42 -10.97 -1.95
CA PRO A 69 2.82 -10.73 -2.32
C PRO A 69 3.60 -12.04 -2.46
N SER A 70 3.46 -12.68 -3.61
CA SER A 70 4.16 -13.95 -3.86
C SER A 70 5.53 -13.68 -4.49
N TYR A 71 5.83 -12.42 -4.75
CA TYR A 71 7.10 -12.03 -5.34
C TYR A 71 7.73 -10.87 -4.59
N SER A 72 8.98 -10.54 -4.94
CA SER A 72 9.68 -9.45 -4.30
C SER A 72 9.12 -8.10 -4.73
N PRO A 73 9.26 -7.10 -3.86
CA PRO A 73 8.78 -5.74 -4.13
C PRO A 73 9.58 -5.04 -5.22
N PRO A 74 8.90 -4.17 -5.98
CA PRO A 74 9.53 -3.42 -7.07
C PRO A 74 10.51 -2.36 -6.56
N PRO A 75 11.53 -2.06 -7.38
CA PRO A 75 12.55 -1.06 -7.03
C PRO A 75 12.01 0.35 -7.02
N PRO A 76 12.21 1.06 -5.91
CA PRO A 76 11.74 2.45 -5.75
C PRO A 76 12.51 3.42 -6.63
N PRO A 77 12.02 4.66 -6.71
CA PRO A 77 12.65 5.72 -7.52
C PRO A 77 13.99 6.17 -6.93
N GLY A 1 0.16 -11.68 -12.32
CA GLY A 1 -1.12 -12.27 -12.02
C GLY A 1 -2.07 -11.31 -11.32
N ALA A 2 -2.30 -10.16 -11.96
CA ALA A 2 -3.19 -9.15 -11.40
C ALA A 2 -4.58 -9.23 -12.02
N MET A 3 -5.51 -9.87 -11.32
CA MET A 3 -6.88 -10.01 -11.82
C MET A 3 -7.88 -9.59 -10.74
N GLY A 4 -8.43 -8.39 -10.90
CA GLY A 4 -9.40 -7.89 -9.94
C GLY A 4 -9.84 -6.47 -10.24
N PRO A 5 -11.11 -6.17 -9.95
CA PRO A 5 -11.68 -4.83 -10.19
C PRO A 5 -11.11 -3.79 -9.24
N ARG A 6 -10.66 -4.22 -8.07
CA ARG A 6 -10.08 -3.32 -7.08
C ARG A 6 -8.59 -3.11 -7.33
N GLU A 7 -8.22 -1.89 -7.71
CA GLU A 7 -6.83 -1.56 -7.98
C GLU A 7 -6.33 -0.46 -7.04
N VAL A 8 -5.42 -0.82 -6.15
CA VAL A 8 -4.86 0.15 -5.20
C VAL A 8 -3.59 0.79 -5.75
N THR A 9 -3.59 2.12 -5.83
CA THR A 9 -2.44 2.85 -6.33
C THR A 9 -1.99 3.92 -5.34
N MET A 10 -0.77 3.80 -4.85
CA MET A 10 -0.22 4.76 -3.90
C MET A 10 0.40 5.94 -4.62
N LYS A 11 -0.23 7.10 -4.49
CA LYS A 11 0.26 8.32 -5.14
C LYS A 11 1.21 9.08 -4.21
N LYS A 12 2.41 9.34 -4.70
CA LYS A 12 3.41 10.06 -3.91
C LYS A 12 2.78 11.22 -3.15
N GLY A 13 2.78 11.14 -1.83
CA GLY A 13 2.20 12.19 -1.02
C GLY A 13 0.75 11.94 -0.69
N ASP A 14 0.46 10.76 -0.13
CA ASP A 14 -0.91 10.39 0.22
C ASP A 14 -0.92 9.50 1.45
N ILE A 15 -1.97 9.61 2.26
CA ILE A 15 -2.10 8.81 3.46
C ILE A 15 -3.06 7.64 3.24
N LEU A 16 -2.55 6.42 3.32
CA LEU A 16 -3.37 5.23 3.13
C LEU A 16 -3.43 4.40 4.42
N THR A 17 -4.64 3.98 4.77
CA THR A 17 -4.83 3.18 5.98
C THR A 17 -3.84 2.03 6.05
N LEU A 18 -3.11 1.94 7.15
CA LEU A 18 -2.12 0.88 7.34
C LEU A 18 -2.81 -0.48 7.46
N LEU A 19 -3.34 -0.98 6.35
CA LEU A 19 -4.02 -2.27 6.33
C LEU A 19 -3.09 -3.38 6.82
N ASN A 20 -3.59 -4.61 6.78
CA ASN A 20 -2.80 -5.76 7.23
C ASN A 20 -1.38 -5.68 6.70
N SER A 21 -0.45 -5.23 7.56
CA SER A 21 0.94 -5.10 7.18
C SER A 21 1.71 -6.39 7.48
N THR A 22 0.97 -7.47 7.74
CA THR A 22 1.57 -8.76 8.04
C THR A 22 2.86 -8.96 7.24
N ASN A 23 2.77 -8.80 5.93
CA ASN A 23 3.92 -8.96 5.05
C ASN A 23 5.02 -7.96 5.41
N LYS A 24 6.27 -8.36 5.20
CA LYS A 24 7.41 -7.50 5.49
C LYS A 24 7.79 -6.66 4.27
N ASP A 25 7.96 -7.33 3.14
CA ASP A 25 8.33 -6.64 1.91
C ASP A 25 7.11 -6.03 1.24
N TRP A 26 5.94 -6.26 1.83
CA TRP A 26 4.70 -5.73 1.30
C TRP A 26 3.72 -5.36 2.42
N TRP A 27 3.33 -4.10 2.47
CA TRP A 27 2.42 -3.62 3.49
C TRP A 27 1.05 -3.28 2.89
N LYS A 28 0.04 -4.06 3.26
CA LYS A 28 -1.31 -3.84 2.75
C LYS A 28 -1.82 -2.45 3.15
N VAL A 29 -2.39 -1.75 2.19
CA VAL A 29 -2.92 -0.41 2.44
C VAL A 29 -4.17 -0.15 1.60
N GLU A 30 -5.17 0.49 2.21
CA GLU A 30 -6.42 0.79 1.53
C GLU A 30 -6.36 2.18 0.89
N VAL A 31 -7.09 2.35 -0.21
CA VAL A 31 -7.12 3.62 -0.92
C VAL A 31 -8.55 4.09 -1.15
N ASN A 32 -9.18 4.61 -0.10
CA ASN A 32 -10.55 5.09 -0.19
C ASN A 32 -11.53 3.92 -0.34
N ASP A 33 -11.52 3.30 -1.51
CA ASP A 33 -12.40 2.16 -1.78
C ASP A 33 -11.60 0.98 -2.31
N ARG A 34 -10.43 1.26 -2.86
CA ARG A 34 -9.58 0.21 -3.42
C ARG A 34 -8.43 -0.12 -2.47
N GLN A 35 -8.36 -1.38 -2.04
CA GLN A 35 -7.32 -1.81 -1.13
C GLN A 35 -6.58 -3.04 -1.69
N GLY A 36 -5.27 -3.10 -1.45
CA GLY A 36 -4.48 -4.20 -1.93
C GLY A 36 -3.10 -4.25 -1.32
N PHE A 37 -2.28 -5.20 -1.75
CA PHE A 37 -0.93 -5.34 -1.23
C PHE A 37 0.05 -4.45 -1.99
N VAL A 38 0.90 -3.76 -1.24
CA VAL A 38 1.88 -2.86 -1.84
C VAL A 38 3.23 -2.97 -1.13
N PRO A 39 4.31 -2.62 -1.85
CA PRO A 39 5.66 -2.67 -1.31
C PRO A 39 5.91 -1.61 -0.25
N ALA A 40 6.17 -2.05 0.98
CA ALA A 40 6.43 -1.14 2.08
C ALA A 40 7.53 -0.14 1.74
N ALA A 41 8.31 -0.47 0.71
CA ALA A 41 9.40 0.39 0.28
C ALA A 41 8.86 1.69 -0.31
N TYR A 42 7.65 1.63 -0.86
CA TYR A 42 7.03 2.79 -1.47
C TYR A 42 6.22 3.57 -0.45
N VAL A 43 6.04 2.99 0.73
CA VAL A 43 5.29 3.63 1.80
C VAL A 43 6.08 3.65 3.11
N LYS A 44 5.50 4.24 4.15
CA LYS A 44 6.15 4.31 5.44
C LYS A 44 5.20 4.87 6.50
N LYS A 45 5.21 4.28 7.68
CA LYS A 45 4.36 4.71 8.78
C LYS A 45 4.58 6.19 9.09
N LEU A 46 3.57 6.84 9.65
CA LEU A 46 3.67 8.26 9.99
C LEU A 46 3.47 8.46 11.50
N ASP A 47 3.48 9.71 11.92
CA ASP A 47 3.30 10.05 13.33
C ASP A 47 1.84 10.35 13.63
N SER A 48 1.14 9.38 14.21
CA SER A 48 -0.27 9.54 14.55
C SER A 48 -0.45 9.72 16.06
N GLY A 49 -0.30 10.96 16.52
CA GLY A 49 -0.45 11.25 17.94
C GLY A 49 -1.50 10.38 18.60
N THR A 50 -2.68 10.31 17.99
CA THR A 50 -3.77 9.51 18.52
C THR A 50 -3.34 8.06 18.73
N GLY A 51 -2.63 7.51 17.75
CA GLY A 51 -2.17 6.14 17.83
C GLY A 51 -2.84 5.24 16.81
N LYS A 52 -3.25 5.83 15.69
CA LYS A 52 -3.90 5.07 14.64
C LYS A 52 -2.87 4.34 13.78
N GLU A 53 -3.34 3.71 12.70
CA GLU A 53 -2.46 2.98 11.80
C GLU A 53 -2.50 3.57 10.39
N LEU A 54 -1.62 4.52 10.12
CA LEU A 54 -1.56 5.16 8.81
C LEU A 54 -0.17 5.02 8.19
N VAL A 55 -0.09 5.20 6.88
CA VAL A 55 1.18 5.09 6.18
C VAL A 55 1.18 5.96 4.91
N LEU A 56 2.07 6.94 4.88
CA LEU A 56 2.18 7.83 3.73
C LEU A 56 2.89 7.14 2.56
N ALA A 57 2.58 7.58 1.35
CA ALA A 57 3.20 7.02 0.15
C ALA A 57 4.44 7.80 -0.26
N LEU A 58 5.60 7.17 -0.15
CA LEU A 58 6.86 7.82 -0.52
C LEU A 58 7.05 7.81 -2.04
N TYR A 59 6.69 6.71 -2.67
CA TYR A 59 6.83 6.58 -4.12
C TYR A 59 5.50 6.20 -4.76
N ASP A 60 5.44 6.31 -6.08
CA ASP A 60 4.22 5.98 -6.82
C ASP A 60 4.14 4.48 -7.10
N TYR A 61 2.94 3.92 -6.98
CA TYR A 61 2.74 2.50 -7.22
C TYR A 61 1.35 2.25 -7.82
N GLN A 62 1.18 1.07 -8.41
CA GLN A 62 -0.09 0.70 -9.03
C GLN A 62 -0.34 -0.80 -8.91
N GLU A 63 -1.44 -1.16 -8.26
CA GLU A 63 -1.79 -2.57 -8.09
C GLU A 63 -3.10 -2.89 -8.79
N SER A 64 -3.21 -4.13 -9.28
CA SER A 64 -4.40 -4.57 -9.99
C SER A 64 -5.04 -5.75 -9.28
N GLY A 65 -6.20 -5.52 -8.66
CA GLY A 65 -6.90 -6.57 -7.95
C GLY A 65 -6.12 -7.07 -6.75
N ASP A 66 -6.65 -6.80 -5.55
CA ASP A 66 -6.00 -7.23 -4.32
C ASP A 66 -5.35 -8.58 -4.49
N ASN A 67 -4.01 -8.59 -4.60
CA ASN A 67 -3.26 -9.82 -4.78
C ASN A 67 -2.21 -9.98 -3.67
N ALA A 68 -1.92 -11.23 -3.33
CA ALA A 68 -0.94 -11.52 -2.28
C ALA A 68 0.48 -11.37 -2.83
N PRO A 69 1.39 -10.84 -1.98
CA PRO A 69 2.79 -10.63 -2.36
C PRO A 69 3.55 -11.95 -2.48
N SER A 70 3.40 -12.59 -3.65
CA SER A 70 4.08 -13.86 -3.90
C SER A 70 5.44 -13.64 -4.54
N TYR A 71 5.76 -12.38 -4.81
CA TYR A 71 7.03 -12.02 -5.42
C TYR A 71 7.69 -10.87 -4.68
N SER A 72 8.93 -10.56 -5.05
CA SER A 72 9.69 -9.48 -4.43
C SER A 72 9.12 -8.12 -4.85
N PRO A 73 9.31 -7.12 -3.98
CA PRO A 73 8.83 -5.75 -4.24
C PRO A 73 9.61 -5.07 -5.36
N PRO A 74 8.92 -4.19 -6.11
CA PRO A 74 9.54 -3.46 -7.22
C PRO A 74 10.53 -2.41 -6.74
N PRO A 75 11.52 -2.11 -7.59
CA PRO A 75 12.56 -1.12 -7.27
C PRO A 75 12.02 0.30 -7.26
N PRO A 76 12.25 1.02 -6.14
CA PRO A 76 11.79 2.40 -5.97
C PRO A 76 12.54 3.37 -6.88
N PRO A 77 12.06 4.62 -6.95
CA PRO A 77 12.67 5.66 -7.76
C PRO A 77 14.02 6.12 -7.22
N GLY A 1 -23.90 -3.25 -10.58
CA GLY A 1 -22.59 -2.85 -10.12
C GLY A 1 -21.92 -3.92 -9.27
N ALA A 2 -21.23 -4.86 -9.92
CA ALA A 2 -20.55 -5.93 -9.22
C ALA A 2 -19.05 -5.71 -9.20
N MET A 3 -18.31 -6.72 -8.74
CA MET A 3 -16.85 -6.62 -8.67
C MET A 3 -16.30 -5.82 -9.84
N GLY A 4 -15.14 -5.21 -9.64
CA GLY A 4 -14.52 -4.42 -10.69
C GLY A 4 -13.01 -4.43 -10.61
N PRO A 5 -12.35 -3.80 -11.60
CA PRO A 5 -10.89 -3.72 -11.66
C PRO A 5 -10.31 -2.83 -10.57
N ARG A 6 -11.18 -2.32 -9.70
CA ARG A 6 -10.75 -1.46 -8.62
C ARG A 6 -9.39 -1.88 -8.09
N GLU A 7 -8.36 -1.10 -8.41
CA GLU A 7 -7.00 -1.41 -7.97
C GLU A 7 -6.53 -0.38 -6.95
N VAL A 8 -5.48 -0.73 -6.21
CA VAL A 8 -4.91 0.15 -5.19
C VAL A 8 -3.65 0.83 -5.70
N THR A 9 -3.64 2.16 -5.68
CA THR A 9 -2.48 2.92 -6.13
C THR A 9 -2.03 3.91 -5.07
N MET A 10 -0.72 4.06 -4.92
CA MET A 10 -0.15 4.97 -3.93
C MET A 10 0.64 6.08 -4.62
N LYS A 11 0.10 7.29 -4.58
CA LYS A 11 0.76 8.44 -5.20
C LYS A 11 1.64 9.18 -4.19
N LYS A 12 2.84 9.56 -4.63
CA LYS A 12 3.77 10.27 -3.76
C LYS A 12 3.07 11.37 -2.98
N GLY A 13 2.97 11.20 -1.68
CA GLY A 13 2.32 12.19 -0.84
C GLY A 13 0.84 11.92 -0.66
N ASP A 14 0.52 10.79 -0.04
CA ASP A 14 -0.87 10.42 0.19
C ASP A 14 -0.98 9.46 1.38
N ILE A 15 -2.07 9.59 2.13
CA ILE A 15 -2.29 8.73 3.29
C ILE A 15 -3.14 7.51 2.92
N LEU A 16 -2.74 6.35 3.44
CA LEU A 16 -3.46 5.11 3.17
C LEU A 16 -3.54 4.25 4.41
N THR A 17 -4.77 3.94 4.83
CA THR A 17 -5.00 3.11 6.01
C THR A 17 -4.01 1.95 6.07
N LEU A 18 -3.20 1.92 7.11
CA LEU A 18 -2.21 0.85 7.28
C LEU A 18 -2.89 -0.51 7.42
N LEU A 19 -3.39 -1.03 6.30
CA LEU A 19 -4.05 -2.32 6.29
C LEU A 19 -3.13 -3.42 6.79
N ASN A 20 -3.60 -4.66 6.76
CA ASN A 20 -2.82 -5.80 7.21
C ASN A 20 -1.38 -5.71 6.69
N SER A 21 -0.47 -5.29 7.57
CA SER A 21 0.93 -5.15 7.20
C SER A 21 1.71 -6.44 7.50
N THR A 22 0.97 -7.51 7.79
CA THR A 22 1.58 -8.80 8.10
C THR A 22 2.87 -8.99 7.32
N ASN A 23 2.81 -8.81 6.01
CA ASN A 23 3.97 -8.97 5.15
C ASN A 23 5.04 -7.94 5.49
N LYS A 24 6.30 -8.31 5.29
CA LYS A 24 7.42 -7.42 5.58
C LYS A 24 7.77 -6.59 4.35
N ASP A 25 8.06 -7.26 3.25
CA ASP A 25 8.41 -6.59 2.00
C ASP A 25 7.17 -6.01 1.33
N TRP A 26 6.01 -6.27 1.92
CA TRP A 26 4.75 -5.77 1.37
C TRP A 26 3.78 -5.39 2.48
N TRP A 27 3.34 -4.13 2.48
CA TRP A 27 2.42 -3.65 3.50
C TRP A 27 1.06 -3.33 2.88
N LYS A 28 0.05 -4.13 3.23
CA LYS A 28 -1.30 -3.94 2.72
C LYS A 28 -1.83 -2.56 3.09
N VAL A 29 -2.37 -1.85 2.11
CA VAL A 29 -2.92 -0.52 2.34
C VAL A 29 -4.14 -0.27 1.46
N GLU A 30 -5.16 0.37 2.04
CA GLU A 30 -6.38 0.67 1.31
C GLU A 30 -6.32 2.06 0.71
N VAL A 31 -7.22 2.33 -0.25
CA VAL A 31 -7.27 3.63 -0.90
C VAL A 31 -8.72 4.07 -1.14
N ASN A 32 -9.38 4.51 -0.07
CA ASN A 32 -10.76 4.96 -0.16
C ASN A 32 -11.71 3.78 -0.42
N ASP A 33 -11.65 3.26 -1.65
CA ASP A 33 -12.49 2.13 -2.03
C ASP A 33 -11.65 1.00 -2.61
N ARG A 34 -10.43 1.33 -3.01
CA ARG A 34 -9.52 0.35 -3.60
C ARG A 34 -8.43 -0.05 -2.62
N GLN A 35 -8.30 -1.34 -2.37
CA GLN A 35 -7.29 -1.84 -1.44
C GLN A 35 -6.50 -2.99 -2.07
N GLY A 36 -5.32 -3.25 -1.53
CA GLY A 36 -4.48 -4.32 -2.05
C GLY A 36 -3.09 -4.33 -1.42
N PHE A 37 -2.29 -5.33 -1.78
CA PHE A 37 -0.94 -5.44 -1.25
C PHE A 37 0.02 -4.54 -2.01
N VAL A 38 0.88 -3.85 -1.26
CA VAL A 38 1.86 -2.94 -1.86
C VAL A 38 3.20 -3.02 -1.15
N PRO A 39 4.28 -2.67 -1.87
CA PRO A 39 5.64 -2.69 -1.32
C PRO A 39 5.85 -1.62 -0.26
N ALA A 40 6.12 -2.04 0.97
CA ALA A 40 6.36 -1.12 2.06
C ALA A 40 7.44 -0.10 1.70
N ALA A 41 8.23 -0.42 0.69
CA ALA A 41 9.30 0.45 0.24
C ALA A 41 8.74 1.74 -0.36
N TYR A 42 7.53 1.66 -0.91
CA TYR A 42 6.89 2.81 -1.51
C TYR A 42 6.06 3.58 -0.49
N VAL A 43 5.92 3.00 0.70
CA VAL A 43 5.15 3.63 1.77
C VAL A 43 5.95 3.66 3.06
N LYS A 44 5.36 4.26 4.09
CA LYS A 44 6.01 4.36 5.39
C LYS A 44 5.05 4.91 6.45
N LYS A 45 5.18 4.42 7.67
CA LYS A 45 4.32 4.87 8.77
C LYS A 45 4.54 6.35 9.06
N LEU A 46 3.48 7.02 9.50
CA LEU A 46 3.55 8.44 9.82
C LEU A 46 3.46 8.67 11.32
N ASP A 47 3.48 9.94 11.72
CA ASP A 47 3.40 10.30 13.13
C ASP A 47 2.04 10.93 13.45
N SER A 48 1.26 10.23 14.27
CA SER A 48 -0.06 10.73 14.65
C SER A 48 -0.10 11.07 16.14
N GLY A 49 0.35 10.12 16.97
CA GLY A 49 0.35 10.35 18.40
C GLY A 49 -1.02 10.15 19.03
N THR A 50 -1.93 9.55 18.26
CA THR A 50 -3.28 9.31 18.74
C THR A 50 -3.57 7.81 18.86
N GLY A 51 -2.80 7.02 18.12
CA GLY A 51 -2.99 5.58 18.16
C GLY A 51 -3.67 5.05 16.90
N LYS A 52 -3.35 5.64 15.76
CA LYS A 52 -3.93 5.24 14.49
C LYS A 52 -2.90 4.50 13.64
N GLU A 53 -3.39 3.77 12.63
CA GLU A 53 -2.51 3.02 11.75
C GLU A 53 -2.57 3.58 10.33
N LEU A 54 -1.71 4.55 10.04
CA LEU A 54 -1.66 5.18 8.73
C LEU A 54 -0.27 5.06 8.11
N VAL A 55 -0.18 5.21 6.80
CA VAL A 55 1.09 5.12 6.09
C VAL A 55 1.10 6.01 4.86
N LEU A 56 2.02 6.96 4.81
CA LEU A 56 2.14 7.88 3.70
C LEU A 56 2.84 7.21 2.51
N ALA A 57 2.57 7.71 1.32
CA ALA A 57 3.17 7.17 0.10
C ALA A 57 4.44 7.92 -0.26
N LEU A 58 5.57 7.22 -0.22
CA LEU A 58 6.86 7.83 -0.54
C LEU A 58 7.10 7.84 -2.05
N TYR A 59 6.72 6.76 -2.71
CA TYR A 59 6.90 6.63 -4.15
C TYR A 59 5.55 6.39 -4.84
N ASP A 60 5.60 6.21 -6.16
CA ASP A 60 4.39 5.96 -6.93
C ASP A 60 4.25 4.48 -7.27
N TYR A 61 3.14 3.87 -6.85
CA TYR A 61 2.89 2.46 -7.11
C TYR A 61 1.56 2.26 -7.79
N GLN A 62 1.36 1.07 -8.35
CA GLN A 62 0.12 0.75 -9.05
C GLN A 62 -0.17 -0.74 -8.99
N GLU A 63 -1.18 -1.12 -8.23
CA GLU A 63 -1.56 -2.52 -8.09
C GLU A 63 -2.75 -2.85 -8.97
N SER A 64 -3.35 -4.03 -8.74
CA SER A 64 -4.50 -4.47 -9.51
C SER A 64 -5.16 -5.69 -8.86
N GLY A 65 -6.31 -5.47 -8.24
CA GLY A 65 -7.02 -6.56 -7.59
C GLY A 65 -6.23 -7.16 -6.45
N ASP A 66 -6.81 -7.13 -5.25
CA ASP A 66 -6.16 -7.68 -4.06
C ASP A 66 -5.36 -8.93 -4.41
N ASN A 67 -4.03 -8.78 -4.47
CA ASN A 67 -3.16 -9.89 -4.80
C ASN A 67 -2.12 -10.10 -3.70
N ALA A 68 -1.87 -11.37 -3.37
CA ALA A 68 -0.89 -11.71 -2.34
C ALA A 68 0.53 -11.54 -2.85
N PRO A 69 1.40 -10.98 -1.99
CA PRO A 69 2.80 -10.74 -2.33
C PRO A 69 3.60 -12.04 -2.44
N SER A 70 3.47 -12.70 -3.59
CA SER A 70 4.16 -13.96 -3.83
C SER A 70 5.52 -13.71 -4.49
N TYR A 71 5.82 -12.45 -4.76
CA TYR A 71 7.08 -12.07 -5.39
C TYR A 71 7.72 -10.89 -4.64
N SER A 72 8.95 -10.57 -5.03
CA SER A 72 9.69 -9.47 -4.40
C SER A 72 9.11 -8.13 -4.84
N PRO A 73 9.28 -7.11 -3.98
CA PRO A 73 8.79 -5.76 -4.24
C PRO A 73 9.56 -5.07 -5.36
N PRO A 74 8.86 -4.20 -6.12
CA PRO A 74 9.46 -3.47 -7.24
C PRO A 74 10.45 -2.41 -6.76
N PRO A 75 11.45 -2.11 -7.61
CA PRO A 75 12.47 -1.11 -7.30
C PRO A 75 11.92 0.31 -7.30
N PRO A 76 12.14 1.03 -6.19
CA PRO A 76 11.68 2.42 -6.04
C PRO A 76 12.43 3.38 -6.94
N PRO A 77 11.93 4.62 -7.03
CA PRO A 77 12.54 5.67 -7.86
C PRO A 77 13.88 6.14 -7.30
N GLY A 1 -4.29 -16.25 -11.24
CA GLY A 1 -4.27 -14.80 -11.22
C GLY A 1 -5.64 -14.20 -10.90
N ALA A 2 -5.83 -13.78 -9.67
CA ALA A 2 -7.10 -13.19 -9.24
C ALA A 2 -7.11 -11.69 -9.49
N MET A 3 -7.57 -11.30 -10.68
CA MET A 3 -7.65 -9.89 -11.04
C MET A 3 -8.78 -9.19 -10.29
N GLY A 4 -8.51 -8.78 -9.06
CA GLY A 4 -9.51 -8.11 -8.25
C GLY A 4 -10.01 -6.83 -8.91
N PRO A 5 -11.30 -6.52 -8.70
CA PRO A 5 -11.92 -5.32 -9.27
C PRO A 5 -11.41 -4.04 -8.61
N ARG A 6 -10.96 -4.15 -7.37
CA ARG A 6 -10.45 -3.01 -6.64
C ARG A 6 -8.93 -2.88 -6.82
N GLU A 7 -8.52 -1.78 -7.47
CA GLU A 7 -7.11 -1.53 -7.71
C GLU A 7 -6.58 -0.44 -6.80
N VAL A 8 -5.54 -0.75 -6.03
CA VAL A 8 -4.94 0.22 -5.12
C VAL A 8 -3.65 0.79 -5.69
N THR A 9 -3.62 2.11 -5.87
CA THR A 9 -2.44 2.78 -6.42
C THR A 9 -1.99 3.91 -5.50
N MET A 10 -0.76 3.79 -4.98
CA MET A 10 -0.21 4.80 -4.10
C MET A 10 0.49 5.90 -4.90
N LYS A 11 0.36 7.14 -4.43
CA LYS A 11 0.98 8.27 -5.10
C LYS A 11 1.78 9.12 -4.10
N LYS A 12 2.94 9.58 -4.53
CA LYS A 12 3.80 10.40 -3.68
C LYS A 12 3.00 11.53 -3.04
N GLY A 13 2.89 11.49 -1.72
CA GLY A 13 2.15 12.52 -1.00
C GLY A 13 0.70 12.13 -0.77
N ASP A 14 0.48 10.91 -0.30
CA ASP A 14 -0.87 10.42 -0.03
C ASP A 14 -0.89 9.54 1.22
N ILE A 15 -2.02 9.52 1.89
CA ILE A 15 -2.18 8.71 3.10
C ILE A 15 -3.15 7.56 2.88
N LEU A 16 -2.64 6.34 3.00
CA LEU A 16 -3.46 5.15 2.80
C LEU A 16 -3.51 4.32 4.09
N THR A 17 -4.72 3.95 4.50
CA THR A 17 -4.90 3.16 5.71
C THR A 17 -3.85 2.05 5.80
N LEU A 18 -3.16 2.00 6.93
CA LEU A 18 -2.13 1.00 7.15
C LEU A 18 -2.74 -0.39 7.33
N LEU A 19 -3.32 -0.92 6.25
CA LEU A 19 -3.95 -2.23 6.30
C LEU A 19 -2.97 -3.29 6.80
N ASN A 20 -3.41 -4.54 6.82
CA ASN A 20 -2.57 -5.65 7.28
C ASN A 20 -1.15 -5.51 6.72
N SER A 21 -0.23 -5.10 7.58
CA SER A 21 1.16 -4.93 7.18
C SER A 21 2.00 -6.15 7.57
N THR A 22 1.32 -7.26 7.81
CA THR A 22 1.99 -8.49 8.20
C THR A 22 3.16 -8.79 7.28
N ASN A 23 2.91 -8.74 5.98
CA ASN A 23 3.95 -9.00 4.99
C ASN A 23 5.14 -8.05 5.17
N LYS A 24 6.28 -8.60 5.55
CA LYS A 24 7.49 -7.81 5.77
C LYS A 24 7.99 -7.23 4.45
N ASP A 25 7.66 -7.90 3.35
CA ASP A 25 8.08 -7.46 2.03
C ASP A 25 6.95 -6.70 1.33
N TRP A 26 5.80 -6.62 1.98
CA TRP A 26 4.65 -5.94 1.43
C TRP A 26 3.69 -5.48 2.53
N TRP A 27 3.33 -4.21 2.50
CA TRP A 27 2.41 -3.65 3.49
C TRP A 27 1.07 -3.31 2.87
N LYS A 28 0.05 -4.10 3.20
CA LYS A 28 -1.29 -3.88 2.67
C LYS A 28 -1.80 -2.48 3.06
N VAL A 29 -2.39 -1.79 2.09
CA VAL A 29 -2.93 -0.46 2.33
C VAL A 29 -4.18 -0.21 1.50
N GLU A 30 -5.17 0.44 2.12
CA GLU A 30 -6.43 0.73 1.44
C GLU A 30 -6.44 2.16 0.92
N VAL A 31 -7.18 2.38 -0.18
CA VAL A 31 -7.27 3.70 -0.79
C VAL A 31 -8.68 4.27 -0.64
N ASN A 32 -9.22 4.22 0.57
CA ASN A 32 -10.56 4.73 0.83
C ASN A 32 -11.61 3.77 0.31
N ASP A 33 -11.45 3.34 -0.94
CA ASP A 33 -12.39 2.41 -1.56
C ASP A 33 -11.69 1.14 -2.01
N ARG A 34 -10.55 1.29 -2.68
CA ARG A 34 -9.78 0.16 -3.17
C ARG A 34 -8.74 -0.29 -2.13
N GLN A 35 -7.92 -1.26 -2.50
CA GLN A 35 -6.90 -1.76 -1.60
C GLN A 35 -6.02 -2.80 -2.31
N GLY A 36 -5.05 -3.35 -1.58
CA GLY A 36 -4.16 -4.34 -2.16
C GLY A 36 -2.80 -4.34 -1.49
N PHE A 37 -2.01 -5.37 -1.79
CA PHE A 37 -0.68 -5.49 -1.21
C PHE A 37 0.33 -4.62 -1.97
N VAL A 38 1.01 -3.75 -1.24
CA VAL A 38 2.00 -2.86 -1.85
C VAL A 38 3.35 -2.97 -1.14
N PRO A 39 4.42 -2.60 -1.84
CA PRO A 39 5.79 -2.65 -1.30
C PRO A 39 6.01 -1.60 -0.22
N ALA A 40 6.36 -2.05 0.98
CA ALA A 40 6.60 -1.16 2.10
C ALA A 40 7.67 -0.12 1.74
N ALA A 41 8.43 -0.40 0.69
CA ALA A 41 9.47 0.51 0.24
C ALA A 41 8.89 1.78 -0.37
N TYR A 42 7.64 1.68 -0.84
CA TYR A 42 6.95 2.81 -1.44
C TYR A 42 6.15 3.59 -0.41
N VAL A 43 6.03 3.01 0.79
CA VAL A 43 5.28 3.64 1.87
C VAL A 43 6.10 3.69 3.15
N LYS A 44 5.59 4.40 4.15
CA LYS A 44 6.27 4.52 5.43
C LYS A 44 5.32 5.03 6.51
N LYS A 45 5.33 4.37 7.66
CA LYS A 45 4.48 4.77 8.78
C LYS A 45 4.71 6.22 9.16
N LEU A 46 3.66 6.89 9.61
CA LEU A 46 3.75 8.30 10.01
C LEU A 46 3.50 8.45 11.50
N ASP A 47 3.50 9.69 11.97
CA ASP A 47 3.27 9.98 13.38
C ASP A 47 1.91 10.63 13.60
N SER A 48 0.94 9.84 14.03
CA SER A 48 -0.41 10.35 14.26
C SER A 48 -0.52 10.96 15.66
N GLY A 49 -0.48 10.10 16.68
CA GLY A 49 -0.59 10.58 18.05
C GLY A 49 -1.50 9.71 18.89
N THR A 50 -2.80 9.81 18.65
CA THR A 50 -3.78 9.04 19.40
C THR A 50 -3.51 7.54 19.28
N GLY A 51 -3.30 7.08 18.04
CA GLY A 51 -3.03 5.67 17.81
C GLY A 51 -3.61 5.18 16.50
N LYS A 52 -3.52 6.01 15.47
CA LYS A 52 -4.04 5.65 14.15
C LYS A 52 -3.00 4.87 13.35
N GLU A 53 -3.49 4.01 12.45
CA GLU A 53 -2.60 3.21 11.62
C GLU A 53 -2.62 3.70 10.18
N LEU A 54 -1.77 4.68 9.88
CA LEU A 54 -1.68 5.23 8.54
C LEU A 54 -0.26 5.13 8.00
N VAL A 55 -0.13 5.25 6.68
CA VAL A 55 1.18 5.17 6.03
C VAL A 55 1.22 6.02 4.77
N LEU A 56 2.10 7.02 4.77
CA LEU A 56 2.24 7.91 3.62
C LEU A 56 2.91 7.20 2.45
N ALA A 57 2.61 7.63 1.24
CA ALA A 57 3.19 7.04 0.05
C ALA A 57 4.44 7.80 -0.39
N LEU A 58 5.60 7.18 -0.21
CA LEU A 58 6.86 7.80 -0.60
C LEU A 58 7.06 7.79 -2.10
N TYR A 59 6.58 6.71 -2.74
CA TYR A 59 6.69 6.58 -4.19
C TYR A 59 5.33 6.30 -4.82
N ASP A 60 5.31 6.17 -6.15
CA ASP A 60 4.07 5.90 -6.86
C ASP A 60 3.98 4.42 -7.23
N TYR A 61 2.91 3.77 -6.76
CA TYR A 61 2.70 2.36 -7.04
C TYR A 61 1.38 2.14 -7.76
N GLN A 62 1.18 0.92 -8.26
CA GLN A 62 -0.05 0.59 -8.97
C GLN A 62 -0.41 -0.88 -8.77
N GLU A 63 -1.56 -1.12 -8.16
CA GLU A 63 -2.02 -2.49 -7.89
C GLU A 63 -3.36 -2.75 -8.59
N SER A 64 -3.42 -3.83 -9.35
CA SER A 64 -4.63 -4.19 -10.07
C SER A 64 -5.25 -5.47 -9.49
N GLY A 65 -6.06 -5.31 -8.45
CA GLY A 65 -6.69 -6.45 -7.82
C GLY A 65 -5.92 -6.96 -6.63
N ASP A 66 -6.33 -6.54 -5.43
CA ASP A 66 -5.66 -6.95 -4.20
C ASP A 66 -5.19 -8.40 -4.31
N ASN A 67 -3.89 -8.58 -4.48
CA ASN A 67 -3.31 -9.92 -4.60
C ASN A 67 -2.23 -10.13 -3.54
N ALA A 68 -1.98 -11.40 -3.21
CA ALA A 68 -0.97 -11.74 -2.22
C ALA A 68 0.44 -11.55 -2.79
N PRO A 69 1.35 -11.03 -1.96
CA PRO A 69 2.74 -10.79 -2.35
C PRO A 69 3.52 -12.09 -2.55
N SER A 70 3.34 -12.72 -3.69
CA SER A 70 4.01 -13.97 -4.00
C SER A 70 5.36 -13.70 -4.67
N TYR A 71 5.66 -12.43 -4.91
CA TYR A 71 6.91 -12.04 -5.54
C TYR A 71 7.58 -10.91 -4.77
N SER A 72 8.80 -10.57 -5.16
CA SER A 72 9.55 -9.51 -4.51
C SER A 72 9.00 -8.14 -4.91
N PRO A 73 9.19 -7.14 -4.03
CA PRO A 73 8.72 -5.77 -4.28
C PRO A 73 9.51 -5.08 -5.38
N PRO A 74 8.82 -4.20 -6.13
CA PRO A 74 9.44 -3.46 -7.24
C PRO A 74 10.43 -2.41 -6.74
N PRO A 75 11.43 -2.10 -7.59
CA PRO A 75 12.47 -1.12 -7.26
C PRO A 75 11.92 0.30 -7.23
N PRO A 76 12.17 1.02 -6.12
CA PRO A 76 11.72 2.39 -5.95
C PRO A 76 12.46 3.37 -6.84
N PRO A 77 11.98 4.62 -6.90
CA PRO A 77 12.58 5.67 -7.72
C PRO A 77 13.93 6.12 -7.18
N GLY A 1 -7.82 -6.07 -21.44
CA GLY A 1 -8.20 -7.41 -21.06
C GLY A 1 -9.13 -7.44 -19.87
N ALA A 2 -8.67 -8.03 -18.77
CA ALA A 2 -9.47 -8.13 -17.56
C ALA A 2 -8.63 -7.91 -16.31
N MET A 3 -8.41 -6.64 -15.97
CA MET A 3 -7.62 -6.29 -14.80
C MET A 3 -8.44 -6.39 -13.52
N GLY A 4 -7.79 -6.74 -12.41
CA GLY A 4 -8.49 -6.88 -11.15
C GLY A 4 -9.59 -5.85 -10.99
N PRO A 5 -10.65 -6.23 -10.26
CA PRO A 5 -11.79 -5.35 -10.02
C PRO A 5 -11.45 -4.18 -9.10
N ARG A 6 -10.47 -4.39 -8.22
CA ARG A 6 -10.05 -3.36 -7.28
C ARG A 6 -8.55 -3.10 -7.41
N GLU A 7 -8.20 -2.03 -8.12
CA GLU A 7 -6.80 -1.66 -8.31
C GLU A 7 -6.42 -0.48 -7.43
N VAL A 8 -5.53 -0.72 -6.47
CA VAL A 8 -5.08 0.32 -5.57
C VAL A 8 -3.76 0.93 -6.04
N THR A 9 -3.71 2.26 -6.08
CA THR A 9 -2.51 2.97 -6.52
C THR A 9 -2.08 4.00 -5.49
N MET A 10 -0.87 3.83 -4.97
CA MET A 10 -0.33 4.76 -3.98
C MET A 10 0.23 6.01 -4.64
N LYS A 11 -0.27 7.17 -4.22
CA LYS A 11 0.18 8.44 -4.78
C LYS A 11 1.23 9.08 -3.87
N LYS A 12 2.33 9.51 -4.47
CA LYS A 12 3.41 10.15 -3.72
C LYS A 12 2.88 11.30 -2.87
N GLY A 13 2.92 11.11 -1.56
CA GLY A 13 2.45 12.14 -0.66
C GLY A 13 0.99 11.96 -0.29
N ASP A 14 0.56 10.71 -0.17
CA ASP A 14 -0.83 10.40 0.17
C ASP A 14 -0.89 9.49 1.39
N ILE A 15 -1.86 9.75 2.27
CA ILE A 15 -2.04 8.95 3.47
C ILE A 15 -2.98 7.78 3.23
N LEU A 16 -2.44 6.57 3.31
CA LEU A 16 -3.23 5.36 3.10
C LEU A 16 -3.32 4.53 4.37
N THR A 17 -4.52 4.10 4.71
CA THR A 17 -4.73 3.29 5.91
C THR A 17 -3.76 2.14 5.98
N LEU A 18 -3.06 2.01 7.10
CA LEU A 18 -2.08 0.94 7.29
C LEU A 18 -2.78 -0.41 7.39
N LEU A 19 -3.31 -0.88 6.27
CA LEU A 19 -4.00 -2.16 6.23
C LEU A 19 -3.08 -3.29 6.68
N ASN A 20 -3.59 -4.52 6.63
CA ASN A 20 -2.81 -5.68 7.03
C ASN A 20 -1.38 -5.60 6.50
N SER A 21 -0.44 -5.33 7.39
CA SER A 21 0.96 -5.22 7.01
C SER A 21 1.71 -6.52 7.29
N THR A 22 0.96 -7.56 7.63
CA THR A 22 1.54 -8.86 7.92
C THR A 22 2.77 -9.12 7.07
N ASN A 23 2.68 -8.79 5.78
CA ASN A 23 3.78 -8.99 4.86
C ASN A 23 4.90 -7.98 5.12
N LYS A 24 6.08 -8.49 5.47
CA LYS A 24 7.22 -7.63 5.74
C LYS A 24 7.72 -6.95 4.47
N ASP A 25 7.66 -7.67 3.35
CA ASP A 25 8.09 -7.14 2.07
C ASP A 25 6.94 -6.44 1.35
N TRP A 26 5.77 -6.44 1.98
CA TRP A 26 4.59 -5.81 1.40
C TRP A 26 3.62 -5.38 2.49
N TRP A 27 3.32 -4.08 2.53
CA TRP A 27 2.41 -3.53 3.53
C TRP A 27 1.07 -3.16 2.89
N LYS A 28 0.04 -3.95 3.18
CA LYS A 28 -1.29 -3.70 2.64
C LYS A 28 -1.80 -2.32 3.05
N VAL A 29 -2.35 -1.59 2.09
CA VAL A 29 -2.87 -0.26 2.36
C VAL A 29 -4.10 0.03 1.50
N GLU A 30 -5.10 0.68 2.10
CA GLU A 30 -6.33 1.02 1.39
C GLU A 30 -6.31 2.48 0.94
N VAL A 31 -7.21 2.81 0.02
CA VAL A 31 -7.29 4.17 -0.51
C VAL A 31 -8.69 4.75 -0.27
N ASN A 32 -9.72 3.96 -0.54
CA ASN A 32 -11.09 4.39 -0.35
C ASN A 32 -12.08 3.29 -0.71
N ASP A 33 -11.68 2.44 -1.65
CA ASP A 33 -12.53 1.32 -2.07
C ASP A 33 -11.68 0.13 -2.47
N ARG A 34 -10.52 0.40 -3.08
CA ARG A 34 -9.63 -0.67 -3.51
C ARG A 34 -8.41 -0.77 -2.59
N GLN A 35 -8.24 -1.94 -1.98
CA GLN A 35 -7.12 -2.18 -1.08
C GLN A 35 -6.36 -3.44 -1.45
N GLY A 36 -5.04 -3.31 -1.57
CA GLY A 36 -4.22 -4.46 -1.92
C GLY A 36 -2.87 -4.45 -1.23
N PHE A 37 -1.99 -5.35 -1.64
CA PHE A 37 -0.67 -5.44 -1.04
C PHE A 37 0.34 -4.59 -1.82
N VAL A 38 1.01 -3.69 -1.12
CA VAL A 38 2.00 -2.82 -1.75
C VAL A 38 3.35 -2.93 -1.05
N PRO A 39 4.43 -2.56 -1.77
CA PRO A 39 5.79 -2.61 -1.23
C PRO A 39 6.03 -1.56 -0.16
N ALA A 40 6.36 -2.01 1.04
CA ALA A 40 6.63 -1.10 2.15
C ALA A 40 7.66 -0.04 1.77
N ALA A 41 8.41 -0.33 0.71
CA ALA A 41 9.44 0.60 0.24
C ALA A 41 8.83 1.86 -0.35
N TYR A 42 7.61 1.72 -0.88
CA TYR A 42 6.91 2.85 -1.47
C TYR A 42 6.07 3.59 -0.43
N VAL A 43 5.95 2.99 0.74
CA VAL A 43 5.17 3.59 1.82
C VAL A 43 5.99 3.67 3.11
N LYS A 44 5.42 4.31 4.13
CA LYS A 44 6.10 4.45 5.42
C LYS A 44 5.15 5.03 6.46
N LYS A 45 5.14 4.42 7.64
CA LYS A 45 4.28 4.88 8.73
C LYS A 45 4.55 6.36 9.05
N LEU A 46 3.53 7.04 9.55
CA LEU A 46 3.65 8.45 9.89
C LEU A 46 3.44 8.66 11.39
N ASP A 47 3.77 9.86 11.87
CA ASP A 47 3.61 10.19 13.28
C ASP A 47 2.15 10.42 13.63
N SER A 48 1.52 9.42 14.22
CA SER A 48 0.12 9.51 14.60
C SER A 48 -0.04 9.48 16.12
N GLY A 49 0.13 10.65 16.74
CA GLY A 49 0.01 10.74 18.18
C GLY A 49 -1.26 10.09 18.71
N THR A 50 -2.37 10.35 18.03
CA THR A 50 -3.66 9.78 18.43
C THR A 50 -3.54 8.27 18.66
N GLY A 51 -2.76 7.61 17.80
CA GLY A 51 -2.58 6.17 17.92
C GLY A 51 -3.27 5.41 16.81
N LYS A 52 -3.28 5.99 15.62
CA LYS A 52 -3.90 5.35 14.46
C LYS A 52 -2.87 4.64 13.60
N GLU A 53 -3.34 3.87 12.62
CA GLU A 53 -2.45 3.14 11.73
C GLU A 53 -2.50 3.72 10.33
N LEU A 54 -1.61 4.68 10.06
CA LEU A 54 -1.55 5.32 8.75
C LEU A 54 -0.16 5.18 8.14
N VAL A 55 -0.08 5.30 6.82
CA VAL A 55 1.20 5.20 6.13
C VAL A 55 1.22 6.08 4.87
N LEU A 56 2.22 6.96 4.80
CA LEU A 56 2.35 7.86 3.66
C LEU A 56 2.99 7.15 2.47
N ALA A 57 2.65 7.60 1.27
CA ALA A 57 3.19 7.01 0.05
C ALA A 57 4.43 7.76 -0.42
N LEU A 58 5.60 7.18 -0.13
CA LEU A 58 6.86 7.79 -0.53
C LEU A 58 7.02 7.81 -2.05
N TYR A 59 6.59 6.73 -2.69
CA TYR A 59 6.69 6.61 -4.14
C TYR A 59 5.33 6.27 -4.74
N ASP A 60 5.24 6.33 -6.07
CA ASP A 60 4.00 6.03 -6.77
C ASP A 60 3.95 4.55 -7.15
N TYR A 61 2.93 3.86 -6.66
CA TYR A 61 2.75 2.44 -6.95
C TYR A 61 1.45 2.18 -7.69
N GLN A 62 1.28 0.95 -8.19
CA GLN A 62 0.08 0.59 -8.92
C GLN A 62 -0.27 -0.88 -8.68
N GLU A 63 -1.45 -1.11 -8.10
CA GLU A 63 -1.90 -2.47 -7.82
C GLU A 63 -3.21 -2.78 -8.56
N SER A 64 -3.26 -3.95 -9.19
CA SER A 64 -4.44 -4.36 -9.93
C SER A 64 -5.12 -5.56 -9.26
N GLY A 65 -6.17 -5.28 -8.50
CA GLY A 65 -6.88 -6.35 -7.82
C GLY A 65 -6.11 -6.91 -6.64
N ASP A 66 -6.63 -6.69 -5.43
CA ASP A 66 -5.98 -7.17 -4.23
C ASP A 66 -5.33 -8.53 -4.47
N ASN A 67 -4.01 -8.54 -4.59
CA ASN A 67 -3.26 -9.77 -4.82
C ASN A 67 -2.20 -9.98 -3.74
N ALA A 68 -1.98 -11.24 -3.38
CA ALA A 68 -1.00 -11.58 -2.36
C ALA A 68 0.42 -11.41 -2.89
N PRO A 69 1.32 -10.90 -2.04
CA PRO A 69 2.72 -10.69 -2.40
C PRO A 69 3.49 -11.99 -2.56
N SER A 70 3.32 -12.63 -3.73
CA SER A 70 3.99 -13.89 -4.01
C SER A 70 5.36 -13.64 -4.67
N TYR A 71 5.67 -12.38 -4.90
CA TYR A 71 6.93 -12.00 -5.53
C TYR A 71 7.60 -10.87 -4.77
N SER A 72 8.83 -10.56 -5.14
CA SER A 72 9.60 -9.49 -4.50
C SER A 72 9.05 -8.13 -4.89
N PRO A 73 9.24 -7.13 -4.01
CA PRO A 73 8.77 -5.77 -4.23
C PRO A 73 9.56 -5.06 -5.34
N PRO A 74 8.88 -4.17 -6.07
CA PRO A 74 9.49 -3.42 -7.17
C PRO A 74 10.50 -2.38 -6.66
N PRO A 75 11.52 -2.10 -7.49
CA PRO A 75 12.55 -1.12 -7.16
C PRO A 75 12.03 0.31 -7.14
N PRO A 76 12.24 1.01 -6.02
CA PRO A 76 11.81 2.40 -5.86
C PRO A 76 12.60 3.37 -6.72
N PRO A 77 12.13 4.63 -6.80
CA PRO A 77 12.77 5.67 -7.60
C PRO A 77 14.11 6.10 -7.01
N GLY A 1 -3.35 -3.58 -18.89
CA GLY A 1 -3.83 -4.87 -19.32
C GLY A 1 -5.15 -5.25 -18.69
N ALA A 2 -5.23 -6.46 -18.14
CA ALA A 2 -6.44 -6.93 -17.51
C ALA A 2 -6.67 -6.24 -16.16
N MET A 3 -7.40 -5.12 -16.20
CA MET A 3 -7.68 -4.36 -14.99
C MET A 3 -8.70 -5.08 -14.12
N GLY A 4 -8.54 -4.97 -12.80
CA GLY A 4 -9.46 -5.62 -11.89
C GLY A 4 -10.47 -4.66 -11.29
N PRO A 5 -11.45 -5.20 -10.57
CA PRO A 5 -12.49 -4.41 -9.92
C PRO A 5 -11.97 -3.58 -8.76
N ARG A 6 -10.90 -4.07 -8.14
CA ARG A 6 -10.29 -3.37 -7.00
C ARG A 6 -8.81 -3.11 -7.26
N GLU A 7 -8.50 -1.89 -7.69
CA GLU A 7 -7.12 -1.51 -7.97
C GLU A 7 -6.69 -0.35 -7.08
N VAL A 8 -5.68 -0.59 -6.24
CA VAL A 8 -5.16 0.43 -5.34
C VAL A 8 -3.85 1.00 -5.85
N THR A 9 -3.76 2.33 -5.91
CA THR A 9 -2.55 3.00 -6.37
C THR A 9 -2.06 4.01 -5.35
N MET A 10 -0.79 3.90 -4.96
CA MET A 10 -0.19 4.80 -4.00
C MET A 10 0.37 6.05 -4.69
N LYS A 11 0.14 7.21 -4.08
CA LYS A 11 0.63 8.46 -4.65
C LYS A 11 1.67 9.10 -3.73
N LYS A 12 2.72 9.65 -4.33
CA LYS A 12 3.79 10.29 -3.57
C LYS A 12 3.25 11.45 -2.75
N GLY A 13 3.26 11.28 -1.42
CA GLY A 13 2.77 12.33 -0.54
C GLY A 13 1.32 12.13 -0.15
N ASP A 14 0.86 10.88 -0.21
CA ASP A 14 -0.52 10.56 0.14
C ASP A 14 -0.58 9.69 1.38
N ILE A 15 -1.72 9.72 2.07
CA ILE A 15 -1.90 8.93 3.28
C ILE A 15 -2.86 7.78 3.05
N LEU A 16 -2.35 6.56 3.06
CA LEU A 16 -3.16 5.37 2.85
C LEU A 16 -3.25 4.53 4.12
N THR A 17 -4.46 4.15 4.49
CA THR A 17 -4.67 3.34 5.68
C THR A 17 -3.65 2.21 5.78
N LEU A 18 -3.03 2.08 6.96
CA LEU A 18 -2.04 1.05 7.18
C LEU A 18 -2.69 -0.33 7.30
N LEU A 19 -3.35 -0.76 6.23
CA LEU A 19 -4.03 -2.06 6.21
C LEU A 19 -3.07 -3.16 6.68
N ASN A 20 -3.56 -4.40 6.65
CA ASN A 20 -2.76 -5.55 7.05
C ASN A 20 -1.34 -5.45 6.51
N SER A 21 -0.41 -5.02 7.36
CA SER A 21 0.99 -4.87 6.96
C SER A 21 1.80 -6.09 7.38
N THR A 22 1.14 -7.24 7.48
CA THR A 22 1.79 -8.47 7.87
C THR A 22 3.03 -8.73 7.01
N ASN A 23 2.83 -8.78 5.70
CA ASN A 23 3.94 -9.03 4.77
C ASN A 23 5.04 -7.98 4.95
N LYS A 24 6.17 -8.42 5.49
CA LYS A 24 7.30 -7.54 5.71
C LYS A 24 7.79 -6.94 4.40
N ASP A 25 7.61 -7.68 3.31
CA ASP A 25 8.03 -7.22 1.99
C ASP A 25 6.88 -6.55 1.26
N TRP A 26 5.71 -6.51 1.90
CA TRP A 26 4.53 -5.91 1.30
C TRP A 26 3.54 -5.48 2.38
N TRP A 27 3.26 -4.18 2.44
CA TRP A 27 2.33 -3.64 3.42
C TRP A 27 1.01 -3.25 2.76
N LYS A 28 -0.06 -3.93 3.15
CA LYS A 28 -1.39 -3.65 2.60
C LYS A 28 -1.86 -2.25 2.99
N VAL A 29 -2.43 -1.54 2.04
CA VAL A 29 -2.93 -0.19 2.28
C VAL A 29 -4.19 0.09 1.47
N GLU A 30 -5.14 0.78 2.07
CA GLU A 30 -6.39 1.12 1.40
C GLU A 30 -6.38 2.57 0.93
N VAL A 31 -7.37 2.93 0.11
CA VAL A 31 -7.47 4.29 -0.41
C VAL A 31 -8.84 4.89 -0.10
N ASN A 32 -9.89 4.12 -0.36
CA ASN A 32 -11.25 4.58 -0.10
C ASN A 32 -12.27 3.49 -0.44
N ASP A 33 -11.92 2.65 -1.43
CA ASP A 33 -12.80 1.57 -1.85
C ASP A 33 -11.99 0.34 -2.23
N ARG A 34 -10.83 0.57 -2.83
CA ARG A 34 -9.96 -0.53 -3.25
C ARG A 34 -8.83 -0.74 -2.26
N GLN A 35 -7.91 -1.66 -2.58
CA GLN A 35 -6.78 -1.95 -1.71
C GLN A 35 -5.94 -3.10 -2.28
N GLY A 36 -5.01 -3.58 -1.47
CA GLY A 36 -4.15 -4.67 -1.91
C GLY A 36 -2.80 -4.67 -1.22
N PHE A 37 -1.89 -5.50 -1.70
CA PHE A 37 -0.55 -5.59 -1.12
C PHE A 37 0.43 -4.73 -1.91
N VAL A 38 1.11 -3.82 -1.20
CA VAL A 38 2.07 -2.93 -1.84
C VAL A 38 3.43 -3.02 -1.14
N PRO A 39 4.50 -2.65 -1.86
CA PRO A 39 5.85 -2.68 -1.33
C PRO A 39 6.09 -1.61 -0.26
N ALA A 40 6.36 -2.05 0.96
CA ALA A 40 6.60 -1.14 2.07
C ALA A 40 7.67 -0.12 1.71
N ALA A 41 8.45 -0.41 0.68
CA ALA A 41 9.52 0.48 0.23
C ALA A 41 8.94 1.75 -0.38
N TYR A 42 7.74 1.65 -0.93
CA TYR A 42 7.09 2.79 -1.55
C TYR A 42 6.30 3.59 -0.53
N VAL A 43 6.15 3.03 0.67
CA VAL A 43 5.43 3.69 1.74
C VAL A 43 6.24 3.72 3.03
N LYS A 44 5.65 4.25 4.10
CA LYS A 44 6.32 4.34 5.39
C LYS A 44 5.34 4.72 6.48
N LYS A 45 5.65 4.36 7.72
CA LYS A 45 4.81 4.67 8.86
C LYS A 45 4.96 6.13 9.27
N LEU A 46 3.87 6.74 9.70
CA LEU A 46 3.89 8.14 10.12
C LEU A 46 3.58 8.27 11.61
N ASP A 47 3.51 9.50 12.10
CA ASP A 47 3.21 9.76 13.50
C ASP A 47 1.91 10.52 13.65
N SER A 48 0.89 9.85 14.19
CA SER A 48 -0.42 10.46 14.39
C SER A 48 -0.53 11.06 15.79
N GLY A 49 -0.46 10.19 16.81
CA GLY A 49 -0.56 10.64 18.18
C GLY A 49 -1.69 9.97 18.93
N THR A 50 -2.91 10.08 18.40
CA THR A 50 -4.08 9.48 19.03
C THR A 50 -3.93 7.97 19.13
N GLY A 51 -3.62 7.33 18.00
CA GLY A 51 -3.45 5.89 17.98
C GLY A 51 -4.01 5.26 16.72
N LYS A 52 -3.73 5.88 15.58
CA LYS A 52 -4.22 5.38 14.30
C LYS A 52 -3.10 4.66 13.55
N GLU A 53 -3.45 4.02 12.44
CA GLU A 53 -2.48 3.30 11.62
C GLU A 53 -2.47 3.81 10.20
N LEU A 54 -1.58 4.76 9.92
CA LEU A 54 -1.46 5.35 8.59
C LEU A 54 -0.05 5.19 8.04
N VAL A 55 0.07 5.20 6.72
CA VAL A 55 1.37 5.06 6.08
C VAL A 55 1.49 5.98 4.86
N LEU A 56 2.42 6.91 4.91
CA LEU A 56 2.63 7.85 3.81
C LEU A 56 3.19 7.14 2.59
N ALA A 57 2.82 7.63 1.41
CA ALA A 57 3.29 7.04 0.15
C ALA A 57 4.55 7.73 -0.34
N LEU A 58 5.69 7.06 -0.21
CA LEU A 58 6.97 7.61 -0.64
C LEU A 58 7.05 7.65 -2.17
N TYR A 59 6.72 6.53 -2.79
CA TYR A 59 6.76 6.45 -4.25
C TYR A 59 5.39 6.06 -4.81
N ASP A 60 5.21 6.25 -6.11
CA ASP A 60 3.95 5.93 -6.77
C ASP A 60 3.89 4.44 -7.12
N TYR A 61 2.78 3.81 -6.77
CA TYR A 61 2.59 2.39 -7.04
C TYR A 61 1.26 2.14 -7.73
N GLN A 62 1.07 0.91 -8.21
CA GLN A 62 -0.17 0.54 -8.89
C GLN A 62 -0.52 -0.92 -8.60
N GLU A 63 -1.70 -1.14 -8.02
CA GLU A 63 -2.15 -2.49 -7.70
C GLU A 63 -3.48 -2.79 -8.40
N SER A 64 -3.56 -3.96 -9.02
CA SER A 64 -4.77 -4.37 -9.72
C SER A 64 -5.38 -5.61 -9.08
N GLY A 65 -6.21 -5.41 -8.07
CA GLY A 65 -6.84 -6.51 -7.38
C GLY A 65 -5.98 -7.09 -6.27
N ASP A 66 -6.34 -6.81 -5.03
CA ASP A 66 -5.60 -7.29 -3.88
C ASP A 66 -5.06 -8.70 -4.14
N ASN A 67 -3.76 -8.80 -4.41
CA ASN A 67 -3.13 -10.09 -4.68
C ASN A 67 -1.98 -10.33 -3.72
N ALA A 68 -1.92 -11.55 -3.17
CA ALA A 68 -0.86 -11.92 -2.24
C ALA A 68 0.52 -11.69 -2.85
N PRO A 69 1.44 -11.14 -2.06
CA PRO A 69 2.82 -10.87 -2.50
C PRO A 69 3.62 -12.15 -2.72
N SER A 70 3.40 -12.78 -3.86
CA SER A 70 4.11 -14.01 -4.20
C SER A 70 5.49 -13.71 -4.78
N TYR A 71 5.77 -12.43 -5.00
CA TYR A 71 7.04 -12.01 -5.55
C TYR A 71 7.63 -10.85 -4.75
N SER A 72 8.87 -10.49 -5.07
CA SER A 72 9.54 -9.39 -4.38
C SER A 72 9.01 -8.04 -4.83
N PRO A 73 9.20 -7.02 -3.99
CA PRO A 73 8.73 -5.66 -4.27
C PRO A 73 9.51 -5.01 -5.42
N PRO A 74 8.84 -4.14 -6.18
CA PRO A 74 9.45 -3.44 -7.31
C PRO A 74 10.46 -2.40 -6.86
N PRO A 75 11.42 -2.08 -7.74
CA PRO A 75 12.48 -1.10 -7.46
C PRO A 75 11.93 0.33 -7.40
N PRO A 76 12.22 1.03 -6.30
CA PRO A 76 11.76 2.41 -6.09
C PRO A 76 12.48 3.39 -7.01
N PRO A 77 11.98 4.64 -7.04
CA PRO A 77 12.55 5.70 -7.88
C PRO A 77 13.93 6.14 -7.39
N GLY A 1 -12.91 -15.92 -15.53
CA GLY A 1 -13.32 -14.53 -15.61
C GLY A 1 -12.17 -13.57 -15.29
N ALA A 2 -12.51 -12.30 -15.07
CA ALA A 2 -11.50 -11.29 -14.75
C ALA A 2 -11.47 -11.02 -13.25
N MET A 3 -10.26 -10.96 -12.70
CA MET A 3 -10.10 -10.70 -11.27
C MET A 3 -10.93 -9.51 -10.84
N GLY A 4 -10.91 -9.22 -9.54
CA GLY A 4 -11.67 -8.10 -9.01
C GLY A 4 -11.13 -6.75 -9.47
N PRO A 5 -12.03 -5.78 -9.68
CA PRO A 5 -11.64 -4.44 -10.13
C PRO A 5 -10.90 -3.66 -9.05
N ARG A 6 -10.66 -4.31 -7.92
CA ARG A 6 -9.95 -3.68 -6.81
C ARG A 6 -8.50 -3.38 -7.19
N GLU A 7 -8.23 -2.13 -7.54
CA GLU A 7 -6.88 -1.72 -7.92
C GLU A 7 -6.38 -0.59 -7.02
N VAL A 8 -5.49 -0.93 -6.10
CA VAL A 8 -4.93 0.06 -5.18
C VAL A 8 -3.66 0.69 -5.75
N THR A 9 -3.67 2.01 -5.86
CA THR A 9 -2.53 2.73 -6.40
C THR A 9 -2.07 3.83 -5.44
N MET A 10 -0.81 3.77 -5.02
CA MET A 10 -0.26 4.76 -4.11
C MET A 10 0.33 5.93 -4.88
N LYS A 11 0.12 7.14 -4.35
CA LYS A 11 0.64 8.35 -4.98
C LYS A 11 1.56 9.11 -4.03
N LYS A 12 2.72 9.53 -4.55
CA LYS A 12 3.68 10.27 -3.75
C LYS A 12 3.02 11.44 -3.03
N GLY A 13 2.92 11.35 -1.71
CA GLY A 13 2.31 12.41 -0.93
C GLY A 13 0.87 12.12 -0.60
N ASP A 14 0.59 10.90 -0.17
CA ASP A 14 -0.76 10.49 0.19
C ASP A 14 -0.76 9.59 1.41
N ILE A 15 -1.87 9.62 2.17
CA ILE A 15 -1.99 8.81 3.37
C ILE A 15 -2.97 7.66 3.16
N LEU A 16 -2.43 6.45 3.06
CA LEU A 16 -3.26 5.27 2.87
C LEU A 16 -3.34 4.43 4.14
N THR A 17 -4.57 4.12 4.56
CA THR A 17 -4.79 3.33 5.77
C THR A 17 -3.78 2.18 5.87
N LEU A 18 -3.08 2.11 7.00
CA LEU A 18 -2.09 1.06 7.21
C LEU A 18 -2.76 -0.29 7.38
N LEU A 19 -3.33 -0.81 6.29
CA LEU A 19 -4.01 -2.09 6.32
C LEU A 19 -3.08 -3.19 6.82
N ASN A 20 -3.57 -4.43 6.83
CA ASN A 20 -2.78 -5.56 7.29
C ASN A 20 -1.35 -5.49 6.73
N SER A 21 -0.39 -5.25 7.61
CA SER A 21 1.01 -5.16 7.22
C SER A 21 1.73 -6.47 7.45
N THR A 22 0.96 -7.56 7.57
CA THR A 22 1.53 -8.87 7.81
C THR A 22 2.88 -9.02 7.12
N ASN A 23 2.90 -8.89 5.80
CA ASN A 23 4.13 -9.01 5.03
C ASN A 23 5.14 -7.95 5.46
N LYS A 24 6.42 -8.25 5.28
CA LYS A 24 7.48 -7.32 5.64
C LYS A 24 7.83 -6.40 4.47
N ASP A 25 8.01 -7.00 3.29
CA ASP A 25 8.34 -6.23 2.10
C ASP A 25 7.08 -5.69 1.44
N TRP A 26 5.93 -6.22 1.84
CA TRP A 26 4.64 -5.78 1.28
C TRP A 26 3.67 -5.42 2.39
N TRP A 27 3.30 -4.15 2.46
CA TRP A 27 2.37 -3.67 3.47
C TRP A 27 1.01 -3.33 2.85
N LYS A 28 -0.02 -4.07 3.24
CA LYS A 28 -1.37 -3.82 2.72
C LYS A 28 -1.85 -2.43 3.08
N VAL A 29 -2.42 -1.73 2.10
CA VAL A 29 -2.92 -0.38 2.32
C VAL A 29 -4.19 -0.13 1.49
N GLU A 30 -5.14 0.56 2.09
CA GLU A 30 -6.40 0.87 1.41
C GLU A 30 -6.33 2.22 0.72
N VAL A 31 -7.12 2.39 -0.34
CA VAL A 31 -7.15 3.64 -1.09
C VAL A 31 -8.58 4.09 -1.34
N ASN A 32 -9.21 4.65 -0.32
CA ASN A 32 -10.58 5.14 -0.44
C ASN A 32 -11.55 3.97 -0.59
N ASP A 33 -11.51 3.31 -1.75
CA ASP A 33 -12.38 2.18 -2.01
C ASP A 33 -11.58 0.97 -2.50
N ARG A 34 -10.38 1.24 -3.02
CA ARG A 34 -9.52 0.18 -3.52
C ARG A 34 -8.42 -0.15 -2.51
N GLN A 35 -8.39 -1.40 -2.07
CA GLN A 35 -7.39 -1.85 -1.09
C GLN A 35 -6.68 -3.10 -1.59
N GLY A 36 -5.35 -3.13 -1.41
CA GLY A 36 -4.57 -4.27 -1.84
C GLY A 36 -3.19 -4.30 -1.21
N PHE A 37 -2.34 -5.20 -1.69
CA PHE A 37 -0.99 -5.34 -1.17
C PHE A 37 -0.03 -4.43 -1.93
N VAL A 38 0.85 -3.75 -1.20
CA VAL A 38 1.83 -2.86 -1.81
C VAL A 38 3.17 -2.96 -1.10
N PRO A 39 4.24 -2.62 -1.83
CA PRO A 39 5.61 -2.66 -1.30
C PRO A 39 5.86 -1.58 -0.26
N ALA A 40 6.12 -2.01 0.98
CA ALA A 40 6.38 -1.08 2.07
C ALA A 40 7.47 -0.08 1.70
N ALA A 41 8.30 -0.46 0.73
CA ALA A 41 9.38 0.41 0.28
C ALA A 41 8.84 1.71 -0.33
N TYR A 42 7.62 1.63 -0.87
CA TYR A 42 6.99 2.79 -1.49
C TYR A 42 6.21 3.59 -0.45
N VAL A 43 6.09 3.05 0.75
CA VAL A 43 5.37 3.71 1.83
C VAL A 43 6.20 3.74 3.11
N LYS A 44 5.64 4.35 4.15
CA LYS A 44 6.32 4.44 5.44
C LYS A 44 5.36 4.91 6.53
N LYS A 45 5.50 4.34 7.71
CA LYS A 45 4.64 4.70 8.85
C LYS A 45 4.88 6.14 9.26
N LEU A 46 3.80 6.83 9.63
CA LEU A 46 3.89 8.22 10.06
C LEU A 46 3.61 8.35 11.55
N ASP A 47 3.60 9.59 12.04
CA ASP A 47 3.34 9.86 13.44
C ASP A 47 2.01 10.58 13.63
N SER A 48 1.02 9.87 14.17
CA SER A 48 -0.30 10.45 14.39
C SER A 48 -0.43 10.97 15.82
N GLY A 49 -0.28 10.06 16.78
CA GLY A 49 -0.39 10.45 18.19
C GLY A 49 -1.38 9.60 18.94
N THR A 50 -2.66 9.74 18.61
CA THR A 50 -3.71 8.98 19.27
C THR A 50 -3.41 7.49 19.24
N GLY A 51 -2.96 7.01 18.08
CA GLY A 51 -2.63 5.60 17.94
C GLY A 51 -3.21 5.00 16.67
N LYS A 52 -3.40 5.84 15.66
CA LYS A 52 -3.94 5.40 14.38
C LYS A 52 -2.90 4.62 13.59
N GLU A 53 -3.35 3.91 12.56
CA GLU A 53 -2.45 3.12 11.72
C GLU A 53 -2.47 3.63 10.28
N LEU A 54 -1.61 4.61 9.99
CA LEU A 54 -1.54 5.18 8.65
C LEU A 54 -0.12 5.06 8.10
N VAL A 55 0.00 5.17 6.78
CA VAL A 55 1.30 5.07 6.12
C VAL A 55 1.34 5.92 4.85
N LEU A 56 2.22 6.92 4.84
CA LEU A 56 2.35 7.80 3.68
C LEU A 56 2.98 7.07 2.50
N ALA A 57 2.63 7.50 1.29
CA ALA A 57 3.18 6.88 0.09
C ALA A 57 4.42 7.62 -0.39
N LEU A 58 5.59 7.06 -0.11
CA LEU A 58 6.86 7.66 -0.52
C LEU A 58 6.98 7.69 -2.04
N TYR A 59 6.60 6.59 -2.68
CA TYR A 59 6.67 6.47 -4.13
C TYR A 59 5.31 6.08 -4.72
N ASP A 60 5.18 6.24 -6.03
CA ASP A 60 3.94 5.89 -6.71
C ASP A 60 3.89 4.40 -7.01
N TYR A 61 2.70 3.82 -6.90
CA TYR A 61 2.51 2.40 -7.15
C TYR A 61 1.12 2.12 -7.71
N GLN A 62 0.98 1.01 -8.43
CA GLN A 62 -0.31 0.64 -9.01
C GLN A 62 -0.53 -0.86 -8.90
N GLU A 63 -1.60 -1.25 -8.21
CA GLU A 63 -1.92 -2.65 -8.03
C GLU A 63 -3.24 -3.00 -8.71
N SER A 64 -3.26 -4.14 -9.41
CA SER A 64 -4.46 -4.57 -10.12
C SER A 64 -5.07 -5.81 -9.45
N GLY A 65 -6.15 -5.60 -8.71
CA GLY A 65 -6.80 -6.70 -8.02
C GLY A 65 -6.05 -7.14 -6.79
N ASP A 66 -6.54 -6.73 -5.62
CA ASP A 66 -5.91 -7.09 -4.36
C ASP A 66 -5.35 -8.51 -4.41
N ASN A 67 -4.04 -8.62 -4.54
CA ASN A 67 -3.38 -9.93 -4.61
C ASN A 67 -2.34 -10.06 -3.50
N ALA A 68 -2.02 -11.30 -3.15
CA ALA A 68 -1.03 -11.57 -2.11
C ALA A 68 0.39 -11.46 -2.67
N PRO A 69 1.30 -10.90 -1.86
CA PRO A 69 2.70 -10.72 -2.25
C PRO A 69 3.45 -12.04 -2.33
N SER A 70 3.51 -12.60 -3.53
CA SER A 70 4.19 -13.87 -3.75
C SER A 70 5.55 -13.66 -4.40
N TYR A 71 5.86 -12.40 -4.70
CA TYR A 71 7.13 -12.05 -5.33
C TYR A 71 7.78 -10.87 -4.62
N SER A 72 9.03 -10.57 -4.99
CA SER A 72 9.77 -9.47 -4.38
C SER A 72 9.18 -8.12 -4.81
N PRO A 73 9.36 -7.11 -3.95
CA PRO A 73 8.86 -5.75 -4.21
C PRO A 73 9.61 -5.06 -5.34
N PRO A 74 8.90 -4.21 -6.09
CA PRO A 74 9.49 -3.47 -7.22
C PRO A 74 10.47 -2.40 -6.75
N PRO A 75 11.43 -2.07 -7.62
CA PRO A 75 12.45 -1.05 -7.33
C PRO A 75 11.87 0.35 -7.28
N PRO A 76 12.13 1.07 -6.17
CA PRO A 76 11.64 2.43 -5.98
C PRO A 76 12.35 3.43 -6.89
N PRO A 77 11.81 4.67 -6.94
CA PRO A 77 12.38 5.73 -7.77
C PRO A 77 13.73 6.22 -7.26
N GLY A 1 -14.09 -17.35 -6.11
CA GLY A 1 -13.20 -16.22 -6.35
C GLY A 1 -13.93 -14.90 -6.42
N ALA A 2 -13.20 -13.82 -6.64
CA ALA A 2 -13.79 -12.49 -6.74
C ALA A 2 -12.88 -11.54 -7.51
N MET A 3 -13.32 -11.14 -8.70
CA MET A 3 -12.56 -10.23 -9.53
C MET A 3 -13.15 -8.82 -9.51
N GLY A 4 -12.56 -7.95 -8.70
CA GLY A 4 -13.06 -6.59 -8.60
C GLY A 4 -12.07 -5.57 -9.14
N PRO A 5 -12.59 -4.49 -9.74
CA PRO A 5 -11.76 -3.42 -10.31
C PRO A 5 -11.05 -2.61 -9.23
N ARG A 6 -11.23 -3.00 -7.98
CA ARG A 6 -10.59 -2.31 -6.87
C ARG A 6 -9.08 -2.26 -7.04
N GLU A 7 -8.58 -1.12 -7.53
CA GLU A 7 -7.15 -0.94 -7.74
C GLU A 7 -6.58 0.06 -6.76
N VAL A 8 -5.57 -0.36 -6.00
CA VAL A 8 -4.93 0.50 -5.02
C VAL A 8 -3.60 1.04 -5.54
N THR A 9 -3.51 2.37 -5.67
CA THR A 9 -2.30 3.00 -6.15
C THR A 9 -1.82 4.07 -5.18
N MET A 10 -0.64 3.85 -4.59
CA MET A 10 -0.06 4.78 -3.65
C MET A 10 0.61 5.96 -4.38
N LYS A 11 0.00 7.13 -4.28
CA LYS A 11 0.53 8.32 -4.92
C LYS A 11 1.48 9.07 -4.00
N LYS A 12 2.66 9.40 -4.51
CA LYS A 12 3.66 10.11 -3.72
C LYS A 12 3.02 11.26 -2.93
N GLY A 13 3.00 11.11 -1.61
CA GLY A 13 2.40 12.13 -0.76
C GLY A 13 0.97 11.82 -0.40
N ASP A 14 0.53 10.60 -0.70
CA ASP A 14 -0.83 10.20 -0.40
C ASP A 14 -0.87 9.27 0.81
N ILE A 15 -1.95 9.37 1.59
CA ILE A 15 -2.10 8.54 2.78
C ILE A 15 -3.02 7.35 2.51
N LEU A 16 -2.68 6.20 3.08
CA LEU A 16 -3.49 5.00 2.91
C LEU A 16 -3.52 4.17 4.19
N THR A 17 -4.73 3.82 4.63
CA THR A 17 -4.89 3.04 5.84
C THR A 17 -3.85 1.92 5.92
N LEU A 18 -3.10 1.89 7.01
CA LEU A 18 -2.07 0.88 7.21
C LEU A 18 -2.70 -0.50 7.39
N LEU A 19 -3.23 -1.05 6.30
CA LEU A 19 -3.86 -2.36 6.34
C LEU A 19 -2.88 -3.42 6.83
N ASN A 20 -3.33 -4.67 6.85
CA ASN A 20 -2.48 -5.78 7.29
C ASN A 20 -1.08 -5.66 6.73
N SER A 21 -0.14 -5.26 7.59
CA SER A 21 1.25 -5.11 7.18
C SER A 21 2.07 -6.34 7.53
N THR A 22 1.39 -7.46 7.72
CA THR A 22 2.05 -8.71 8.07
C THR A 22 3.21 -9.01 7.12
N ASN A 23 2.97 -8.79 5.82
CA ASN A 23 3.98 -9.03 4.82
C ASN A 23 5.13 -8.04 4.95
N LYS A 24 6.28 -8.53 5.38
CA LYS A 24 7.45 -7.68 5.56
C LYS A 24 7.93 -7.13 4.22
N ASP A 25 7.67 -7.87 3.16
CA ASP A 25 8.06 -7.45 1.81
C ASP A 25 6.92 -6.70 1.12
N TRP A 26 5.77 -6.64 1.79
CA TRP A 26 4.60 -5.96 1.23
C TRP A 26 3.66 -5.54 2.34
N TRP A 27 3.37 -4.24 2.41
CA TRP A 27 2.48 -3.71 3.43
C TRP A 27 1.11 -3.39 2.83
N LYS A 28 0.11 -4.19 3.18
CA LYS A 28 -1.24 -3.99 2.67
C LYS A 28 -1.76 -2.61 3.06
N VAL A 29 -2.38 -1.93 2.09
CA VAL A 29 -2.93 -0.61 2.32
C VAL A 29 -4.21 -0.38 1.52
N GLU A 30 -5.19 0.25 2.15
CA GLU A 30 -6.47 0.52 1.49
C GLU A 30 -6.54 1.97 1.02
N VAL A 31 -7.43 2.22 0.06
CA VAL A 31 -7.59 3.57 -0.49
C VAL A 31 -9.06 3.91 -0.66
N ASN A 32 -9.76 4.07 0.46
CA ASN A 32 -11.18 4.40 0.43
C ASN A 32 -12.02 3.21 -0.01
N ASP A 33 -11.88 2.84 -1.28
CA ASP A 33 -12.63 1.70 -1.82
C ASP A 33 -11.68 0.71 -2.50
N ARG A 34 -10.50 1.19 -2.86
CA ARG A 34 -9.50 0.35 -3.51
C ARG A 34 -8.38 -0.03 -2.54
N GLN A 35 -8.15 -1.33 -2.40
CA GLN A 35 -7.11 -1.82 -1.50
C GLN A 35 -6.21 -2.82 -2.19
N GLY A 36 -5.35 -3.49 -1.43
CA GLY A 36 -4.44 -4.46 -2.00
C GLY A 36 -3.08 -4.44 -1.33
N PHE A 37 -2.19 -5.32 -1.78
CA PHE A 37 -0.84 -5.40 -1.23
C PHE A 37 0.11 -4.48 -1.98
N VAL A 38 0.99 -3.81 -1.23
CA VAL A 38 1.96 -2.89 -1.84
C VAL A 38 3.31 -3.00 -1.15
N PRO A 39 4.37 -2.63 -1.86
CA PRO A 39 5.74 -2.67 -1.33
C PRO A 39 5.98 -1.63 -0.25
N ALA A 40 6.33 -2.09 0.95
CA ALA A 40 6.58 -1.20 2.06
C ALA A 40 7.63 -0.15 1.71
N ALA A 41 8.51 -0.50 0.77
CA ALA A 41 9.56 0.42 0.33
C ALA A 41 8.97 1.66 -0.31
N TYR A 42 7.72 1.57 -0.75
CA TYR A 42 7.04 2.70 -1.38
C TYR A 42 6.22 3.48 -0.37
N VAL A 43 6.08 2.92 0.83
CA VAL A 43 5.31 3.57 1.90
C VAL A 43 6.12 3.62 3.19
N LYS A 44 5.53 4.23 4.22
CA LYS A 44 6.19 4.36 5.51
C LYS A 44 5.21 4.86 6.57
N LYS A 45 5.32 4.31 7.78
CA LYS A 45 4.45 4.71 8.88
C LYS A 45 4.63 6.19 9.20
N LEU A 46 3.55 6.81 9.68
CA LEU A 46 3.59 8.23 10.03
C LEU A 46 3.36 8.42 11.53
N ASP A 47 3.38 9.68 11.97
CA ASP A 47 3.17 10.00 13.38
C ASP A 47 1.85 10.74 13.56
N SER A 48 0.84 10.01 14.04
CA SER A 48 -0.48 10.58 14.26
C SER A 48 -0.61 11.11 15.69
N GLY A 49 -0.26 10.27 16.66
CA GLY A 49 -0.35 10.67 18.05
C GLY A 49 -1.45 9.94 18.80
N THR A 50 -2.69 10.12 18.36
CA THR A 50 -3.83 9.48 18.99
C THR A 50 -3.70 7.96 18.95
N GLY A 51 -2.94 7.46 17.98
CA GLY A 51 -2.75 6.03 17.85
C GLY A 51 -3.43 5.46 16.62
N LYS A 52 -3.25 6.14 15.49
CA LYS A 52 -3.86 5.70 14.23
C LYS A 52 -2.87 4.86 13.42
N GLU A 53 -3.40 4.08 12.49
CA GLU A 53 -2.56 3.24 11.64
C GLU A 53 -2.57 3.74 10.20
N LEU A 54 -1.70 4.69 9.90
CA LEU A 54 -1.60 5.26 8.56
C LEU A 54 -0.19 5.12 8.01
N VAL A 55 -0.07 5.14 6.68
CA VAL A 55 1.23 5.02 6.03
C VAL A 55 1.32 5.93 4.81
N LEU A 56 2.24 6.88 4.85
CA LEU A 56 2.43 7.82 3.74
C LEU A 56 3.10 7.13 2.55
N ALA A 57 2.76 7.57 1.35
CA ALA A 57 3.34 7.00 0.14
C ALA A 57 4.57 7.80 -0.31
N LEU A 58 5.74 7.17 -0.19
CA LEU A 58 6.99 7.81 -0.57
C LEU A 58 7.18 7.76 -2.09
N TYR A 59 6.76 6.65 -2.69
CA TYR A 59 6.89 6.47 -4.13
C TYR A 59 5.52 6.22 -4.77
N ASP A 60 5.50 6.14 -6.09
CA ASP A 60 4.27 5.91 -6.83
C ASP A 60 4.11 4.44 -7.17
N TYR A 61 2.96 3.87 -6.81
CA TYR A 61 2.68 2.47 -7.07
C TYR A 61 1.30 2.29 -7.70
N GLN A 62 1.05 1.09 -8.23
CA GLN A 62 -0.23 0.80 -8.86
C GLN A 62 -0.58 -0.68 -8.71
N GLU A 63 -1.71 -0.96 -8.07
CA GLU A 63 -2.16 -2.33 -7.86
C GLU A 63 -3.48 -2.59 -8.57
N SER A 64 -3.55 -3.69 -9.30
CA SER A 64 -4.76 -4.05 -10.03
C SER A 64 -5.46 -5.24 -9.38
N GLY A 65 -6.44 -4.94 -8.53
CA GLY A 65 -7.17 -5.99 -7.85
C GLY A 65 -6.36 -6.63 -6.73
N ASP A 66 -6.88 -6.56 -5.51
CA ASP A 66 -6.20 -7.14 -4.36
C ASP A 66 -5.50 -8.44 -4.73
N ASN A 67 -4.18 -8.38 -4.86
CA ASN A 67 -3.40 -9.56 -5.22
C ASN A 67 -2.33 -9.84 -4.16
N ALA A 68 -2.11 -11.12 -3.89
CA ALA A 68 -1.11 -11.52 -2.90
C ALA A 68 0.30 -11.24 -3.41
N PRO A 69 1.18 -10.79 -2.48
CA PRO A 69 2.57 -10.48 -2.81
C PRO A 69 3.38 -11.73 -3.13
N SER A 70 4.01 -12.30 -2.10
CA SER A 70 4.83 -13.49 -2.27
C SER A 70 6.17 -13.15 -2.92
N TYR A 71 6.11 -12.53 -4.09
CA TYR A 71 7.32 -12.15 -4.81
C TYR A 71 7.94 -10.90 -4.21
N SER A 72 9.14 -10.55 -4.68
CA SER A 72 9.83 -9.37 -4.18
C SER A 72 9.21 -8.09 -4.72
N PRO A 73 9.28 -7.01 -3.92
CA PRO A 73 8.72 -5.71 -4.30
C PRO A 73 9.51 -5.05 -5.43
N PRO A 74 8.83 -4.18 -6.19
CA PRO A 74 9.44 -3.46 -7.32
C PRO A 74 10.45 -2.42 -6.85
N PRO A 75 11.44 -2.13 -7.71
CA PRO A 75 12.49 -1.15 -7.41
C PRO A 75 11.96 0.27 -7.40
N PRO A 76 12.24 0.99 -6.29
CA PRO A 76 11.80 2.38 -6.13
C PRO A 76 12.53 3.34 -7.06
N PRO A 77 12.05 4.59 -7.12
CA PRO A 77 12.65 5.63 -7.97
C PRO A 77 14.02 6.07 -7.45
N GLY A 1 -6.69 -2.12 -21.71
CA GLY A 1 -5.86 -2.52 -20.59
C GLY A 1 -6.65 -3.19 -19.49
N ALA A 2 -6.28 -4.43 -19.17
CA ALA A 2 -6.96 -5.19 -18.13
C ALA A 2 -6.79 -4.52 -16.76
N MET A 3 -7.89 -3.97 -16.24
CA MET A 3 -7.86 -3.31 -14.95
C MET A 3 -8.98 -3.81 -14.05
N GLY A 4 -8.63 -4.20 -12.83
CA GLY A 4 -9.61 -4.71 -11.90
C GLY A 4 -10.45 -3.60 -11.28
N PRO A 5 -11.56 -3.99 -10.64
CA PRO A 5 -12.48 -3.03 -9.99
C PRO A 5 -11.86 -2.39 -8.75
N ARG A 6 -10.93 -3.11 -8.13
CA ARG A 6 -10.26 -2.61 -6.92
C ARG A 6 -8.75 -2.61 -7.10
N GLU A 7 -8.19 -1.44 -7.39
CA GLU A 7 -6.75 -1.31 -7.58
C GLU A 7 -6.16 -0.29 -6.62
N VAL A 8 -5.33 -0.77 -5.69
CA VAL A 8 -4.70 0.11 -4.71
C VAL A 8 -3.51 0.84 -5.32
N THR A 9 -3.59 2.17 -5.35
CA THR A 9 -2.51 2.99 -5.90
C THR A 9 -2.02 4.00 -4.87
N MET A 10 -0.72 3.97 -4.61
CA MET A 10 -0.12 4.89 -3.64
C MET A 10 0.63 6.00 -4.36
N LYS A 11 0.04 7.19 -4.37
CA LYS A 11 0.66 8.35 -5.01
C LYS A 11 1.53 9.12 -4.03
N LYS A 12 2.71 9.53 -4.50
CA LYS A 12 3.64 10.28 -3.66
C LYS A 12 2.92 11.42 -2.94
N GLY A 13 2.85 11.32 -1.63
CA GLY A 13 2.19 12.35 -0.84
C GLY A 13 0.74 12.02 -0.55
N ASP A 14 0.41 10.74 -0.57
CA ASP A 14 -0.96 10.28 -0.32
C ASP A 14 -1.00 9.34 0.87
N ILE A 15 -2.01 9.50 1.73
CA ILE A 15 -2.16 8.66 2.90
C ILE A 15 -3.09 7.49 2.62
N LEU A 16 -2.75 6.33 3.18
CA LEU A 16 -3.56 5.12 2.99
C LEU A 16 -3.58 4.28 4.25
N THR A 17 -4.78 3.92 4.70
CA THR A 17 -4.94 3.10 5.89
C THR A 17 -3.90 2.00 5.95
N LEU A 18 -3.17 1.93 7.05
CA LEU A 18 -2.14 0.91 7.24
C LEU A 18 -2.76 -0.47 7.39
N LEU A 19 -3.32 -0.99 6.30
CA LEU A 19 -3.95 -2.30 6.31
C LEU A 19 -2.97 -3.36 6.79
N ASN A 20 -3.41 -4.62 6.78
CA ASN A 20 -2.57 -5.73 7.21
C ASN A 20 -1.16 -5.60 6.65
N SER A 21 -0.24 -5.15 7.49
CA SER A 21 1.15 -4.97 7.08
C SER A 21 1.98 -6.19 7.47
N THR A 22 1.33 -7.33 7.62
CA THR A 22 2.02 -8.56 7.99
C THR A 22 3.19 -8.84 7.04
N ASN A 23 2.93 -8.75 5.74
CA ASN A 23 3.96 -9.00 4.75
C ASN A 23 5.11 -8.02 4.90
N LYS A 24 6.26 -8.52 5.34
CA LYS A 24 7.44 -7.69 5.54
C LYS A 24 7.91 -7.09 4.22
N ASP A 25 7.63 -7.79 3.12
CA ASP A 25 8.02 -7.33 1.80
C ASP A 25 6.86 -6.62 1.11
N TRP A 26 5.72 -6.56 1.79
CA TRP A 26 4.54 -5.91 1.24
C TRP A 26 3.59 -5.48 2.35
N TRP A 27 3.27 -4.20 2.39
CA TRP A 27 2.37 -3.66 3.40
C TRP A 27 1.02 -3.31 2.80
N LYS A 28 0.01 -4.11 3.13
CA LYS A 28 -1.35 -3.88 2.62
C LYS A 28 -1.85 -2.51 3.02
N VAL A 29 -2.47 -1.81 2.07
CA VAL A 29 -3.01 -0.48 2.34
C VAL A 29 -4.29 -0.24 1.54
N GLU A 30 -5.27 0.39 2.19
CA GLU A 30 -6.54 0.67 1.55
C GLU A 30 -6.55 2.09 0.96
N VAL A 31 -7.31 2.27 -0.13
CA VAL A 31 -7.40 3.56 -0.77
C VAL A 31 -8.86 3.98 -0.96
N ASN A 32 -9.57 4.13 0.16
CA ASN A 32 -10.98 4.52 0.12
C ASN A 32 -11.85 3.37 -0.34
N ASP A 33 -11.67 2.94 -1.58
CA ASP A 33 -12.44 1.83 -2.14
C ASP A 33 -11.53 0.77 -2.72
N ARG A 34 -10.32 1.18 -3.12
CA ARG A 34 -9.36 0.26 -3.70
C ARG A 34 -8.30 -0.13 -2.68
N GLN A 35 -8.13 -1.44 -2.48
CA GLN A 35 -7.15 -1.95 -1.52
C GLN A 35 -6.29 -3.04 -2.16
N GLY A 36 -5.37 -3.58 -1.38
CA GLY A 36 -4.49 -4.64 -1.88
C GLY A 36 -3.13 -4.62 -1.21
N PHE A 37 -2.21 -5.42 -1.75
CA PHE A 37 -0.86 -5.49 -1.20
C PHE A 37 0.10 -4.60 -1.99
N VAL A 38 0.89 -3.82 -1.27
CA VAL A 38 1.86 -2.93 -1.89
C VAL A 38 3.22 -3.00 -1.20
N PRO A 39 4.28 -2.64 -1.94
CA PRO A 39 5.65 -2.66 -1.42
C PRO A 39 5.89 -1.58 -0.37
N ALA A 40 6.16 -2.00 0.85
CA ALA A 40 6.41 -1.07 1.95
C ALA A 40 7.51 -0.08 1.58
N ALA A 41 8.32 -0.44 0.58
CA ALA A 41 9.41 0.43 0.13
C ALA A 41 8.87 1.72 -0.48
N TYR A 42 7.62 1.67 -0.94
CA TYR A 42 6.99 2.84 -1.56
C TYR A 42 6.19 3.63 -0.53
N VAL A 43 6.03 3.05 0.66
CA VAL A 43 5.28 3.70 1.73
C VAL A 43 6.08 3.73 3.02
N LYS A 44 5.47 4.22 4.09
CA LYS A 44 6.13 4.30 5.39
C LYS A 44 5.16 4.79 6.45
N LYS A 45 5.42 4.41 7.70
CA LYS A 45 4.57 4.82 8.82
C LYS A 45 4.71 6.30 9.11
N LEU A 46 3.62 6.93 9.54
CA LEU A 46 3.64 8.36 9.85
C LEU A 46 3.53 8.58 11.35
N ASP A 47 3.66 9.83 11.77
CA ASP A 47 3.58 10.19 13.19
C ASP A 47 2.14 10.48 13.59
N SER A 48 1.50 9.51 14.23
CA SER A 48 0.12 9.66 14.66
C SER A 48 0.03 9.62 16.19
N GLY A 49 0.14 10.79 16.81
CA GLY A 49 0.07 10.88 18.26
C GLY A 49 -1.35 10.71 18.78
N THR A 50 -2.05 9.70 18.28
CA THR A 50 -3.43 9.45 18.70
C THR A 50 -3.69 7.95 18.83
N GLY A 51 -3.07 7.16 17.95
CA GLY A 51 -3.26 5.72 18.00
C GLY A 51 -3.86 5.18 16.71
N LYS A 52 -3.58 5.85 15.59
CA LYS A 52 -4.11 5.43 14.30
C LYS A 52 -3.03 4.73 13.49
N GLU A 53 -3.46 3.91 12.53
CA GLU A 53 -2.53 3.17 11.68
C GLU A 53 -2.56 3.72 10.25
N LEU A 54 -1.68 4.68 9.98
CA LEU A 54 -1.60 5.28 8.65
C LEU A 54 -0.20 5.14 8.07
N VAL A 55 -0.10 5.17 6.74
CA VAL A 55 1.18 5.05 6.07
C VAL A 55 1.24 5.97 4.85
N LEU A 56 2.18 6.92 4.88
CA LEU A 56 2.35 7.86 3.78
C LEU A 56 3.00 7.18 2.58
N ALA A 57 2.69 7.68 1.38
CA ALA A 57 3.25 7.13 0.15
C ALA A 57 4.51 7.88 -0.27
N LEU A 58 5.65 7.21 -0.17
CA LEU A 58 6.93 7.82 -0.54
C LEU A 58 7.10 7.84 -2.05
N TYR A 59 6.74 6.74 -2.70
CA TYR A 59 6.85 6.63 -4.15
C TYR A 59 5.50 6.30 -4.78
N ASP A 60 5.44 6.40 -6.11
CA ASP A 60 4.21 6.11 -6.83
C ASP A 60 4.10 4.61 -7.14
N TYR A 61 2.91 4.06 -6.92
CA TYR A 61 2.67 2.65 -7.17
C TYR A 61 1.25 2.41 -7.69
N GLN A 62 1.06 1.30 -8.39
CA GLN A 62 -0.24 0.97 -8.95
C GLN A 62 -0.47 -0.55 -8.92
N GLU A 63 -1.55 -0.97 -8.28
CA GLU A 63 -1.89 -2.38 -8.18
C GLU A 63 -3.20 -2.69 -8.90
N SER A 64 -3.41 -3.96 -9.22
CA SER A 64 -4.63 -4.38 -9.91
C SER A 64 -5.31 -5.52 -9.15
N GLY A 65 -6.45 -5.24 -8.55
CA GLY A 65 -7.18 -6.25 -7.82
C GLY A 65 -6.37 -6.83 -6.68
N ASP A 66 -6.83 -6.63 -5.45
CA ASP A 66 -6.15 -7.14 -4.28
C ASP A 66 -5.52 -8.50 -4.56
N ASN A 67 -4.21 -8.52 -4.73
CA ASN A 67 -3.49 -9.76 -5.02
C ASN A 67 -2.40 -10.01 -3.98
N ALA A 68 -2.14 -11.28 -3.68
CA ALA A 68 -1.13 -11.64 -2.71
C ALA A 68 0.27 -11.35 -3.24
N PRO A 69 1.16 -10.88 -2.35
CA PRO A 69 2.54 -10.55 -2.71
C PRO A 69 3.37 -11.80 -3.02
N SER A 70 4.02 -12.35 -2.00
CA SER A 70 4.84 -13.53 -2.18
C SER A 70 6.16 -13.19 -2.86
N TYR A 71 6.07 -12.59 -4.04
CA TYR A 71 7.26 -12.20 -4.80
C TYR A 71 7.90 -10.94 -4.21
N SER A 72 9.07 -10.59 -4.71
CA SER A 72 9.79 -9.41 -4.24
C SER A 72 9.16 -8.13 -4.79
N PRO A 73 9.19 -7.06 -3.98
CA PRO A 73 8.62 -5.77 -4.37
C PRO A 73 9.44 -5.09 -5.46
N PRO A 74 8.79 -4.19 -6.23
CA PRO A 74 9.44 -3.45 -7.31
C PRO A 74 10.44 -2.43 -6.80
N PRO A 75 11.45 -2.12 -7.62
CA PRO A 75 12.50 -1.15 -7.28
C PRO A 75 11.98 0.28 -7.22
N PRO A 76 12.22 0.95 -6.10
CA PRO A 76 11.78 2.34 -5.91
C PRO A 76 12.55 3.33 -6.78
N PRO A 77 12.08 4.58 -6.83
CA PRO A 77 12.70 5.64 -7.62
C PRO A 77 14.05 6.06 -7.05
N GLY A 1 -9.38 -0.20 -21.76
CA GLY A 1 -8.67 -1.08 -20.84
C GLY A 1 -9.59 -1.67 -19.80
N ALA A 2 -9.06 -2.59 -19.00
CA ALA A 2 -9.84 -3.24 -17.96
C ALA A 2 -8.99 -3.51 -16.72
N MET A 3 -9.51 -3.17 -15.56
CA MET A 3 -8.81 -3.37 -14.30
C MET A 3 -9.67 -4.14 -13.30
N GLY A 4 -9.02 -4.93 -12.46
CA GLY A 4 -9.74 -5.71 -11.47
C GLY A 4 -10.69 -4.85 -10.65
N PRO A 5 -11.50 -5.52 -9.81
CA PRO A 5 -12.47 -4.84 -8.94
C PRO A 5 -11.80 -4.04 -7.83
N ARG A 6 -10.61 -4.48 -7.44
CA ARG A 6 -9.87 -3.81 -6.38
C ARG A 6 -8.48 -3.41 -6.86
N GLU A 7 -8.33 -2.13 -7.24
CA GLU A 7 -7.05 -1.63 -7.73
C GLU A 7 -6.61 -0.41 -6.91
N VAL A 8 -5.67 -0.63 -6.01
CA VAL A 8 -5.15 0.45 -5.17
C VAL A 8 -3.87 1.04 -5.75
N THR A 9 -3.82 2.37 -5.82
CA THR A 9 -2.66 3.06 -6.36
C THR A 9 -2.14 4.11 -5.39
N MET A 10 -0.88 3.95 -4.97
CA MET A 10 -0.27 4.89 -4.03
C MET A 10 0.32 6.08 -4.77
N LYS A 11 0.23 7.26 -4.16
CA LYS A 11 0.77 8.47 -4.76
C LYS A 11 1.70 9.19 -3.80
N LYS A 12 2.81 9.71 -4.31
CA LYS A 12 3.78 10.43 -3.49
C LYS A 12 3.10 11.55 -2.70
N GLY A 13 3.05 11.40 -1.39
CA GLY A 13 2.44 12.41 -0.55
C GLY A 13 0.97 12.12 -0.28
N ASP A 14 0.65 10.85 -0.07
CA ASP A 14 -0.73 10.45 0.19
C ASP A 14 -0.81 9.55 1.42
N ILE A 15 -1.88 9.70 2.20
CA ILE A 15 -2.08 8.89 3.39
C ILE A 15 -3.03 7.74 3.13
N LEU A 16 -2.51 6.52 3.18
CA LEU A 16 -3.31 5.33 2.95
C LEU A 16 -3.40 4.47 4.20
N THR A 17 -4.60 4.03 4.54
CA THR A 17 -4.82 3.21 5.72
C THR A 17 -3.80 2.07 5.79
N LEU A 18 -3.18 1.91 6.95
CA LEU A 18 -2.18 0.85 7.15
C LEU A 18 -2.84 -0.52 7.22
N LEU A 19 -3.45 -0.93 6.12
CA LEU A 19 -4.12 -2.23 6.06
C LEU A 19 -3.19 -3.34 6.53
N ASN A 20 -3.67 -4.58 6.45
CA ASN A 20 -2.89 -5.73 6.88
C ASN A 20 -1.44 -5.61 6.40
N SER A 21 -0.56 -5.17 7.29
CA SER A 21 0.84 -5.01 6.96
C SER A 21 1.64 -6.23 7.40
N THR A 22 0.97 -7.36 7.54
CA THR A 22 1.61 -8.60 7.95
C THR A 22 2.86 -8.88 7.13
N ASN A 23 2.70 -8.85 5.80
CA ASN A 23 3.82 -9.09 4.90
C ASN A 23 4.96 -8.11 5.15
N LYS A 24 6.11 -8.63 5.53
CA LYS A 24 7.27 -7.80 5.80
C LYS A 24 7.82 -7.18 4.52
N ASP A 25 7.59 -7.85 3.41
CA ASP A 25 8.05 -7.37 2.11
C ASP A 25 6.93 -6.65 1.36
N TRP A 26 5.76 -6.60 1.99
CA TRP A 26 4.60 -5.94 1.38
C TRP A 26 3.62 -5.50 2.45
N TRP A 27 3.28 -4.21 2.45
CA TRP A 27 2.34 -3.66 3.42
C TRP A 27 1.04 -3.27 2.74
N LYS A 28 -0.03 -3.98 3.07
CA LYS A 28 -1.34 -3.71 2.50
C LYS A 28 -1.85 -2.34 2.93
N VAL A 29 -2.38 -1.58 1.99
CA VAL A 29 -2.91 -0.24 2.27
C VAL A 29 -4.12 0.07 1.40
N GLU A 30 -5.12 0.69 2.01
CA GLU A 30 -6.34 1.05 1.29
C GLU A 30 -6.34 2.53 0.92
N VAL A 31 -7.13 2.88 -0.10
CA VAL A 31 -7.22 4.25 -0.55
C VAL A 31 -8.55 4.89 -0.14
N ASN A 32 -9.55 4.75 -1.00
CA ASN A 32 -10.87 5.31 -0.73
C ASN A 32 -11.96 4.25 -0.94
N ASP A 33 -11.56 3.10 -1.43
CA ASP A 33 -12.50 2.01 -1.68
C ASP A 33 -11.76 0.73 -2.09
N ARG A 34 -10.64 0.90 -2.79
CA ARG A 34 -9.84 -0.23 -3.24
C ARG A 34 -8.63 -0.44 -2.33
N GLN A 35 -8.23 -1.70 -2.18
CA GLN A 35 -7.08 -2.03 -1.34
C GLN A 35 -6.30 -3.20 -1.93
N GLY A 36 -4.99 -3.22 -1.66
CA GLY A 36 -4.15 -4.28 -2.17
C GLY A 36 -2.79 -4.32 -1.51
N PHE A 37 -2.00 -5.35 -1.82
CA PHE A 37 -0.67 -5.49 -1.25
C PHE A 37 0.34 -4.64 -2.01
N VAL A 38 1.03 -3.77 -1.28
CA VAL A 38 2.04 -2.90 -1.88
C VAL A 38 3.38 -3.01 -1.15
N PRO A 39 4.46 -2.66 -1.86
CA PRO A 39 5.81 -2.70 -1.30
C PRO A 39 6.04 -1.64 -0.24
N ALA A 40 6.36 -2.08 0.98
CA ALA A 40 6.61 -1.18 2.09
C ALA A 40 7.65 -0.12 1.72
N ALA A 41 8.41 -0.39 0.66
CA ALA A 41 9.43 0.52 0.21
C ALA A 41 8.82 1.78 -0.39
N TYR A 42 7.60 1.65 -0.92
CA TYR A 42 6.91 2.78 -1.52
C TYR A 42 6.10 3.54 -0.48
N VAL A 43 6.00 2.97 0.72
CA VAL A 43 5.27 3.59 1.81
C VAL A 43 6.08 3.61 3.09
N LYS A 44 5.50 4.17 4.15
CA LYS A 44 6.18 4.25 5.44
C LYS A 44 5.23 4.78 6.52
N LYS A 45 5.31 4.20 7.71
CA LYS A 45 4.46 4.62 8.82
C LYS A 45 4.72 6.08 9.18
N LEU A 46 3.68 6.77 9.63
CA LEU A 46 3.80 8.17 10.01
C LEU A 46 3.61 8.34 11.51
N ASP A 47 3.64 9.59 11.97
CA ASP A 47 3.48 9.89 13.39
C ASP A 47 2.28 10.81 13.62
N SER A 48 1.19 10.23 14.09
CA SER A 48 -0.03 10.99 14.35
C SER A 48 -0.12 11.40 15.82
N GLY A 49 -0.12 10.40 16.70
CA GLY A 49 -0.21 10.67 18.12
C GLY A 49 -1.27 9.82 18.81
N THR A 50 -2.52 10.01 18.41
CA THR A 50 -3.63 9.26 18.99
C THR A 50 -3.33 7.77 19.03
N GLY A 51 -2.96 7.22 17.87
CA GLY A 51 -2.65 5.80 17.79
C GLY A 51 -3.31 5.14 16.59
N LYS A 52 -3.45 5.89 15.50
CA LYS A 52 -4.06 5.37 14.29
C LYS A 52 -3.04 4.63 13.44
N GLU A 53 -3.53 3.82 12.50
CA GLU A 53 -2.65 3.05 11.63
C GLU A 53 -2.66 3.62 10.21
N LEU A 54 -1.78 4.59 9.97
CA LEU A 54 -1.68 5.23 8.66
C LEU A 54 -0.27 5.11 8.10
N VAL A 55 -0.15 5.14 6.78
CA VAL A 55 1.15 5.04 6.12
C VAL A 55 1.18 5.89 4.87
N LEU A 56 2.08 6.88 4.86
CA LEU A 56 2.23 7.77 3.71
C LEU A 56 2.89 7.06 2.55
N ALA A 57 2.62 7.54 1.34
CA ALA A 57 3.19 6.94 0.13
C ALA A 57 4.42 7.71 -0.32
N LEU A 58 5.58 7.07 -0.20
CA LEU A 58 6.84 7.69 -0.59
C LEU A 58 6.98 7.71 -2.11
N TYR A 59 6.49 6.66 -2.76
CA TYR A 59 6.58 6.55 -4.21
C TYR A 59 5.21 6.22 -4.80
N ASP A 60 5.07 6.38 -6.11
CA ASP A 60 3.82 6.10 -6.80
C ASP A 60 3.75 4.63 -7.20
N TYR A 61 2.83 3.89 -6.61
CA TYR A 61 2.66 2.48 -6.90
C TYR A 61 1.30 2.22 -7.53
N GLN A 62 1.13 1.02 -8.08
CA GLN A 62 -0.12 0.64 -8.72
C GLN A 62 -0.40 -0.85 -8.53
N GLU A 63 -1.49 -1.15 -7.84
CA GLU A 63 -1.88 -2.54 -7.57
C GLU A 63 -3.09 -2.93 -8.41
N SER A 64 -3.01 -4.08 -9.07
CA SER A 64 -4.10 -4.56 -9.91
C SER A 64 -4.75 -5.79 -9.28
N GLY A 65 -5.79 -5.57 -8.49
CA GLY A 65 -6.48 -6.67 -7.84
C GLY A 65 -5.74 -7.19 -6.63
N ASP A 66 -6.21 -6.83 -5.44
CA ASP A 66 -5.57 -7.27 -4.21
C ASP A 66 -5.06 -8.70 -4.33
N ASN A 67 -3.75 -8.84 -4.49
CA ASN A 67 -3.13 -10.16 -4.62
C ASN A 67 -2.06 -10.37 -3.56
N ALA A 68 -1.79 -11.62 -3.23
CA ALA A 68 -0.80 -11.96 -2.22
C ALA A 68 0.61 -11.74 -2.76
N PRO A 69 1.48 -11.15 -1.91
CA PRO A 69 2.87 -10.87 -2.28
C PRO A 69 3.70 -12.14 -2.41
N SER A 70 3.57 -12.81 -3.55
CA SER A 70 4.31 -14.05 -3.79
C SER A 70 5.67 -13.75 -4.43
N TYR A 71 5.92 -12.47 -4.69
CA TYR A 71 7.18 -12.05 -5.31
C TYR A 71 7.77 -10.87 -4.57
N SER A 72 9.00 -10.50 -4.94
CA SER A 72 9.69 -9.37 -4.30
C SER A 72 9.09 -8.06 -4.76
N PRO A 73 9.26 -7.01 -3.93
CA PRO A 73 8.75 -5.67 -4.23
C PRO A 73 9.50 -5.00 -5.38
N PRO A 74 8.79 -4.16 -6.14
CA PRO A 74 9.36 -3.45 -7.28
C PRO A 74 10.35 -2.37 -6.86
N PRO A 75 11.29 -2.04 -7.75
CA PRO A 75 12.30 -1.01 -7.49
C PRO A 75 11.72 0.39 -7.45
N PRO A 76 11.99 1.11 -6.34
CA PRO A 76 11.50 2.47 -6.14
C PRO A 76 12.17 3.48 -7.09
N PRO A 77 11.63 4.70 -7.12
CA PRO A 77 12.17 5.77 -7.97
C PRO A 77 13.52 6.27 -7.50
N GLY A 1 -5.56 3.54 -17.63
CA GLY A 1 -4.36 2.81 -17.27
C GLY A 1 -4.65 1.36 -16.91
N ALA A 2 -4.15 0.94 -15.75
CA ALA A 2 -4.36 -0.43 -15.29
C ALA A 2 -5.81 -0.85 -15.44
N MET A 3 -6.09 -2.13 -15.20
CA MET A 3 -7.44 -2.66 -15.33
C MET A 3 -7.83 -3.44 -14.08
N GLY A 4 -9.13 -3.54 -13.82
CA GLY A 4 -9.61 -4.27 -12.67
C GLY A 4 -10.56 -3.43 -11.82
N PRO A 5 -11.55 -4.10 -11.21
CA PRO A 5 -12.54 -3.43 -10.36
C PRO A 5 -11.94 -2.94 -9.05
N ARG A 6 -10.89 -3.60 -8.59
CA ARG A 6 -10.22 -3.23 -7.36
C ARG A 6 -8.74 -2.97 -7.59
N GLU A 7 -8.36 -1.70 -7.73
CA GLU A 7 -6.98 -1.32 -7.95
C GLU A 7 -6.51 -0.30 -6.93
N VAL A 8 -5.46 -0.64 -6.19
CA VAL A 8 -4.92 0.24 -5.17
C VAL A 8 -3.62 0.89 -5.64
N THR A 9 -3.59 2.21 -5.65
CA THR A 9 -2.40 2.95 -6.07
C THR A 9 -1.97 3.95 -5.01
N MET A 10 -0.66 4.12 -4.86
CA MET A 10 -0.11 5.05 -3.88
C MET A 10 0.54 6.24 -4.57
N LYS A 11 -0.09 7.40 -4.44
CA LYS A 11 0.42 8.63 -5.05
C LYS A 11 1.35 9.37 -4.09
N LYS A 12 2.59 9.61 -4.54
CA LYS A 12 3.56 10.31 -3.72
C LYS A 12 2.92 11.49 -2.99
N GLY A 13 2.93 11.43 -1.65
CA GLY A 13 2.35 12.49 -0.86
C GLY A 13 0.90 12.23 -0.52
N ASP A 14 0.63 11.05 0.03
CA ASP A 14 -0.73 10.68 0.40
C ASP A 14 -0.72 9.71 1.58
N ILE A 15 -1.79 9.73 2.37
CA ILE A 15 -1.90 8.85 3.54
C ILE A 15 -2.90 7.73 3.27
N LEU A 16 -2.38 6.50 3.22
CA LEU A 16 -3.23 5.33 2.97
C LEU A 16 -3.33 4.47 4.23
N THR A 17 -4.55 4.10 4.60
CA THR A 17 -4.78 3.28 5.77
C THR A 17 -3.76 2.15 5.86
N LEU A 18 -3.16 2.00 7.03
CA LEU A 18 -2.15 0.97 7.25
C LEU A 18 -2.80 -0.40 7.36
N LEU A 19 -3.46 -0.83 6.29
CA LEU A 19 -4.14 -2.12 6.26
C LEU A 19 -3.19 -3.23 6.72
N ASN A 20 -3.67 -4.47 6.68
CA ASN A 20 -2.87 -5.62 7.08
C ASN A 20 -1.45 -5.51 6.54
N SER A 21 -0.52 -5.08 7.39
CA SER A 21 0.87 -4.93 7.00
C SER A 21 1.69 -6.15 7.42
N THR A 22 1.02 -7.30 7.52
CA THR A 22 1.69 -8.54 7.91
C THR A 22 2.91 -8.80 7.05
N ASN A 23 2.72 -8.80 5.73
CA ASN A 23 3.81 -9.06 4.79
C ASN A 23 4.94 -8.04 4.99
N LYS A 24 6.08 -8.53 5.47
CA LYS A 24 7.23 -7.67 5.70
C LYS A 24 7.73 -7.06 4.40
N ASP A 25 7.52 -7.77 3.30
CA ASP A 25 7.95 -7.30 1.98
C ASP A 25 6.80 -6.60 1.26
N TRP A 26 5.65 -6.55 1.91
CA TRP A 26 4.47 -5.91 1.33
C TRP A 26 3.48 -5.48 2.40
N TRP A 27 3.18 -4.19 2.45
CA TRP A 27 2.25 -3.66 3.43
C TRP A 27 0.93 -3.27 2.79
N LYS A 28 -0.14 -3.96 3.18
CA LYS A 28 -1.47 -3.68 2.63
C LYS A 28 -1.95 -2.30 3.04
N VAL A 29 -2.51 -1.57 2.09
CA VAL A 29 -3.03 -0.22 2.35
C VAL A 29 -4.27 0.06 1.52
N GLU A 30 -5.23 0.75 2.13
CA GLU A 30 -6.47 1.09 1.44
C GLU A 30 -6.46 2.54 0.98
N VAL A 31 -7.44 2.91 0.16
CA VAL A 31 -7.54 4.28 -0.36
C VAL A 31 -8.91 4.87 -0.06
N ASN A 32 -9.96 4.11 -0.35
CA ASN A 32 -11.33 4.57 -0.11
C ASN A 32 -12.33 3.49 -0.49
N ASP A 33 -11.98 2.68 -1.47
CA ASP A 33 -12.86 1.60 -1.93
C ASP A 33 -12.05 0.37 -2.32
N ARG A 34 -10.86 0.60 -2.88
CA ARG A 34 -9.99 -0.50 -3.30
C ARG A 34 -8.89 -0.74 -2.27
N GLN A 35 -7.98 -1.66 -2.58
CA GLN A 35 -6.89 -1.99 -1.68
C GLN A 35 -6.09 -3.18 -2.21
N GLY A 36 -5.07 -3.58 -1.45
CA GLY A 36 -4.25 -4.71 -1.86
C GLY A 36 -2.89 -4.70 -1.18
N PHE A 37 -1.98 -5.52 -1.69
CA PHE A 37 -0.63 -5.62 -1.13
C PHE A 37 0.34 -4.75 -1.91
N VAL A 38 1.01 -3.84 -1.20
CA VAL A 38 1.99 -2.95 -1.83
C VAL A 38 3.34 -3.03 -1.14
N PRO A 39 4.39 -2.64 -1.87
CA PRO A 39 5.77 -2.65 -1.33
C PRO A 39 5.98 -1.59 -0.26
N ALA A 40 6.26 -2.04 0.95
CA ALA A 40 6.49 -1.12 2.07
C ALA A 40 7.55 -0.09 1.72
N ALA A 41 8.34 -0.38 0.68
CA ALA A 41 9.39 0.52 0.24
C ALA A 41 8.81 1.80 -0.34
N TYR A 42 7.61 1.70 -0.90
CA TYR A 42 6.94 2.84 -1.49
C TYR A 42 6.10 3.59 -0.47
N VAL A 43 5.95 2.99 0.71
CA VAL A 43 5.18 3.60 1.78
C VAL A 43 5.98 3.64 3.09
N LYS A 44 5.38 4.23 4.12
CA LYS A 44 6.04 4.35 5.42
C LYS A 44 5.08 4.91 6.46
N LYS A 45 5.10 4.32 7.65
CA LYS A 45 4.23 4.76 8.74
C LYS A 45 4.44 6.24 9.02
N LEU A 46 3.39 6.89 9.52
CA LEU A 46 3.44 8.31 9.84
C LEU A 46 3.33 8.55 11.34
N ASP A 47 3.70 9.74 11.78
CA ASP A 47 3.64 10.08 13.20
C ASP A 47 2.50 11.06 13.46
N SER A 48 1.41 10.56 14.04
CA SER A 48 0.25 11.39 14.33
C SER A 48 0.10 11.59 15.85
N GLY A 49 0.26 10.50 16.59
CA GLY A 49 0.14 10.57 18.04
C GLY A 49 -1.29 10.41 18.51
N THR A 50 -2.05 9.56 17.81
CA THR A 50 -3.45 9.33 18.16
C THR A 50 -3.72 7.84 18.39
N GLY A 51 -2.82 7.00 17.87
CA GLY A 51 -2.98 5.57 18.04
C GLY A 51 -3.61 4.92 16.81
N LYS A 52 -3.47 5.57 15.67
CA LYS A 52 -4.03 5.05 14.42
C LYS A 52 -2.94 4.39 13.57
N GLU A 53 -3.36 3.55 12.63
CA GLU A 53 -2.42 2.86 11.76
C GLU A 53 -2.48 3.43 10.34
N LEU A 54 -1.61 4.38 10.05
CA LEU A 54 -1.57 5.02 8.74
C LEU A 54 -0.18 4.88 8.13
N VAL A 55 -0.09 5.10 6.81
CA VAL A 55 1.18 5.00 6.10
C VAL A 55 1.20 5.93 4.89
N LEU A 56 2.15 6.87 4.89
CA LEU A 56 2.27 7.82 3.79
C LEU A 56 2.93 7.17 2.58
N ALA A 57 2.65 7.71 1.40
CA ALA A 57 3.22 7.18 0.16
C ALA A 57 4.49 7.94 -0.22
N LEU A 58 5.62 7.24 -0.18
CA LEU A 58 6.90 7.84 -0.53
C LEU A 58 7.12 7.85 -2.03
N TYR A 59 6.75 6.74 -2.68
CA TYR A 59 6.90 6.61 -4.13
C TYR A 59 5.56 6.30 -4.79
N ASP A 60 5.56 6.30 -6.12
CA ASP A 60 4.34 6.00 -6.87
C ASP A 60 4.22 4.51 -7.17
N TYR A 61 3.04 3.96 -6.92
CA TYR A 61 2.80 2.54 -7.16
C TYR A 61 1.42 2.32 -7.76
N GLN A 62 1.20 1.13 -8.31
CA GLN A 62 -0.08 0.78 -8.91
C GLN A 62 -0.33 -0.72 -8.83
N GLU A 63 -1.42 -1.08 -8.16
CA GLU A 63 -1.79 -2.50 -8.01
C GLU A 63 -3.08 -2.80 -8.75
N SER A 64 -3.27 -4.08 -9.09
CA SER A 64 -4.46 -4.51 -9.80
C SER A 64 -5.11 -5.71 -9.11
N GLY A 65 -6.05 -5.42 -8.21
CA GLY A 65 -6.73 -6.47 -7.48
C GLY A 65 -5.88 -7.07 -6.37
N ASP A 66 -6.27 -6.82 -5.13
CA ASP A 66 -5.54 -7.33 -3.97
C ASP A 66 -5.00 -8.72 -4.26
N ASN A 67 -3.70 -8.82 -4.51
CA ASN A 67 -3.06 -10.09 -4.79
C ASN A 67 -1.92 -10.36 -3.81
N ALA A 68 -1.89 -11.56 -3.24
CA ALA A 68 -0.85 -11.94 -2.31
C ALA A 68 0.54 -11.72 -2.90
N PRO A 69 1.45 -11.18 -2.09
CA PRO A 69 2.84 -10.91 -2.51
C PRO A 69 3.64 -12.19 -2.70
N SER A 70 3.44 -12.84 -3.86
CA SER A 70 4.15 -14.08 -4.16
C SER A 70 5.51 -13.79 -4.76
N TYR A 71 5.80 -12.51 -4.99
CA TYR A 71 7.07 -12.10 -5.57
C TYR A 71 7.68 -10.94 -4.79
N SER A 72 8.91 -10.59 -5.12
CA SER A 72 9.61 -9.49 -4.45
C SER A 72 9.05 -8.14 -4.88
N PRO A 73 9.20 -7.13 -4.01
CA PRO A 73 8.72 -5.78 -4.28
C PRO A 73 9.53 -5.08 -5.36
N PRO A 74 8.87 -4.19 -6.12
CA PRO A 74 9.52 -3.44 -7.21
C PRO A 74 10.51 -2.41 -6.69
N PRO A 75 11.52 -2.09 -7.50
CA PRO A 75 12.54 -1.11 -7.15
C PRO A 75 12.01 0.31 -7.10
N PRO A 76 12.22 0.99 -5.97
CA PRO A 76 11.77 2.38 -5.79
C PRO A 76 12.54 3.37 -6.66
N PRO A 77 12.05 4.62 -6.70
CA PRO A 77 12.68 5.69 -7.48
C PRO A 77 14.01 6.13 -6.90
N GLY A 1 -11.10 -3.41 -16.68
CA GLY A 1 -9.89 -2.96 -17.34
C GLY A 1 -8.66 -3.70 -16.87
N ALA A 2 -7.85 -3.04 -16.05
CA ALA A 2 -6.63 -3.65 -15.52
C ALA A 2 -6.92 -4.98 -14.85
N MET A 3 -5.93 -5.52 -14.16
CA MET A 3 -6.09 -6.80 -13.46
C MET A 3 -6.89 -6.62 -12.18
N GLY A 4 -7.86 -7.51 -11.97
CA GLY A 4 -8.69 -7.44 -10.78
C GLY A 4 -9.66 -6.27 -10.82
N PRO A 5 -10.85 -6.46 -10.24
CA PRO A 5 -11.88 -5.42 -10.20
C PRO A 5 -11.52 -4.27 -9.27
N ARG A 6 -10.69 -4.57 -8.28
CA ARG A 6 -10.26 -3.55 -7.32
C ARG A 6 -8.75 -3.35 -7.39
N GLU A 7 -8.34 -2.21 -7.96
CA GLU A 7 -6.93 -1.90 -8.10
C GLU A 7 -6.56 -0.70 -7.21
N VAL A 8 -5.66 -0.94 -6.26
CA VAL A 8 -5.22 0.11 -5.35
C VAL A 8 -3.94 0.75 -5.84
N THR A 9 -3.88 2.09 -5.77
CA THR A 9 -2.72 2.83 -6.22
C THR A 9 -2.22 3.77 -5.12
N MET A 10 -0.90 3.99 -5.09
CA MET A 10 -0.30 4.86 -4.10
C MET A 10 0.36 6.06 -4.76
N LYS A 11 -0.04 7.27 -4.34
CA LYS A 11 0.50 8.49 -4.89
C LYS A 11 1.50 9.12 -3.93
N LYS A 12 2.62 9.61 -4.47
CA LYS A 12 3.66 10.23 -3.67
C LYS A 12 3.08 11.35 -2.82
N GLY A 13 3.07 11.14 -1.51
CA GLY A 13 2.54 12.14 -0.59
C GLY A 13 1.07 11.92 -0.27
N ASP A 14 0.67 10.66 -0.15
CA ASP A 14 -0.72 10.33 0.15
C ASP A 14 -0.80 9.44 1.39
N ILE A 15 -1.78 9.72 2.24
CA ILE A 15 -1.98 8.95 3.46
C ILE A 15 -2.95 7.80 3.24
N LEU A 16 -2.40 6.60 3.10
CA LEU A 16 -3.22 5.41 2.88
C LEU A 16 -3.32 4.57 4.15
N THR A 17 -4.54 4.27 4.57
CA THR A 17 -4.76 3.48 5.77
C THR A 17 -3.78 2.32 5.86
N LEU A 18 -3.07 2.24 6.97
CA LEU A 18 -2.09 1.18 7.18
C LEU A 18 -2.78 -0.17 7.34
N LEU A 19 -3.35 -0.68 6.25
CA LEU A 19 -4.04 -1.96 6.27
C LEU A 19 -3.13 -3.07 6.79
N ASN A 20 -3.63 -4.29 6.79
CA ASN A 20 -2.87 -5.44 7.26
C ASN A 20 -1.43 -5.38 6.74
N SER A 21 -0.49 -5.13 7.64
CA SER A 21 0.92 -5.05 7.26
C SER A 21 1.63 -6.38 7.54
N THR A 22 0.85 -7.44 7.66
CA THR A 22 1.41 -8.76 7.94
C THR A 22 2.78 -8.93 7.30
N ASN A 23 2.82 -8.81 5.97
CA ASN A 23 4.08 -8.95 5.23
C ASN A 23 5.06 -7.85 5.63
N LYS A 24 6.35 -8.14 5.46
CA LYS A 24 7.39 -7.18 5.81
C LYS A 24 7.77 -6.33 4.59
N ASP A 25 7.98 -6.99 3.47
CA ASP A 25 8.34 -6.29 2.23
C ASP A 25 7.10 -5.73 1.53
N TRP A 26 5.94 -6.25 1.92
CA TRP A 26 4.68 -5.80 1.34
C TRP A 26 3.68 -5.42 2.42
N TRP A 27 3.33 -4.14 2.45
CA TRP A 27 2.38 -3.63 3.45
C TRP A 27 1.04 -3.29 2.80
N LYS A 28 -0.02 -3.95 3.25
CA LYS A 28 -1.35 -3.71 2.71
C LYS A 28 -1.85 -2.31 3.07
N VAL A 29 -2.41 -1.62 2.07
CA VAL A 29 -2.92 -0.26 2.28
C VAL A 29 -4.16 -0.02 1.44
N GLU A 30 -5.14 0.67 2.02
CA GLU A 30 -6.38 0.99 1.32
C GLU A 30 -6.29 2.35 0.64
N VAL A 31 -7.18 2.57 -0.32
CA VAL A 31 -7.21 3.83 -1.06
C VAL A 31 -8.64 4.27 -1.34
N ASN A 32 -9.23 5.01 -0.41
CA ASN A 32 -10.60 5.50 -0.57
C ASN A 32 -11.58 4.33 -0.58
N ASP A 33 -11.60 3.59 -1.68
CA ASP A 33 -12.49 2.44 -1.81
C ASP A 33 -11.76 1.25 -2.44
N ARG A 34 -10.48 1.43 -2.71
CA ARG A 34 -9.67 0.38 -3.31
C ARG A 34 -8.46 0.05 -2.44
N GLN A 35 -8.31 -1.23 -2.10
CA GLN A 35 -7.20 -1.67 -1.27
C GLN A 35 -6.43 -2.80 -1.94
N GLY A 36 -5.25 -3.10 -1.41
CA GLY A 36 -4.43 -4.15 -1.97
C GLY A 36 -3.04 -4.21 -1.36
N PHE A 37 -2.28 -5.24 -1.72
CA PHE A 37 -0.92 -5.40 -1.20
C PHE A 37 0.06 -4.53 -1.97
N VAL A 38 0.92 -3.82 -1.24
CA VAL A 38 1.91 -2.95 -1.86
C VAL A 38 3.25 -3.02 -1.12
N PRO A 39 4.34 -2.72 -1.83
CA PRO A 39 5.69 -2.74 -1.26
C PRO A 39 5.91 -1.62 -0.25
N ALA A 40 6.19 -2.01 0.99
CA ALA A 40 6.44 -1.04 2.04
C ALA A 40 7.50 -0.02 1.64
N ALA A 41 8.30 -0.38 0.63
CA ALA A 41 9.35 0.49 0.14
C ALA A 41 8.77 1.76 -0.48
N TYR A 42 7.56 1.66 -1.00
CA TYR A 42 6.89 2.79 -1.61
C TYR A 42 6.07 3.58 -0.59
N VAL A 43 5.99 3.04 0.63
CA VAL A 43 5.25 3.69 1.70
C VAL A 43 6.07 3.76 2.98
N LYS A 44 5.51 4.37 4.01
CA LYS A 44 6.19 4.50 5.29
C LYS A 44 5.21 4.92 6.39
N LYS A 45 5.49 4.50 7.62
CA LYS A 45 4.64 4.82 8.76
C LYS A 45 4.78 6.30 9.13
N LEU A 46 3.70 6.87 9.65
CA LEU A 46 3.70 8.27 10.06
C LEU A 46 3.40 8.41 11.55
N ASP A 47 3.31 9.65 12.01
CA ASP A 47 3.02 9.92 13.42
C ASP A 47 1.58 10.38 13.60
N SER A 48 0.81 9.62 14.37
CA SER A 48 -0.59 9.95 14.62
C SER A 48 -0.80 10.36 16.07
N GLY A 49 -0.15 9.65 16.98
CA GLY A 49 -0.27 9.96 18.40
C GLY A 49 -1.33 9.13 19.08
N THR A 50 -2.60 9.39 18.74
CA THR A 50 -3.71 8.65 19.32
C THR A 50 -3.46 7.14 19.30
N GLY A 51 -2.91 6.67 18.18
CA GLY A 51 -2.61 5.25 18.05
C GLY A 51 -3.16 4.67 16.75
N LYS A 52 -3.48 5.54 15.81
CA LYS A 52 -4.02 5.11 14.52
C LYS A 52 -2.96 4.35 13.72
N GLU A 53 -3.33 3.94 12.51
CA GLU A 53 -2.41 3.20 11.64
C GLU A 53 -2.44 3.75 10.23
N LEU A 54 -1.53 4.67 9.93
CA LEU A 54 -1.45 5.28 8.61
C LEU A 54 -0.07 5.07 7.99
N VAL A 55 0.03 5.29 6.68
CA VAL A 55 1.29 5.13 5.97
C VAL A 55 1.34 6.02 4.73
N LEU A 56 2.28 6.96 4.72
CA LEU A 56 2.44 7.87 3.59
C LEU A 56 3.05 7.15 2.39
N ALA A 57 2.74 7.64 1.19
CA ALA A 57 3.26 7.05 -0.03
C ALA A 57 4.55 7.74 -0.47
N LEU A 58 5.67 7.06 -0.31
CA LEU A 58 6.96 7.62 -0.70
C LEU A 58 7.12 7.63 -2.21
N TYR A 59 6.68 6.56 -2.86
CA TYR A 59 6.76 6.45 -4.31
C TYR A 59 5.40 6.13 -4.92
N ASP A 60 5.35 6.06 -6.24
CA ASP A 60 4.11 5.76 -6.95
C ASP A 60 4.01 4.27 -7.24
N TYR A 61 2.84 3.69 -6.94
CA TYR A 61 2.61 2.28 -7.16
C TYR A 61 1.26 2.05 -7.84
N GLN A 62 1.05 0.83 -8.33
CA GLN A 62 -0.19 0.48 -9.01
C GLN A 62 -0.50 -1.01 -8.86
N GLU A 63 -1.52 -1.31 -8.07
CA GLU A 63 -1.92 -2.70 -7.84
C GLU A 63 -3.17 -3.05 -8.64
N SER A 64 -3.12 -4.17 -9.36
CA SER A 64 -4.25 -4.61 -10.16
C SER A 64 -4.94 -5.81 -9.52
N GLY A 65 -5.78 -5.54 -8.52
CA GLY A 65 -6.49 -6.60 -7.84
C GLY A 65 -5.77 -7.09 -6.61
N ASP A 66 -6.23 -6.67 -5.44
CA ASP A 66 -5.62 -7.07 -4.18
C ASP A 66 -5.12 -8.51 -4.25
N ASN A 67 -3.81 -8.68 -4.39
CA ASN A 67 -3.20 -10.00 -4.46
C ASN A 67 -2.15 -10.19 -3.38
N ALA A 68 -1.88 -11.44 -3.03
CA ALA A 68 -0.90 -11.76 -2.01
C ALA A 68 0.52 -11.61 -2.55
N PRO A 69 1.41 -11.02 -1.74
CA PRO A 69 2.81 -10.80 -2.12
C PRO A 69 3.60 -12.10 -2.19
N SER A 70 3.61 -12.73 -3.36
CA SER A 70 4.32 -13.98 -3.56
C SER A 70 5.69 -13.74 -4.21
N TYR A 71 5.96 -12.48 -4.52
CA TYR A 71 7.23 -12.11 -5.14
C TYR A 71 7.85 -10.90 -4.46
N SER A 72 9.08 -10.58 -4.83
CA SER A 72 9.79 -9.45 -4.25
C SER A 72 9.17 -8.13 -4.70
N PRO A 73 9.36 -7.08 -3.89
CA PRO A 73 8.83 -5.74 -4.18
C PRO A 73 9.53 -5.09 -5.36
N PRO A 74 8.79 -4.26 -6.10
CA PRO A 74 9.33 -3.55 -7.28
C PRO A 74 10.32 -2.46 -6.88
N PRO A 75 11.26 -2.17 -7.80
CA PRO A 75 12.29 -1.15 -7.57
C PRO A 75 11.71 0.27 -7.57
N PRO A 76 11.98 1.01 -6.48
CA PRO A 76 11.50 2.39 -6.33
C PRO A 76 12.19 3.35 -7.29
N PRO A 77 11.66 4.59 -7.37
CA PRO A 77 12.21 5.63 -8.24
C PRO A 77 13.57 6.13 -7.76
N GLY A 1 -7.63 -9.84 -21.41
CA GLY A 1 -7.46 -10.10 -19.99
C GLY A 1 -8.02 -8.98 -19.14
N ALA A 2 -8.16 -9.24 -17.84
CA ALA A 2 -8.69 -8.25 -16.91
C ALA A 2 -8.40 -8.64 -15.46
N MET A 3 -7.48 -7.92 -14.83
CA MET A 3 -7.12 -8.20 -13.45
C MET A 3 -8.28 -7.89 -12.51
N GLY A 4 -8.06 -8.10 -11.21
CA GLY A 4 -9.10 -7.84 -10.23
C GLY A 4 -9.71 -6.46 -10.40
N PRO A 5 -11.01 -6.35 -10.09
CA PRO A 5 -11.75 -5.08 -10.20
C PRO A 5 -11.31 -4.07 -9.14
N ARG A 6 -10.50 -4.53 -8.19
CA ARG A 6 -10.02 -3.66 -7.11
C ARG A 6 -8.53 -3.36 -7.30
N GLU A 7 -8.23 -2.20 -7.86
CA GLU A 7 -6.85 -1.79 -8.09
C GLU A 7 -6.47 -0.62 -7.18
N VAL A 8 -5.61 -0.91 -6.20
CA VAL A 8 -5.16 0.12 -5.26
C VAL A 8 -3.86 0.77 -5.74
N THR A 9 -3.81 2.09 -5.63
CA THR A 9 -2.62 2.83 -6.05
C THR A 9 -2.12 3.75 -4.94
N MET A 10 -0.83 4.07 -4.97
CA MET A 10 -0.23 4.94 -3.97
C MET A 10 0.34 6.19 -4.60
N LYS A 11 -0.15 7.35 -4.17
CA LYS A 11 0.32 8.63 -4.71
C LYS A 11 1.38 9.23 -3.80
N LYS A 12 2.48 9.71 -4.40
CA LYS A 12 3.57 10.31 -3.64
C LYS A 12 3.05 11.47 -2.79
N GLY A 13 3.08 11.29 -1.48
CA GLY A 13 2.61 12.33 -0.58
C GLY A 13 1.15 12.17 -0.21
N ASP A 14 0.69 10.92 -0.15
CA ASP A 14 -0.69 10.64 0.19
C ASP A 14 -0.78 9.66 1.36
N ILE A 15 -1.74 9.89 2.24
CA ILE A 15 -1.93 9.03 3.41
C ILE A 15 -2.89 7.89 3.10
N LEU A 16 -2.40 6.67 3.20
CA LEU A 16 -3.22 5.48 2.94
C LEU A 16 -3.34 4.61 4.18
N THR A 17 -4.57 4.29 4.55
CA THR A 17 -4.82 3.46 5.72
C THR A 17 -3.82 2.31 5.80
N LEU A 18 -3.14 2.21 6.94
CA LEU A 18 -2.15 1.15 7.15
C LEU A 18 -2.82 -0.21 7.26
N LEU A 19 -3.36 -0.69 6.14
CA LEU A 19 -4.03 -1.99 6.12
C LEU A 19 -3.10 -3.10 6.59
N ASN A 20 -3.58 -4.34 6.54
CA ASN A 20 -2.80 -5.48 6.97
C ASN A 20 -1.36 -5.36 6.47
N SER A 21 -0.46 -4.96 7.35
CA SER A 21 0.95 -4.80 7.00
C SER A 21 1.74 -6.03 7.40
N THR A 22 1.04 -7.14 7.64
CA THR A 22 1.69 -8.39 8.04
C THR A 22 2.89 -8.69 7.15
N ASN A 23 2.68 -8.66 5.84
CA ASN A 23 3.75 -8.93 4.89
C ASN A 23 4.92 -7.98 5.10
N LYS A 24 6.03 -8.52 5.60
CA LYS A 24 7.23 -7.71 5.84
C LYS A 24 7.76 -7.13 4.54
N ASP A 25 7.51 -7.82 3.44
CA ASP A 25 7.96 -7.36 2.13
C ASP A 25 6.84 -6.64 1.38
N TRP A 26 5.67 -6.56 2.02
CA TRP A 26 4.52 -5.90 1.41
C TRP A 26 3.55 -5.43 2.48
N TRP A 27 3.25 -4.13 2.47
CA TRP A 27 2.33 -3.55 3.45
C TRP A 27 1.02 -3.15 2.78
N LYS A 28 -0.05 -3.88 3.09
CA LYS A 28 -1.36 -3.61 2.52
C LYS A 28 -1.84 -2.21 2.93
N VAL A 29 -2.39 -1.49 1.96
CA VAL A 29 -2.89 -0.13 2.21
C VAL A 29 -4.11 0.16 1.35
N GLU A 30 -5.10 0.84 1.94
CA GLU A 30 -6.32 1.19 1.22
C GLU A 30 -6.30 2.65 0.80
N VAL A 31 -7.18 3.00 -0.13
CA VAL A 31 -7.27 4.37 -0.62
C VAL A 31 -8.63 4.98 -0.33
N ASN A 32 -9.68 4.27 -0.72
CA ASN A 32 -11.05 4.74 -0.50
C ASN A 32 -12.05 3.61 -0.70
N ASP A 33 -11.76 2.73 -1.64
CA ASP A 33 -12.63 1.59 -1.93
C ASP A 33 -11.82 0.36 -2.28
N ARG A 34 -10.70 0.56 -2.96
CA ARG A 34 -9.83 -0.54 -3.36
C ARG A 34 -8.62 -0.65 -2.44
N GLN A 35 -8.25 -1.88 -2.10
CA GLN A 35 -7.12 -2.12 -1.22
C GLN A 35 -6.36 -3.38 -1.63
N GLY A 36 -5.03 -3.29 -1.65
CA GLY A 36 -4.21 -4.43 -2.04
C GLY A 36 -2.85 -4.41 -1.39
N PHE A 37 -2.05 -5.43 -1.66
CA PHE A 37 -0.71 -5.53 -1.09
C PHE A 37 0.28 -4.68 -1.89
N VAL A 38 0.96 -3.77 -1.19
CA VAL A 38 1.94 -2.90 -1.83
C VAL A 38 3.29 -2.98 -1.13
N PRO A 39 4.36 -2.63 -1.87
CA PRO A 39 5.72 -2.66 -1.33
C PRO A 39 5.96 -1.56 -0.29
N ALA A 40 6.21 -1.98 0.94
CA ALA A 40 6.46 -1.03 2.02
C ALA A 40 7.56 -0.04 1.65
N ALA A 41 8.34 -0.39 0.63
CA ALA A 41 9.42 0.47 0.18
C ALA A 41 8.88 1.77 -0.43
N TYR A 42 7.67 1.70 -0.96
CA TYR A 42 7.04 2.87 -1.57
C TYR A 42 6.26 3.67 -0.53
N VAL A 43 6.10 3.09 0.66
CA VAL A 43 5.37 3.75 1.73
C VAL A 43 6.19 3.76 3.02
N LYS A 44 5.62 4.33 4.07
CA LYS A 44 6.29 4.41 5.36
C LYS A 44 5.33 4.88 6.45
N LYS A 45 5.53 4.38 7.66
CA LYS A 45 4.68 4.76 8.80
C LYS A 45 4.88 6.22 9.17
N LEU A 46 3.83 6.86 9.68
CA LEU A 46 3.89 8.26 10.07
C LEU A 46 3.65 8.41 11.56
N ASP A 47 3.69 9.65 12.04
CA ASP A 47 3.47 9.94 13.45
C ASP A 47 2.06 10.47 13.69
N SER A 48 1.17 9.61 14.18
CA SER A 48 -0.21 10.00 14.44
C SER A 48 -0.35 10.57 15.84
N GLY A 49 -0.13 9.73 16.85
CA GLY A 49 -0.24 10.16 18.23
C GLY A 49 -1.41 9.52 18.95
N THR A 50 -2.62 9.76 18.44
CA THR A 50 -3.82 9.20 19.04
C THR A 50 -3.77 7.68 19.06
N GLY A 51 -3.16 7.10 18.03
CA GLY A 51 -3.05 5.65 17.96
C GLY A 51 -3.64 5.10 16.68
N LYS A 52 -3.50 5.85 15.59
CA LYS A 52 -4.03 5.42 14.30
C LYS A 52 -2.96 4.71 13.48
N GLU A 53 -3.39 3.92 12.49
CA GLU A 53 -2.47 3.19 11.65
C GLU A 53 -2.48 3.74 10.22
N LEU A 54 -1.58 4.67 9.94
CA LEU A 54 -1.48 5.28 8.61
C LEU A 54 -0.09 5.11 8.03
N VAL A 55 0.03 5.28 6.73
CA VAL A 55 1.31 5.15 6.04
C VAL A 55 1.38 6.06 4.82
N LEU A 56 2.32 7.00 4.84
CA LEU A 56 2.49 7.94 3.74
C LEU A 56 3.11 7.24 2.53
N ALA A 57 2.77 7.73 1.34
CA ALA A 57 3.30 7.16 0.10
C ALA A 57 4.55 7.89 -0.35
N LEU A 58 5.69 7.23 -0.24
CA LEU A 58 6.97 7.82 -0.64
C LEU A 58 7.11 7.81 -2.15
N TYR A 59 6.73 6.72 -2.78
CA TYR A 59 6.81 6.59 -4.23
C TYR A 59 5.45 6.23 -4.83
N ASP A 60 5.35 6.32 -6.15
CA ASP A 60 4.11 6.00 -6.85
C ASP A 60 4.02 4.50 -7.14
N TYR A 61 2.85 3.93 -6.89
CA TYR A 61 2.63 2.50 -7.11
C TYR A 61 1.27 2.26 -7.74
N GLN A 62 1.05 1.02 -8.20
CA GLN A 62 -0.21 0.65 -8.82
C GLN A 62 -0.47 -0.84 -8.68
N GLU A 63 -1.61 -1.19 -8.09
CA GLU A 63 -1.97 -2.59 -7.89
C GLU A 63 -3.26 -2.92 -8.62
N SER A 64 -3.37 -4.16 -9.10
CA SER A 64 -4.54 -4.61 -9.82
C SER A 64 -5.17 -5.84 -9.15
N GLY A 65 -6.13 -5.61 -8.28
CA GLY A 65 -6.79 -6.70 -7.58
C GLY A 65 -5.96 -7.23 -6.43
N ASP A 66 -6.37 -6.91 -5.21
CA ASP A 66 -5.66 -7.37 -4.02
C ASP A 66 -5.11 -8.78 -4.22
N ASN A 67 -3.81 -8.87 -4.45
CA ASN A 67 -3.16 -10.16 -4.65
C ASN A 67 -2.04 -10.38 -3.65
N ALA A 68 -1.90 -11.61 -3.17
CA ALA A 68 -0.85 -11.95 -2.22
C ALA A 68 0.53 -11.73 -2.81
N PRO A 69 1.44 -11.14 -2.01
CA PRO A 69 2.81 -10.87 -2.43
C PRO A 69 3.64 -12.14 -2.59
N SER A 70 3.46 -12.82 -3.72
CA SER A 70 4.18 -14.06 -3.98
C SER A 70 5.56 -13.75 -4.59
N TYR A 71 5.81 -12.48 -4.85
CA TYR A 71 7.08 -12.07 -5.42
C TYR A 71 7.67 -10.88 -4.66
N SER A 72 8.91 -10.52 -5.00
CA SER A 72 9.58 -9.41 -4.34
C SER A 72 9.01 -8.07 -4.81
N PRO A 73 9.16 -7.03 -3.98
CA PRO A 73 8.67 -5.69 -4.28
C PRO A 73 9.46 -5.02 -5.41
N PRO A 74 8.78 -4.15 -6.16
CA PRO A 74 9.40 -3.42 -7.28
C PRO A 74 10.42 -2.39 -6.81
N PRO A 75 11.40 -2.08 -7.66
CA PRO A 75 12.45 -1.10 -7.36
C PRO A 75 11.92 0.32 -7.31
N PRO A 76 12.18 1.01 -6.20
CA PRO A 76 11.74 2.40 -6.00
C PRO A 76 12.47 3.38 -6.91
N PRO A 77 11.99 4.63 -6.95
CA PRO A 77 12.60 5.68 -7.77
C PRO A 77 13.96 6.12 -7.24
N GLY A 1 -0.59 -3.93 -18.47
CA GLY A 1 -1.86 -3.44 -17.97
C GLY A 1 -2.56 -4.47 -17.09
N ALA A 2 -2.04 -4.64 -15.87
CA ALA A 2 -2.62 -5.59 -14.93
C ALA A 2 -4.14 -5.47 -14.89
N MET A 3 -4.79 -6.41 -14.22
CA MET A 3 -6.24 -6.41 -14.11
C MET A 3 -6.67 -6.57 -12.65
N GLY A 4 -7.98 -6.50 -12.41
CA GLY A 4 -8.50 -6.64 -11.07
C GLY A 4 -9.65 -5.69 -10.79
N PRO A 5 -10.62 -6.15 -9.97
CA PRO A 5 -11.79 -5.36 -9.62
C PRO A 5 -11.45 -4.19 -8.72
N ARG A 6 -10.41 -4.35 -7.90
CA ARG A 6 -9.98 -3.30 -6.99
C ARG A 6 -8.51 -2.96 -7.20
N GLU A 7 -8.26 -1.89 -7.96
CA GLU A 7 -6.89 -1.46 -8.24
C GLU A 7 -6.48 -0.31 -7.33
N VAL A 8 -5.60 -0.60 -6.38
CA VAL A 8 -5.12 0.41 -5.44
C VAL A 8 -3.82 1.03 -5.91
N THR A 9 -3.78 2.36 -5.94
CA THR A 9 -2.59 3.08 -6.37
C THR A 9 -2.14 4.09 -5.33
N MET A 10 -0.89 3.97 -4.89
CA MET A 10 -0.34 4.88 -3.89
C MET A 10 0.34 6.07 -4.55
N LYS A 11 -0.28 7.25 -4.42
CA LYS A 11 0.27 8.47 -5.01
C LYS A 11 1.20 9.17 -4.02
N LYS A 12 2.41 9.48 -4.48
CA LYS A 12 3.39 10.17 -3.63
C LYS A 12 2.74 11.31 -2.87
N GLY A 13 2.86 11.27 -1.54
CA GLY A 13 2.28 12.31 -0.71
C GLY A 13 0.82 12.06 -0.40
N ASP A 14 0.48 10.80 -0.11
CA ASP A 14 -0.90 10.44 0.21
C ASP A 14 -0.94 9.45 1.37
N ILE A 15 -1.91 9.65 2.27
CA ILE A 15 -2.06 8.79 3.43
C ILE A 15 -3.03 7.64 3.14
N LEU A 16 -2.60 6.42 3.44
CA LEU A 16 -3.44 5.24 3.21
C LEU A 16 -3.51 4.38 4.46
N THR A 17 -4.72 3.93 4.80
CA THR A 17 -4.92 3.08 5.97
C THR A 17 -3.92 1.94 6.01
N LEU A 18 -3.20 1.83 7.12
CA LEU A 18 -2.20 0.77 7.28
C LEU A 18 -2.87 -0.60 7.39
N LEU A 19 -3.42 -1.07 6.26
CA LEU A 19 -4.08 -2.35 6.22
C LEU A 19 -3.14 -3.48 6.67
N ASN A 20 -3.63 -4.71 6.61
CA ASN A 20 -2.83 -5.86 7.00
C ASN A 20 -1.40 -5.75 6.46
N SER A 21 -0.46 -5.48 7.36
CA SER A 21 0.94 -5.34 6.98
C SER A 21 1.70 -6.63 7.24
N THR A 22 0.98 -7.69 7.59
CA THR A 22 1.58 -8.98 7.87
C THR A 22 2.79 -9.22 6.98
N ASN A 23 2.65 -8.90 5.70
CA ASN A 23 3.74 -9.07 4.74
C ASN A 23 4.88 -8.11 5.02
N LYS A 24 6.06 -8.65 5.32
CA LYS A 24 7.23 -7.84 5.61
C LYS A 24 7.72 -7.13 4.35
N ASP A 25 7.61 -7.81 3.22
CA ASP A 25 8.04 -7.24 1.94
C ASP A 25 6.89 -6.52 1.25
N TRP A 26 5.72 -6.54 1.88
CA TRP A 26 4.54 -5.89 1.33
C TRP A 26 3.58 -5.45 2.44
N TRP A 27 3.25 -4.18 2.46
CA TRP A 27 2.34 -3.64 3.47
C TRP A 27 1.00 -3.26 2.84
N LYS A 28 -0.04 -4.06 3.14
CA LYS A 28 -1.37 -3.81 2.61
C LYS A 28 -1.89 -2.45 3.07
N VAL A 29 -2.43 -1.68 2.13
CA VAL A 29 -2.97 -0.36 2.44
C VAL A 29 -4.18 -0.05 1.57
N GLU A 30 -5.20 0.57 2.17
CA GLU A 30 -6.41 0.92 1.46
C GLU A 30 -6.40 2.40 1.06
N VAL A 31 -7.07 2.71 -0.04
CA VAL A 31 -7.14 4.09 -0.52
C VAL A 31 -8.53 4.69 -0.27
N ASN A 32 -9.41 4.53 -1.26
CA ASN A 32 -10.77 5.06 -1.15
C ASN A 32 -11.79 3.93 -1.19
N ASP A 33 -11.36 2.76 -1.66
CA ASP A 33 -12.23 1.60 -1.74
C ASP A 33 -11.46 0.36 -2.16
N ARG A 34 -10.43 0.56 -2.97
CA ARG A 34 -9.60 -0.54 -3.45
C ARG A 34 -8.38 -0.74 -2.56
N GLN A 35 -8.26 -1.93 -1.99
CA GLN A 35 -7.15 -2.26 -1.10
C GLN A 35 -6.38 -3.46 -1.62
N GLY A 36 -5.05 -3.41 -1.49
CA GLY A 36 -4.22 -4.51 -1.95
C GLY A 36 -2.85 -4.52 -1.30
N PHE A 37 -2.00 -5.45 -1.72
CA PHE A 37 -0.65 -5.55 -1.17
C PHE A 37 0.32 -4.68 -1.94
N VAL A 38 1.01 -3.80 -1.23
CA VAL A 38 1.98 -2.90 -1.85
C VAL A 38 3.33 -2.99 -1.16
N PRO A 39 4.40 -2.60 -1.87
CA PRO A 39 5.76 -2.63 -1.35
C PRO A 39 5.99 -1.58 -0.26
N ALA A 40 6.32 -2.05 0.94
CA ALA A 40 6.56 -1.15 2.06
C ALA A 40 7.60 -0.09 1.70
N ALA A 41 8.36 -0.36 0.64
CA ALA A 41 9.40 0.57 0.19
C ALA A 41 8.77 1.84 -0.39
N TYR A 42 7.57 1.71 -0.92
CA TYR A 42 6.87 2.85 -1.51
C TYR A 42 6.02 3.57 -0.47
N VAL A 43 5.89 2.95 0.70
CA VAL A 43 5.10 3.52 1.78
C VAL A 43 5.89 3.57 3.09
N LYS A 44 5.28 4.11 4.13
CA LYS A 44 5.93 4.21 5.43
C LYS A 44 4.97 4.78 6.48
N LYS A 45 4.93 4.13 7.65
CA LYS A 45 4.06 4.57 8.73
C LYS A 45 4.30 6.03 9.07
N LEU A 46 3.28 6.68 9.63
CA LEU A 46 3.39 8.09 10.00
C LEU A 46 3.18 8.27 11.50
N ASP A 47 3.43 9.48 11.99
CA ASP A 47 3.26 9.79 13.40
C ASP A 47 2.21 10.87 13.60
N SER A 48 1.00 10.46 13.98
CA SER A 48 -0.09 11.40 14.20
C SER A 48 -0.36 11.57 15.70
N GLY A 49 0.60 11.17 16.53
CA GLY A 49 0.45 11.29 17.96
C GLY A 49 -0.97 11.02 18.41
N THR A 50 -1.54 9.91 17.98
CA THR A 50 -2.90 9.54 18.33
C THR A 50 -3.02 8.05 18.62
N GLY A 51 -2.27 7.24 17.87
CA GLY A 51 -2.30 5.80 18.07
C GLY A 51 -3.06 5.09 16.97
N LYS A 52 -3.09 5.69 15.78
CA LYS A 52 -3.78 5.10 14.64
C LYS A 52 -2.82 4.29 13.78
N GLU A 53 -3.34 3.75 12.68
CA GLU A 53 -2.52 2.95 11.78
C GLU A 53 -2.58 3.49 10.35
N LEU A 54 -1.69 4.45 10.06
CA LEU A 54 -1.65 5.06 8.74
C LEU A 54 -0.26 4.91 8.12
N VAL A 55 -0.18 5.05 6.80
CA VAL A 55 1.08 4.94 6.09
C VAL A 55 1.11 5.85 4.87
N LEU A 56 2.09 6.76 4.85
CA LEU A 56 2.23 7.70 3.74
C LEU A 56 2.91 7.03 2.54
N ALA A 57 2.61 7.54 1.35
CA ALA A 57 3.21 6.99 0.13
C ALA A 57 4.46 7.76 -0.26
N LEU A 58 5.61 7.10 -0.11
CA LEU A 58 6.89 7.72 -0.44
C LEU A 58 7.09 7.78 -1.95
N TYR A 59 6.60 6.75 -2.64
CA TYR A 59 6.73 6.68 -4.09
C TYR A 59 5.37 6.44 -4.74
N ASP A 60 5.37 6.28 -6.06
CA ASP A 60 4.15 6.05 -6.81
C ASP A 60 4.02 4.58 -7.20
N TYR A 61 2.96 3.93 -6.71
CA TYR A 61 2.72 2.52 -7.00
C TYR A 61 1.38 2.33 -7.69
N GLN A 62 1.16 1.13 -8.22
CA GLN A 62 -0.08 0.81 -8.91
C GLN A 62 -0.44 -0.66 -8.73
N GLU A 63 -1.61 -0.91 -8.14
CA GLU A 63 -2.06 -2.28 -7.91
C GLU A 63 -3.39 -2.52 -8.61
N SER A 64 -3.56 -3.75 -9.12
CA SER A 64 -4.79 -4.11 -9.82
C SER A 64 -5.45 -5.32 -9.17
N GLY A 65 -6.46 -5.06 -8.34
CA GLY A 65 -7.16 -6.14 -7.66
C GLY A 65 -6.32 -6.78 -6.57
N ASP A 66 -6.82 -6.73 -5.34
CA ASP A 66 -6.11 -7.31 -4.21
C ASP A 66 -5.39 -8.59 -4.62
N ASN A 67 -4.07 -8.51 -4.78
CA ASN A 67 -3.27 -9.66 -5.16
C ASN A 67 -2.18 -9.94 -4.14
N ALA A 68 -2.00 -11.21 -3.79
CA ALA A 68 -0.98 -11.61 -2.83
C ALA A 68 0.42 -11.34 -3.36
N PRO A 69 1.32 -10.90 -2.47
CA PRO A 69 2.71 -10.60 -2.83
C PRO A 69 3.51 -11.85 -3.16
N SER A 70 4.15 -12.43 -2.15
CA SER A 70 4.95 -13.63 -2.35
C SER A 70 6.29 -13.30 -3.01
N TYR A 71 6.22 -12.54 -4.10
CA TYR A 71 7.41 -12.15 -4.83
C TYR A 71 8.03 -10.88 -4.25
N SER A 72 9.21 -10.53 -4.72
CA SER A 72 9.91 -9.34 -4.25
C SER A 72 9.26 -8.07 -4.79
N PRO A 73 9.27 -7.00 -3.99
CA PRO A 73 8.69 -5.71 -4.37
C PRO A 73 9.50 -5.02 -5.45
N PRO A 74 8.84 -4.11 -6.19
CA PRO A 74 9.48 -3.36 -7.27
C PRO A 74 10.49 -2.34 -6.75
N PRO A 75 11.53 -2.07 -7.56
CA PRO A 75 12.59 -1.12 -7.20
C PRO A 75 12.08 0.32 -7.20
N PRO A 76 12.29 1.03 -6.08
CA PRO A 76 11.86 2.42 -5.93
C PRO A 76 12.70 3.37 -6.79
N PRO A 77 12.25 4.63 -6.87
CA PRO A 77 12.94 5.67 -7.66
C PRO A 77 14.27 6.07 -7.04
N GLY A 1 -14.37 -13.43 -16.90
CA GLY A 1 -14.23 -12.69 -15.66
C GLY A 1 -12.79 -12.33 -15.36
N ALA A 2 -12.58 -11.56 -14.29
CA ALA A 2 -11.24 -11.14 -13.91
C ALA A 2 -11.17 -10.87 -12.40
N MET A 3 -9.99 -10.48 -11.94
CA MET A 3 -9.79 -10.18 -10.52
C MET A 3 -10.68 -9.04 -10.07
N GLY A 4 -10.51 -8.60 -8.83
CA GLY A 4 -11.30 -7.52 -8.31
C GLY A 4 -10.89 -6.17 -8.85
N PRO A 5 -11.87 -5.26 -9.03
CA PRO A 5 -11.62 -3.92 -9.56
C PRO A 5 -10.87 -3.04 -8.57
N ARG A 6 -10.84 -3.46 -7.31
CA ARG A 6 -10.15 -2.72 -6.26
C ARG A 6 -8.68 -2.52 -6.62
N GLU A 7 -8.35 -1.35 -7.13
CA GLU A 7 -6.96 -1.03 -7.51
C GLU A 7 -6.38 0.04 -6.59
N VAL A 8 -5.50 -0.39 -5.68
CA VAL A 8 -4.86 0.54 -4.75
C VAL A 8 -3.66 1.21 -5.39
N THR A 9 -3.62 2.53 -5.32
CA THR A 9 -2.52 3.30 -5.89
C THR A 9 -1.92 4.25 -4.86
N MET A 10 -0.62 4.12 -4.63
CA MET A 10 0.08 4.97 -3.67
C MET A 10 1.03 5.95 -4.39
N LYS A 11 0.54 7.16 -4.61
CA LYS A 11 1.34 8.19 -5.28
C LYS A 11 2.06 9.06 -4.26
N LYS A 12 3.30 9.43 -4.58
CA LYS A 12 4.10 10.28 -3.70
C LYS A 12 3.23 11.37 -3.05
N GLY A 13 3.11 11.30 -1.73
CA GLY A 13 2.31 12.28 -1.02
C GLY A 13 0.86 11.86 -0.88
N ASP A 14 0.64 10.66 -0.38
CA ASP A 14 -0.72 10.14 -0.21
C ASP A 14 -0.81 9.28 1.05
N ILE A 15 -2.00 9.23 1.65
CA ILE A 15 -2.21 8.44 2.86
C ILE A 15 -3.14 7.27 2.59
N LEU A 16 -2.81 6.12 3.16
CA LEU A 16 -3.62 4.92 2.98
C LEU A 16 -3.63 4.08 4.25
N THR A 17 -4.83 3.71 4.70
CA THR A 17 -4.98 2.90 5.90
C THR A 17 -3.93 1.79 5.95
N LEU A 18 -3.16 1.77 7.03
CA LEU A 18 -2.12 0.76 7.20
C LEU A 18 -2.73 -0.62 7.38
N LEU A 19 -3.27 -1.17 6.30
CA LEU A 19 -3.88 -2.50 6.33
C LEU A 19 -2.89 -3.54 6.80
N ASN A 20 -3.32 -4.80 6.81
CA ASN A 20 -2.47 -5.90 7.23
C ASN A 20 -1.06 -5.76 6.66
N SER A 21 -0.14 -5.26 7.48
CA SER A 21 1.24 -5.06 7.05
C SER A 21 2.12 -6.23 7.50
N THR A 22 1.48 -7.35 7.81
CA THR A 22 2.21 -8.54 8.26
C THR A 22 3.47 -8.75 7.45
N ASN A 23 3.31 -8.94 6.15
CA ASN A 23 4.45 -9.16 5.26
C ASN A 23 5.26 -7.88 5.09
N LYS A 24 6.44 -7.84 5.70
CA LYS A 24 7.31 -6.68 5.62
C LYS A 24 7.61 -6.32 4.17
N ASP A 25 7.78 -7.33 3.34
CA ASP A 25 8.06 -7.12 1.92
C ASP A 25 6.90 -6.41 1.23
N TRP A 26 5.68 -6.66 1.72
CA TRP A 26 4.50 -6.04 1.15
C TRP A 26 3.52 -5.62 2.25
N TRP A 27 3.31 -4.31 2.37
CA TRP A 27 2.40 -3.78 3.38
C TRP A 27 1.04 -3.46 2.78
N LYS A 28 0.03 -4.25 3.15
CA LYS A 28 -1.32 -4.04 2.64
C LYS A 28 -1.85 -2.67 3.03
N VAL A 29 -2.49 -2.00 2.09
CA VAL A 29 -3.06 -0.68 2.34
C VAL A 29 -4.36 -0.47 1.57
N GLU A 30 -5.33 0.16 2.22
CA GLU A 30 -6.62 0.42 1.59
C GLU A 30 -6.71 1.86 1.09
N VAL A 31 -7.65 2.11 0.19
CA VAL A 31 -7.84 3.45 -0.36
C VAL A 31 -9.32 3.75 -0.57
N ASN A 32 -10.06 3.75 0.53
CA ASN A 32 -11.49 4.02 0.47
C ASN A 32 -12.27 2.84 -0.09
N ASP A 33 -12.01 2.52 -1.37
CA ASP A 33 -12.67 1.41 -2.02
C ASP A 33 -11.65 0.47 -2.66
N ARG A 34 -10.48 1.01 -2.98
CA ARG A 34 -9.41 0.22 -3.59
C ARG A 34 -8.37 -0.18 -2.57
N GLN A 35 -7.91 -1.42 -2.65
CA GLN A 35 -6.90 -1.93 -1.72
C GLN A 35 -6.02 -2.98 -2.40
N GLY A 36 -5.14 -3.59 -1.61
CA GLY A 36 -4.25 -4.60 -2.15
C GLY A 36 -2.89 -4.58 -1.49
N PHE A 37 -2.05 -5.56 -1.82
CA PHE A 37 -0.71 -5.66 -1.26
C PHE A 37 0.25 -4.73 -1.98
N VAL A 38 0.91 -3.85 -1.23
CA VAL A 38 1.86 -2.91 -1.79
C VAL A 38 3.21 -3.00 -1.10
N PRO A 39 4.27 -2.59 -1.81
CA PRO A 39 5.64 -2.62 -1.28
C PRO A 39 5.86 -1.61 -0.17
N ALA A 40 6.13 -2.10 1.03
CA ALA A 40 6.36 -1.23 2.18
C ALA A 40 7.45 -0.20 1.88
N ALA A 41 8.26 -0.49 0.87
CA ALA A 41 9.33 0.42 0.47
C ALA A 41 8.77 1.70 -0.15
N TYR A 42 7.59 1.59 -0.75
CA TYR A 42 6.96 2.73 -1.40
C TYR A 42 6.14 3.54 -0.39
N VAL A 43 5.97 2.97 0.80
CA VAL A 43 5.21 3.64 1.86
C VAL A 43 5.99 3.67 3.16
N LYS A 44 5.39 4.26 4.20
CA LYS A 44 6.02 4.36 5.50
C LYS A 44 5.04 4.84 6.56
N LYS A 45 5.20 4.36 7.78
CA LYS A 45 4.32 4.75 8.88
C LYS A 45 4.53 6.21 9.25
N LEU A 46 3.44 6.93 9.50
CA LEU A 46 3.51 8.33 9.87
C LEU A 46 3.27 8.51 11.36
N ASP A 47 3.74 9.62 11.91
CA ASP A 47 3.56 9.92 13.32
C ASP A 47 2.13 10.33 13.62
N SER A 48 1.35 9.41 14.16
CA SER A 48 -0.05 9.68 14.48
C SER A 48 -0.24 9.85 15.99
N GLY A 49 -0.01 11.06 16.48
CA GLY A 49 -0.15 11.32 17.90
C GLY A 49 -1.40 10.68 18.48
N THR A 50 -2.49 10.70 17.72
CA THR A 50 -3.75 10.12 18.18
C THR A 50 -3.60 8.62 18.42
N GLY A 51 -2.78 7.97 17.59
CA GLY A 51 -2.57 6.54 17.74
C GLY A 51 -3.34 5.74 16.70
N LYS A 52 -3.16 6.08 15.43
CA LYS A 52 -3.84 5.39 14.35
C LYS A 52 -2.84 4.62 13.49
N GLU A 53 -3.36 3.86 12.52
CA GLU A 53 -2.52 3.07 11.64
C GLU A 53 -2.56 3.62 10.21
N LEU A 54 -1.72 4.61 9.95
CA LEU A 54 -1.65 5.23 8.63
C LEU A 54 -0.25 5.15 8.06
N VAL A 55 -0.15 5.11 6.73
CA VAL A 55 1.14 5.04 6.05
C VAL A 55 1.15 5.90 4.80
N LEU A 56 2.09 6.84 4.75
CA LEU A 56 2.21 7.74 3.60
C LEU A 56 2.92 7.05 2.44
N ALA A 57 2.68 7.53 1.23
CA ALA A 57 3.30 6.96 0.04
C ALA A 57 4.53 7.76 -0.37
N LEU A 58 5.70 7.15 -0.23
CA LEU A 58 6.96 7.80 -0.58
C LEU A 58 7.18 7.76 -2.09
N TYR A 59 6.74 6.68 -2.72
CA TYR A 59 6.89 6.52 -4.16
C TYR A 59 5.54 6.23 -4.82
N ASP A 60 5.54 6.24 -6.15
CA ASP A 60 4.31 5.98 -6.91
C ASP A 60 4.15 4.49 -7.17
N TYR A 61 2.95 3.98 -6.91
CA TYR A 61 2.66 2.56 -7.11
C TYR A 61 1.20 2.35 -7.53
N GLN A 62 0.97 1.32 -8.33
CA GLN A 62 -0.37 1.01 -8.80
C GLN A 62 -0.68 -0.48 -8.65
N GLU A 63 -1.87 -0.79 -8.17
CA GLU A 63 -2.28 -2.17 -7.98
C GLU A 63 -3.67 -2.41 -8.57
N SER A 64 -3.91 -3.65 -9.00
CA SER A 64 -5.20 -4.01 -9.61
C SER A 64 -5.83 -5.18 -8.86
N GLY A 65 -6.90 -4.90 -8.12
CA GLY A 65 -7.57 -5.94 -7.38
C GLY A 65 -6.67 -6.63 -6.37
N ASP A 66 -7.03 -6.57 -5.10
CA ASP A 66 -6.25 -7.19 -4.04
C ASP A 66 -5.62 -8.49 -4.53
N ASN A 67 -4.33 -8.44 -4.83
CA ASN A 67 -3.61 -9.61 -5.29
C ASN A 67 -2.39 -9.90 -4.41
N ALA A 68 -2.07 -11.18 -4.24
CA ALA A 68 -0.93 -11.58 -3.44
C ALA A 68 0.39 -11.18 -4.09
N PRO A 69 1.35 -10.74 -3.26
CA PRO A 69 2.67 -10.32 -3.75
C PRO A 69 3.50 -11.50 -4.25
N SER A 70 3.65 -12.51 -3.42
CA SER A 70 4.43 -13.70 -3.79
C SER A 70 5.91 -13.36 -3.89
N TYR A 71 6.26 -12.57 -4.89
CA TYR A 71 7.65 -12.17 -5.11
C TYR A 71 7.98 -10.89 -4.34
N SER A 72 9.25 -10.53 -4.33
CA SER A 72 9.70 -9.32 -3.63
C SER A 72 9.13 -8.07 -4.28
N PRO A 73 9.14 -6.96 -3.53
CA PRO A 73 8.63 -5.67 -4.01
C PRO A 73 9.52 -5.06 -5.09
N PRO A 74 8.92 -4.21 -5.94
CA PRO A 74 9.64 -3.54 -7.03
C PRO A 74 10.63 -2.51 -6.52
N PRO A 75 11.65 -2.21 -7.34
CA PRO A 75 12.69 -1.24 -6.99
C PRO A 75 12.16 0.19 -7.00
N PRO A 76 12.36 0.90 -5.87
CA PRO A 76 11.91 2.29 -5.72
C PRO A 76 12.70 3.25 -6.60
N PRO A 77 12.22 4.51 -6.68
CA PRO A 77 12.88 5.54 -7.48
C PRO A 77 14.20 5.99 -6.88
#